data_8EPO
#
_entry.id   8EPO
#
_cell.length_a   136.936
_cell.length_b   178.611
_cell.length_c   180.083
_cell.angle_alpha   90.000
_cell.angle_beta   90.000
_cell.angle_gamma   90.000
#
_symmetry.space_group_name_H-M   'I 2 2 2'
#
loop_
_entity.id
_entity.type
_entity.pdbx_description
1 polymer 'Chaetomium alpha glucosidase'
2 non-polymer GLYCEROL
3 non-polymer (3P)-3-(5,6-dihydro-1,4-dioxin-2-yl)-5-{[(3-{[(2R,3R,4R,5S)-3,4,5-trihydroxy-2-(hydroxymethyl)piperidin-1-yl]methyl}phenyl)methyl]amino}benzonitrile
4 non-polymer 'SULFATE ION'
5 non-polymer 2-acetamido-2-deoxy-beta-D-glucopyranose
6 non-polymer 2-[BIS-(2-HYDROXY-ETHYL)-AMINO]-2-HYDROXYMETHYL-PROPANE-1,3-DIOL
7 water water
#
_entity_poly.entity_id   1
_entity_poly.type   'polypeptide(L)'
_entity_poly.pdbx_seq_one_letter_code
;MGILPSPGMPALLSLVSLLSVLLMGCVAETGVEGESILHSEIGRLNNQSLLWGPYRPNIYFGTRPRIGKSLMTGLMWGKI
ESYTDFQHTVRYTCEQNEGMKGYGWDEYDPRRGGIQSIHDIQNGLDITTSFVKIPGGAHGGSWAARIKGTLNDDAPKDQK
TIVVFYVSQEGENSELEAVPSENEFGYEGDVILKGRSEALGNYKLVVTKGKGVIPQSDHDLSRLRGPGQTVVQSLTYPDE
VLWQAKPILFQQLKAGIDWLVENKYDVADPPPPWQVYLLANKPGSGNVHIVQKVFEGDFEFDILFSSESAGKEVTSKDLE
REVKQATEVFGERFARVFDLKAPFQGDNYKKFGKSMFSNLIGGIGYFYGHSLVDRSYAPEYDEENEGFWEDAAEARARHQ
EALEGPYELFTSIPSRPFFPRGFLWDEGFHLLPIADWDIDLALEIIKSWYNLMDEDGWIAREQILGAEARSKVPKEFQTQ
YPHYANPPTLFLVLDNFVERLRKNNASQPVVKDNLSLDETLSTASVDNPEVGLEYLRRLYPLLRRQFDWFRKTQAGDIKS
YDREAYSTKEAYRWRGRTVSHCLTSGLDDYPRPQPPHPGELHVDLMSWVGVMVKSLISIGSLLGATEDVEFYTKVLDAIE
HNLDDLHWSEKEGCYCDATIDEFEEHKLVCHKGYISLFPFLTGLLKPDSPKLGKLLALIGDESELWSPYGLRSLSKKDEF
YGTAENYWRSPVWININYLAIVQLYNIATQDGPYKETARDLYTRLRKNIVETVYRNWEETGFAWEQYNPETGKGQRTQHF
TGWTSLVVKIMSGHHHHHH
;
_entity_poly.pdbx_strand_id   A,B
#
loop_
_chem_comp.id
_chem_comp.type
_chem_comp.name
_chem_comp.formula
BTB non-polymer 2-[BIS-(2-HYDROXY-ETHYL)-AMINO]-2-HYDROXYMETHYL-PROPANE-1,3-DIOL 'C8 H19 N O5'
GOL non-polymer GLYCEROL 'C3 H8 O3'
NAG D-saccharide, beta linking 2-acetamido-2-deoxy-beta-D-glucopyranose 'C8 H15 N O6'
SO4 non-polymer 'SULFATE ION' 'O4 S -2'
WQZ non-polymer (3P)-3-(5,6-dihydro-1,4-dioxin-2-yl)-5-{[(3-{[(2R,3R,4R,5S)-3,4,5-trihydroxy-2-(hydroxymethyl)piperidin-1-yl]methyl}phenyl)methyl]amino}benzonitrile 'C25 H29 N3 O6'
#
# COMPACT_ATOMS: atom_id res chain seq x y z
N LEU A 38 -26.64 -11.24 -20.11
CA LEU A 38 -27.73 -11.29 -19.08
C LEU A 38 -27.15 -10.99 -17.67
N HIS A 39 -26.03 -11.61 -17.29
CA HIS A 39 -25.29 -11.27 -16.04
C HIS A 39 -24.99 -9.76 -16.05
N SER A 40 -24.37 -9.28 -17.12
CA SER A 40 -24.02 -7.86 -17.36
C SER A 40 -25.28 -6.97 -17.26
N GLU A 41 -26.41 -7.46 -17.77
CA GLU A 41 -27.68 -6.71 -17.76
C GLU A 41 -28.26 -6.63 -16.34
N ILE A 42 -28.19 -7.71 -15.58
CA ILE A 42 -28.69 -7.71 -14.17
C ILE A 42 -27.82 -6.77 -13.34
N GLY A 43 -26.52 -6.75 -13.61
CA GLY A 43 -25.59 -5.87 -12.91
C GLY A 43 -25.95 -4.41 -13.10
N ARG A 44 -26.29 -4.01 -14.32
CA ARG A 44 -26.64 -2.60 -14.60
C ARG A 44 -27.95 -2.25 -13.89
N LEU A 45 -28.91 -3.15 -13.89
CA LEU A 45 -30.21 -2.88 -13.22
C LEU A 45 -30.02 -2.77 -11.71
N ASN A 46 -29.09 -3.54 -11.14
CA ASN A 46 -28.81 -3.49 -9.68
C ASN A 46 -28.07 -2.18 -9.39
N ASN A 47 -27.17 -1.77 -10.27
CA ASN A 47 -26.44 -0.49 -10.08
C ASN A 47 -27.46 0.64 -10.04
N GLN A 48 -28.38 0.67 -11.01
CA GLN A 48 -29.39 1.74 -11.11
C GLN A 48 -30.33 1.71 -9.92
N SER A 49 -30.64 0.51 -9.45
CA SER A 49 -31.59 0.32 -8.33
C SER A 49 -31.02 0.82 -7.00
N LEU A 50 -29.77 0.49 -6.72
CA LEU A 50 -29.18 0.78 -5.38
C LEU A 50 -28.36 2.07 -5.35
N LEU A 51 -28.34 2.85 -6.42
CA LEU A 51 -27.43 4.02 -6.47
C LEU A 51 -27.71 5.00 -5.34
N TRP A 52 -28.94 5.44 -5.16
CA TRP A 52 -29.30 6.46 -4.13
C TRP A 52 -29.75 5.78 -2.84
N GLY A 53 -29.41 6.37 -1.71
CA GLY A 53 -29.91 5.92 -0.41
C GLY A 53 -29.64 6.95 0.67
N PRO A 54 -30.18 6.75 1.88
CA PRO A 54 -29.78 7.53 3.02
C PRO A 54 -28.49 6.87 3.55
N TYR A 55 -27.47 6.77 2.71
CA TYR A 55 -26.26 5.93 2.91
C TYR A 55 -25.22 6.65 3.76
N ARG A 56 -25.69 7.42 4.74
CA ARG A 56 -24.86 8.15 5.71
C ARG A 56 -25.35 7.79 7.11
N PRO A 57 -25.19 6.52 7.51
CA PRO A 57 -25.69 6.05 8.79
C PRO A 57 -24.97 6.69 9.97
N ASN A 58 -23.87 7.40 9.75
CA ASN A 58 -23.14 8.09 10.84
C ASN A 58 -23.91 9.34 11.29
N ILE A 59 -24.90 9.80 10.53
CA ILE A 59 -25.68 11.02 10.89
C ILE A 59 -27.17 10.64 10.96
N TYR A 60 -27.93 11.43 11.72
CA TYR A 60 -29.35 11.09 11.96
C TYR A 60 -30.00 10.94 10.59
N PHE A 61 -29.83 11.94 9.72
CA PHE A 61 -30.48 11.87 8.40
C PHE A 61 -29.66 12.63 7.36
N GLY A 62 -29.39 11.92 6.27
CA GLY A 62 -28.66 12.43 5.11
C GLY A 62 -28.66 11.42 3.99
N THR A 63 -28.36 11.89 2.80
CA THR A 63 -28.37 11.07 1.56
C THR A 63 -27.05 11.27 0.82
N ARG A 64 -26.66 10.24 0.09
CA ARG A 64 -25.58 10.31 -0.92
C ARG A 64 -25.77 9.12 -1.85
N PRO A 65 -25.29 9.20 -3.09
CA PRO A 65 -25.31 8.07 -4.00
C PRO A 65 -24.04 7.25 -3.79
N ARG A 66 -24.00 6.04 -4.38
CA ARG A 66 -22.82 5.15 -4.37
C ARG A 66 -21.76 5.67 -5.35
N ILE A 67 -21.32 6.92 -5.15
CA ILE A 67 -20.28 7.62 -5.94
C ILE A 67 -19.39 8.38 -4.95
N GLY A 68 -18.08 8.23 -5.05
CA GLY A 68 -17.15 8.84 -4.09
C GLY A 68 -17.26 10.35 -4.06
N LYS A 69 -17.23 11.02 -5.21
CA LYS A 69 -17.18 12.50 -5.30
C LYS A 69 -18.44 12.97 -6.03
N SER A 70 -19.46 13.38 -5.26
CA SER A 70 -20.82 13.65 -5.76
C SER A 70 -21.59 14.48 -4.72
N LEU A 71 -22.91 14.48 -4.89
CA LEU A 71 -23.88 15.29 -4.10
C LEU A 71 -24.23 14.55 -2.80
N MET A 72 -24.10 15.24 -1.68
CA MET A 72 -24.46 14.74 -0.31
C MET A 72 -25.35 15.74 0.42
N THR A 73 -26.33 15.24 1.17
CA THR A 73 -27.24 16.08 2.01
C THR A 73 -27.17 15.64 3.47
N GLY A 74 -27.43 16.57 4.39
CA GLY A 74 -27.57 16.24 5.82
C GLY A 74 -28.53 17.18 6.55
N LEU A 75 -29.22 16.64 7.54
CA LEU A 75 -30.19 17.39 8.36
C LEU A 75 -29.52 17.79 9.68
N MET A 76 -29.78 19.00 10.16
CA MET A 76 -29.48 19.42 11.55
C MET A 76 -30.71 20.13 12.13
N TRP A 77 -30.86 20.09 13.45
CA TRP A 77 -31.93 20.79 14.18
C TRP A 77 -31.48 21.07 15.61
N GLY A 78 -32.01 22.13 16.21
CA GLY A 78 -31.88 22.33 17.66
C GLY A 78 -32.78 23.42 18.17
N LYS A 79 -33.34 23.24 19.36
CA LYS A 79 -34.05 24.33 20.08
C LYS A 79 -33.06 25.47 20.31
N ILE A 80 -33.59 26.69 20.34
CA ILE A 80 -32.83 27.90 20.78
C ILE A 80 -33.68 28.68 21.79
N GLU A 81 -33.18 28.81 23.01
CA GLU A 81 -33.87 29.45 24.17
C GLU A 81 -33.02 30.62 24.67
N SER A 82 -31.77 30.71 24.23
CA SER A 82 -30.76 31.65 24.78
C SER A 82 -29.80 32.06 23.68
N TYR A 83 -28.85 32.94 24.02
CA TYR A 83 -27.84 33.49 23.10
C TYR A 83 -26.68 32.49 22.91
N THR A 84 -26.57 31.45 23.76
CA THR A 84 -25.39 30.53 23.75
C THR A 84 -25.77 29.04 23.71
N ASP A 85 -27.04 28.66 23.74
CA ASP A 85 -27.47 27.25 23.90
C ASP A 85 -27.41 26.48 22.56
N PHE A 86 -27.61 27.10 21.41
CA PHE A 86 -27.84 26.37 20.14
C PHE A 86 -26.60 25.53 19.81
N GLN A 87 -25.39 26.02 20.12
CA GLN A 87 -24.13 25.25 19.91
C GLN A 87 -24.17 23.91 20.68
N HIS A 88 -24.91 23.81 21.80
CA HIS A 88 -24.99 22.60 22.66
C HIS A 88 -26.20 21.74 22.28
N THR A 89 -27.27 22.32 21.72
CA THR A 89 -28.52 21.57 21.41
C THR A 89 -28.46 21.01 20.00
N VAL A 90 -27.70 21.60 19.07
CA VAL A 90 -27.83 21.22 17.63
C VAL A 90 -27.45 19.74 17.46
N ARG A 91 -28.21 19.01 16.65
CA ARG A 91 -27.99 17.60 16.31
C ARG A 91 -27.50 17.45 14.87
N TYR A 92 -26.58 16.51 14.60
CA TYR A 92 -26.12 16.13 13.26
C TYR A 92 -25.62 14.69 13.30
N THR A 93 -24.44 14.44 13.88
CA THR A 93 -23.86 13.05 13.95
C THR A 93 -24.58 12.22 15.04
N CYS A 94 -24.81 10.94 14.78
CA CYS A 94 -25.47 10.03 15.74
C CYS A 94 -24.71 9.96 17.05
N GLU A 95 -25.40 10.09 18.19
CA GLU A 95 -24.89 9.81 19.57
C GLU A 95 -25.92 8.95 20.32
N GLN A 96 -25.60 8.54 21.53
CA GLN A 96 -26.61 8.02 22.51
C GLN A 96 -26.16 8.42 23.92
N ASN A 97 -26.98 9.20 24.62
CA ASN A 97 -26.74 9.73 25.98
C ASN A 97 -28.11 9.96 26.64
N GLU A 98 -28.17 10.61 27.80
CA GLU A 98 -29.42 10.82 28.60
C GLU A 98 -30.36 11.77 27.84
N GLY A 99 -29.84 12.61 26.94
CA GLY A 99 -30.58 13.61 26.14
C GLY A 99 -31.33 13.03 24.95
N MET A 100 -31.14 11.74 24.61
CA MET A 100 -31.76 11.10 23.42
C MET A 100 -32.46 9.82 23.86
N LYS A 101 -33.80 9.76 23.82
CA LYS A 101 -34.56 8.56 24.26
C LYS A 101 -34.22 7.37 23.35
N GLY A 102 -34.17 7.60 22.04
CA GLY A 102 -33.95 6.55 21.05
C GLY A 102 -34.17 7.07 19.64
N TYR A 103 -33.90 6.23 18.66
CA TYR A 103 -34.03 6.55 17.23
C TYR A 103 -33.76 5.29 16.43
N GLY A 104 -34.31 5.24 15.22
CA GLY A 104 -34.07 4.11 14.30
C GLY A 104 -35.13 4.02 13.22
N TRP A 105 -34.91 3.09 12.30
CA TRP A 105 -35.78 2.86 11.12
C TRP A 105 -36.96 2.03 11.62
N ASP A 106 -38.18 2.47 11.35
CA ASP A 106 -39.40 1.65 11.62
C ASP A 106 -39.55 0.65 10.48
N GLU A 107 -39.16 1.02 9.27
CA GLU A 107 -39.25 0.18 8.04
C GLU A 107 -38.11 0.64 7.15
N TYR A 108 -37.53 -0.23 6.33
CA TYR A 108 -36.50 0.21 5.37
C TYR A 108 -36.15 -0.94 4.43
N ASP A 109 -36.01 -0.57 3.16
CA ASP A 109 -35.52 -1.42 2.05
C ASP A 109 -34.72 -0.45 1.20
N PRO A 110 -33.42 -0.69 1.01
CA PRO A 110 -32.58 0.22 0.28
C PRO A 110 -32.96 0.44 -1.19
N ARG A 111 -33.72 -0.46 -1.81
CA ARG A 111 -34.27 -0.19 -3.17
C ARG A 111 -35.46 0.79 -3.15
N ARG A 112 -36.20 0.93 -2.03
CA ARG A 112 -37.46 1.75 -1.96
C ARG A 112 -37.36 2.95 -0.99
N GLY A 113 -36.62 2.82 0.10
CA GLY A 113 -36.54 3.82 1.18
C GLY A 113 -37.26 3.34 2.43
N GLY A 114 -37.69 4.26 3.27
CA GLY A 114 -38.39 3.88 4.51
C GLY A 114 -38.64 5.09 5.41
N ILE A 115 -38.89 4.82 6.68
CA ILE A 115 -39.35 5.81 7.68
C ILE A 115 -38.51 5.62 8.93
N GLN A 116 -37.96 6.71 9.44
CA GLN A 116 -37.12 6.69 10.64
C GLN A 116 -37.84 7.56 11.67
N SER A 117 -37.78 7.13 12.93
CA SER A 117 -38.29 7.88 14.11
C SER A 117 -37.12 8.27 15.01
N ILE A 118 -37.09 9.52 15.45
CA ILE A 118 -36.05 10.07 16.36
C ILE A 118 -36.78 10.73 17.52
N HIS A 119 -36.50 10.32 18.75
CA HIS A 119 -37.18 10.82 19.98
C HIS A 119 -36.13 11.55 20.79
N ASP A 120 -36.13 12.87 20.71
CA ASP A 120 -35.05 13.74 21.26
C ASP A 120 -35.59 14.43 22.50
N ILE A 121 -35.09 14.08 23.69
CA ILE A 121 -35.55 14.72 24.96
C ILE A 121 -34.97 16.13 25.08
N GLN A 122 -33.69 16.31 24.80
CA GLN A 122 -33.02 17.63 24.97
C GLN A 122 -33.79 18.69 24.17
N ASN A 123 -34.15 18.40 22.93
CA ASN A 123 -34.82 19.36 22.03
C ASN A 123 -36.35 19.21 22.07
N GLY A 124 -36.90 18.38 22.96
CA GLY A 124 -38.35 18.18 23.18
C GLY A 124 -39.12 17.82 21.92
N LEU A 125 -38.54 17.05 21.00
CA LEU A 125 -39.11 16.83 19.65
C LEU A 125 -39.14 15.34 19.33
N ASP A 126 -40.26 14.89 18.77
CA ASP A 126 -40.38 13.59 18.07
C ASP A 126 -40.31 13.92 16.59
N ILE A 127 -39.26 13.45 15.93
CA ILE A 127 -39.03 13.68 14.49
C ILE A 127 -39.26 12.39 13.71
N THR A 128 -39.80 12.55 12.51
CA THR A 128 -39.98 11.48 11.51
C THR A 128 -39.29 11.94 10.22
N THR A 129 -38.53 11.05 9.59
CA THR A 129 -37.83 11.31 8.31
C THR A 129 -38.20 10.17 7.38
N SER A 130 -39.03 10.43 6.37
CA SER A 130 -39.52 9.45 5.38
C SER A 130 -38.68 9.68 4.15
N PHE A 131 -38.13 8.62 3.58
CA PHE A 131 -37.27 8.73 2.38
C PHE A 131 -37.84 7.77 1.36
N VAL A 132 -37.97 8.21 0.11
CA VAL A 132 -38.54 7.32 -0.94
C VAL A 132 -37.80 7.55 -2.24
N LYS A 133 -37.66 6.48 -3.01
CA LYS A 133 -36.91 6.48 -4.29
C LYS A 133 -37.89 6.28 -5.45
N ILE A 134 -37.73 7.06 -6.51
CA ILE A 134 -38.65 7.03 -7.67
C ILE A 134 -37.81 6.72 -8.88
N PRO A 135 -37.81 5.45 -9.33
CA PRO A 135 -37.05 5.06 -10.53
C PRO A 135 -37.35 5.95 -11.73
N GLY A 136 -36.46 5.91 -12.72
CA GLY A 136 -36.61 6.64 -14.00
C GLY A 136 -35.31 7.28 -14.43
N GLY A 137 -35.18 7.55 -15.73
CA GLY A 137 -34.00 8.22 -16.31
C GLY A 137 -32.80 7.29 -16.38
N ALA A 138 -31.59 7.86 -16.51
CA ALA A 138 -30.36 7.11 -16.83
C ALA A 138 -29.33 7.29 -15.70
N HIS A 139 -29.71 7.92 -14.60
CA HIS A 139 -28.74 8.47 -13.62
C HIS A 139 -29.07 7.96 -12.20
N GLY A 140 -29.85 6.89 -12.09
CA GLY A 140 -30.16 6.23 -10.81
C GLY A 140 -31.43 6.73 -10.17
N GLY A 141 -32.28 7.41 -10.94
CA GLY A 141 -33.63 7.75 -10.48
C GLY A 141 -33.62 9.01 -9.64
N SER A 142 -34.75 9.25 -9.00
CA SER A 142 -35.11 10.44 -8.20
C SER A 142 -35.37 9.97 -6.77
N TRP A 143 -35.62 10.92 -5.86
CA TRP A 143 -35.95 10.58 -4.46
C TRP A 143 -36.60 11.78 -3.78
N ALA A 144 -37.16 11.55 -2.61
CA ALA A 144 -37.86 12.59 -1.84
C ALA A 144 -37.84 12.22 -0.38
N ALA A 145 -37.90 13.22 0.47
CA ALA A 145 -37.89 13.02 1.92
C ALA A 145 -38.89 14.00 2.51
N ARG A 146 -39.58 13.56 3.56
CA ARG A 146 -40.37 14.47 4.40
C ARG A 146 -39.74 14.48 5.77
N ILE A 147 -39.48 15.66 6.29
CA ILE A 147 -39.04 15.91 7.68
C ILE A 147 -40.22 16.46 8.49
N LYS A 148 -40.72 15.72 9.49
CA LYS A 148 -41.82 16.17 10.37
C LYS A 148 -41.36 16.26 11.83
N GLY A 149 -41.50 17.44 12.46
CA GLY A 149 -41.13 17.65 13.87
C GLY A 149 -42.35 17.93 14.72
N THR A 150 -42.59 17.16 15.79
CA THR A 150 -43.75 17.32 16.70
C THR A 150 -43.20 17.57 18.09
N LEU A 151 -43.46 18.73 18.70
CA LEU A 151 -43.02 18.95 20.10
C LEU A 151 -43.64 17.86 20.98
N ASN A 152 -42.89 17.34 21.97
CA ASN A 152 -43.39 16.36 22.96
C ASN A 152 -44.17 17.12 24.06
N ASP A 153 -44.73 16.41 25.01
CA ASP A 153 -45.69 17.00 25.99
C ASP A 153 -44.96 17.96 26.93
N ASP A 154 -43.65 17.81 27.10
CA ASP A 154 -42.86 18.58 28.10
C ASP A 154 -42.32 19.87 27.46
N ALA A 155 -42.18 19.90 26.15
CA ALA A 155 -41.69 21.10 25.42
C ALA A 155 -42.63 22.30 25.65
N PRO A 156 -42.09 23.54 25.73
CA PRO A 156 -42.95 24.73 25.68
C PRO A 156 -43.63 24.81 24.31
N LYS A 157 -44.94 25.08 24.27
CA LYS A 157 -45.75 25.08 23.02
C LYS A 157 -45.16 26.10 22.04
N ASP A 158 -44.41 27.10 22.53
CA ASP A 158 -43.87 28.20 21.68
C ASP A 158 -42.36 28.02 21.45
N GLN A 159 -41.81 26.83 21.72
CA GLN A 159 -40.38 26.54 21.45
C GLN A 159 -39.99 27.03 20.04
N LYS A 160 -38.83 27.67 19.94
CA LYS A 160 -38.20 27.97 18.64
C LYS A 160 -37.21 26.86 18.32
N THR A 161 -37.30 26.31 17.12
CA THR A 161 -36.47 25.19 16.65
C THR A 161 -35.80 25.62 15.34
N ILE A 162 -34.47 25.62 15.29
CA ILE A 162 -33.70 25.86 14.03
C ILE A 162 -33.54 24.55 13.27
N VAL A 163 -33.85 24.56 12.00
CA VAL A 163 -33.67 23.36 11.14
C VAL A 163 -32.81 23.79 9.98
N VAL A 164 -31.87 22.94 9.60
CA VAL A 164 -30.91 23.23 8.51
C VAL A 164 -30.90 22.01 7.61
N PHE A 165 -30.98 22.22 6.31
CA PHE A 165 -30.64 21.21 5.29
C PHE A 165 -29.35 21.66 4.61
N TYR A 166 -28.31 20.85 4.74
CA TYR A 166 -26.95 21.18 4.24
C TYR A 166 -26.72 20.32 3.00
N VAL A 167 -26.29 20.95 1.91
CA VAL A 167 -26.02 20.29 0.62
C VAL A 167 -24.59 20.63 0.19
N SER A 168 -23.83 19.61 -0.20
CA SER A 168 -22.44 19.76 -0.68
C SER A 168 -22.28 18.95 -1.96
N GLN A 169 -21.42 19.38 -2.86
CA GLN A 169 -21.08 18.64 -4.11
C GLN A 169 -19.57 18.68 -4.37
N GLU A 170 -18.94 17.51 -4.41
CA GLU A 170 -17.49 17.30 -4.70
C GLU A 170 -17.35 16.93 -6.18
N GLY A 171 -16.25 17.33 -6.82
CA GLY A 171 -16.00 17.14 -8.27
C GLY A 171 -15.51 18.42 -8.95
N GLU A 172 -14.58 18.29 -9.90
CA GLU A 172 -13.91 19.41 -10.64
C GLU A 172 -14.87 20.12 -11.61
N ASN A 173 -15.64 19.38 -12.43
CA ASN A 173 -16.45 19.91 -13.56
C ASN A 173 -17.95 19.77 -13.26
N SER A 174 -18.41 20.26 -12.12
CA SER A 174 -19.81 20.07 -11.68
C SER A 174 -20.32 21.37 -11.04
N GLU A 175 -21.63 21.59 -11.13
CA GLU A 175 -22.18 22.93 -10.80
C GLU A 175 -23.44 22.71 -9.96
N LEU A 176 -23.65 23.64 -9.03
CA LEU A 176 -24.85 23.69 -8.18
C LEU A 176 -25.14 25.15 -7.87
N GLU A 177 -26.39 25.57 -8.12
CA GLU A 177 -26.80 26.99 -8.00
C GLU A 177 -28.17 27.07 -7.35
N ALA A 178 -28.29 27.81 -6.24
CA ALA A 178 -29.56 28.27 -5.67
C ALA A 178 -30.17 29.36 -6.57
N VAL A 179 -31.33 29.11 -7.17
CA VAL A 179 -32.18 30.17 -7.76
C VAL A 179 -32.53 31.17 -6.66
N PRO A 180 -32.18 32.47 -6.84
CA PRO A 180 -32.54 33.52 -5.87
C PRO A 180 -34.05 33.72 -5.77
N SER A 181 -34.50 34.19 -4.60
CA SER A 181 -35.92 34.48 -4.26
C SER A 181 -36.35 35.80 -4.93
N GLU A 182 -37.67 36.00 -5.04
CA GLU A 182 -38.30 37.30 -5.39
C GLU A 182 -38.01 38.26 -4.23
N ASN A 183 -38.25 37.86 -2.97
CA ASN A 183 -38.20 38.77 -1.78
C ASN A 183 -36.78 39.21 -1.47
N GLU A 184 -36.64 40.27 -0.66
CA GLU A 184 -35.35 40.98 -0.44
C GLU A 184 -34.40 40.15 0.45
N PHE A 185 -34.95 39.51 1.50
CA PHE A 185 -34.26 39.01 2.71
C PHE A 185 -34.27 37.48 2.83
N GLY A 186 -34.85 36.76 1.88
CA GLY A 186 -35.04 35.30 1.96
C GLY A 186 -36.22 34.78 1.15
N TYR A 187 -36.69 33.57 1.43
CA TYR A 187 -37.73 32.87 0.65
C TYR A 187 -39.06 32.82 1.44
N GLU A 188 -40.15 33.20 0.78
CA GLU A 188 -41.54 32.97 1.25
C GLU A 188 -41.94 31.54 0.88
N GLY A 189 -41.46 31.02 -0.25
CA GLY A 189 -41.84 29.67 -0.74
C GLY A 189 -40.66 28.68 -0.80
N ASP A 190 -40.61 27.88 -1.87
CA ASP A 190 -39.64 26.79 -2.06
C ASP A 190 -38.27 27.36 -2.44
N VAL A 191 -37.21 26.66 -2.03
CA VAL A 191 -35.80 26.89 -2.47
C VAL A 191 -35.49 25.85 -3.53
N ILE A 192 -35.05 26.32 -4.69
CA ILE A 192 -34.72 25.44 -5.84
C ILE A 192 -33.21 25.52 -6.02
N LEU A 193 -32.54 24.37 -6.00
CA LEU A 193 -31.10 24.27 -6.38
C LEU A 193 -31.09 23.53 -7.71
N LYS A 194 -30.43 24.13 -8.70
CA LYS A 194 -30.19 23.54 -10.04
C LYS A 194 -28.71 23.19 -10.08
N GLY A 195 -28.38 21.93 -10.40
CA GLY A 195 -27.00 21.43 -10.47
C GLY A 195 -26.79 20.46 -11.61
N ARG A 196 -25.53 20.11 -11.85
CA ARG A 196 -25.13 19.18 -12.93
C ARG A 196 -23.82 18.52 -12.53
N SER A 197 -23.63 17.27 -12.95
CA SER A 197 -22.32 16.56 -12.93
C SER A 197 -22.30 15.45 -14.00
N GLU A 198 -21.12 14.98 -14.43
CA GLU A 198 -20.96 13.77 -15.29
C GLU A 198 -21.81 12.62 -14.70
N ALA A 199 -21.65 12.35 -13.41
CA ALA A 199 -22.27 11.20 -12.72
C ALA A 199 -23.80 11.31 -12.69
N LEU A 200 -24.39 12.47 -12.35
CA LEU A 200 -25.87 12.58 -12.09
C LEU A 200 -26.62 13.27 -13.25
N GLY A 201 -25.93 13.73 -14.29
CA GLY A 201 -26.51 14.60 -15.31
C GLY A 201 -27.11 15.85 -14.68
N ASN A 202 -28.16 16.39 -15.31
CA ASN A 202 -28.84 17.60 -14.79
C ASN A 202 -29.83 17.16 -13.71
N TYR A 203 -30.06 18.02 -12.72
CA TYR A 203 -31.03 17.69 -11.64
C TYR A 203 -31.44 18.98 -10.92
N LYS A 204 -32.55 18.92 -10.21
CA LYS A 204 -32.97 19.97 -9.27
C LYS A 204 -33.31 19.30 -7.94
N LEU A 205 -32.96 19.99 -6.87
CA LEU A 205 -33.17 19.59 -5.47
C LEU A 205 -33.98 20.72 -4.87
N VAL A 206 -35.23 20.44 -4.47
CA VAL A 206 -36.15 21.46 -3.88
C VAL A 206 -36.38 21.22 -2.38
N VAL A 207 -36.17 22.25 -1.59
CA VAL A 207 -36.57 22.28 -0.17
C VAL A 207 -37.85 23.13 -0.07
N THR A 208 -38.98 22.49 0.19
CA THR A 208 -40.32 23.13 0.13
C THR A 208 -40.50 24.06 1.32
N LYS A 209 -41.46 24.98 1.19
CA LYS A 209 -41.82 26.02 2.18
C LYS A 209 -42.10 25.32 3.51
N GLY A 210 -42.84 24.21 3.42
CA GLY A 210 -43.33 23.47 4.59
C GLY A 210 -44.48 24.16 5.29
N LYS A 211 -44.97 23.49 6.34
CA LYS A 211 -46.11 23.89 7.21
C LYS A 211 -45.50 24.20 8.58
N GLY A 212 -45.97 25.24 9.24
CA GLY A 212 -45.61 25.57 10.63
C GLY A 212 -45.40 27.06 10.81
N VAL A 213 -45.57 27.53 12.04
CA VAL A 213 -45.49 28.97 12.36
C VAL A 213 -44.04 29.41 12.20
N ILE A 214 -43.77 30.40 11.38
CA ILE A 214 -42.41 30.97 11.34
C ILE A 214 -42.43 32.26 12.15
N PRO A 215 -41.66 32.37 13.24
CA PRO A 215 -41.75 33.53 14.13
C PRO A 215 -41.33 34.83 13.43
N GLN A 216 -41.76 35.98 13.94
CA GLN A 216 -41.51 37.29 13.28
C GLN A 216 -40.89 38.22 14.31
N SER A 217 -39.80 38.90 13.98
CA SER A 217 -39.14 39.84 14.92
C SER A 217 -39.63 41.24 14.62
N ASP A 218 -40.00 41.97 15.66
CA ASP A 218 -40.35 43.40 15.55
C ASP A 218 -39.12 44.28 15.77
N HIS A 219 -37.93 43.70 15.96
CA HIS A 219 -36.67 44.47 16.21
C HIS A 219 -36.27 45.30 14.98
N ASP A 220 -35.57 46.41 15.22
CA ASP A 220 -34.90 47.27 14.21
C ASP A 220 -34.12 46.43 13.19
N LEU A 221 -33.43 45.38 13.63
CA LEU A 221 -32.63 44.49 12.76
C LEU A 221 -33.45 43.94 11.58
N SER A 222 -34.78 43.84 11.72
CA SER A 222 -35.65 43.23 10.68
C SER A 222 -35.68 44.12 9.42
N ARG A 223 -35.36 45.41 9.57
CA ARG A 223 -35.20 46.36 8.43
C ARG A 223 -34.05 45.83 7.52
N LEU A 224 -32.99 45.24 8.08
CA LEU A 224 -31.81 44.78 7.30
C LEU A 224 -31.81 43.26 7.08
N ARG A 225 -32.48 42.46 7.92
CA ARG A 225 -32.37 40.97 7.83
C ARG A 225 -33.75 40.37 7.55
N GLY A 226 -34.77 41.21 7.39
CA GLY A 226 -36.17 40.77 7.32
C GLY A 226 -36.69 40.37 8.70
N PRO A 227 -38.03 40.21 8.84
CA PRO A 227 -38.64 39.87 10.13
C PRO A 227 -38.51 38.39 10.48
N GLY A 228 -38.15 37.56 9.50
CA GLY A 228 -37.96 36.11 9.70
C GLY A 228 -38.51 35.31 8.54
N GLN A 229 -37.66 34.49 7.93
CA GLN A 229 -37.95 33.75 6.68
C GLN A 229 -36.90 32.66 6.45
N THR A 230 -37.24 31.68 5.64
CA THR A 230 -36.27 30.73 5.07
C THR A 230 -35.14 31.53 4.41
N VAL A 231 -33.89 31.17 4.67
CA VAL A 231 -32.71 31.79 4.03
C VAL A 231 -31.79 30.70 3.46
N VAL A 232 -30.98 31.08 2.48
CA VAL A 232 -29.94 30.22 1.83
C VAL A 232 -28.60 30.95 1.80
N GLN A 233 -27.52 30.27 2.22
CA GLN A 233 -26.13 30.70 1.95
C GLN A 233 -25.49 29.68 1.02
N SER A 234 -24.97 30.16 -0.11
CA SER A 234 -24.18 29.38 -1.09
C SER A 234 -22.71 29.76 -0.96
N LEU A 235 -21.83 28.79 -0.72
CA LEU A 235 -20.40 29.00 -0.35
C LEU A 235 -19.55 28.06 -1.19
N THR A 236 -18.24 28.24 -1.16
CA THR A 236 -17.31 27.20 -1.66
C THR A 236 -16.11 27.07 -0.72
N TYR A 237 -15.80 25.83 -0.42
CA TYR A 237 -14.58 25.39 0.31
C TYR A 237 -13.90 24.38 -0.61
N PRO A 238 -12.61 24.07 -0.38
CA PRO A 238 -11.98 22.94 -1.03
C PRO A 238 -12.75 21.63 -0.80
N ASP A 239 -12.91 20.82 -1.84
CA ASP A 239 -13.77 19.60 -1.86
C ASP A 239 -13.56 18.72 -0.61
N GLU A 240 -12.33 18.63 -0.10
CA GLU A 240 -11.99 17.59 0.90
C GLU A 240 -12.54 17.96 2.29
N VAL A 241 -13.04 19.18 2.52
CA VAL A 241 -13.57 19.60 3.86
C VAL A 241 -15.08 19.83 3.83
N LEU A 242 -15.75 19.53 2.72
CA LEU A 242 -17.19 19.80 2.57
C LEU A 242 -18.00 18.99 3.58
N TRP A 243 -17.45 17.86 4.05
CA TRP A 243 -18.12 16.94 5.01
C TRP A 243 -18.19 17.62 6.39
N GLN A 244 -17.40 18.64 6.68
CA GLN A 244 -17.33 19.21 8.06
C GLN A 244 -18.46 20.24 8.23
N ALA A 245 -19.69 19.75 8.15
CA ALA A 245 -20.92 20.56 8.04
C ALA A 245 -21.14 21.37 9.32
N LYS A 246 -20.89 20.78 10.49
CA LYS A 246 -21.12 21.54 11.75
C LYS A 246 -20.18 22.75 11.80
N PRO A 247 -18.85 22.61 11.70
CA PRO A 247 -17.96 23.77 11.75
C PRO A 247 -18.22 24.81 10.63
N ILE A 248 -18.59 24.34 9.43
CA ILE A 248 -18.92 25.24 8.31
C ILE A 248 -20.14 26.06 8.70
N LEU A 249 -21.19 25.43 9.19
CA LEU A 249 -22.41 26.16 9.60
C LEU A 249 -21.98 27.17 10.64
N PHE A 250 -21.24 26.76 11.66
CA PHE A 250 -20.96 27.63 12.83
C PHE A 250 -20.06 28.80 12.41
N GLN A 251 -19.24 28.63 11.39
CA GLN A 251 -18.35 29.74 10.97
C GLN A 251 -19.25 30.85 10.39
N GLN A 252 -20.30 30.47 9.66
CA GLN A 252 -21.31 31.43 9.12
C GLN A 252 -22.11 32.07 10.27
N LEU A 253 -22.58 31.30 11.25
CA LEU A 253 -23.35 31.89 12.37
C LEU A 253 -22.48 32.92 13.09
N LYS A 254 -21.20 32.60 13.26
CA LYS A 254 -20.24 33.45 14.01
C LYS A 254 -19.98 34.72 13.23
N ALA A 255 -19.90 34.65 11.89
CA ALA A 255 -19.71 35.83 11.00
C ALA A 255 -20.92 36.77 11.11
N GLY A 256 -22.14 36.22 11.14
CA GLY A 256 -23.38 36.97 11.40
C GLY A 256 -23.37 37.65 12.76
N ILE A 257 -22.96 36.98 13.83
CA ILE A 257 -22.90 37.63 15.18
C ILE A 257 -21.83 38.73 15.15
N ASP A 258 -20.71 38.50 14.46
CA ASP A 258 -19.63 39.51 14.34
C ASP A 258 -20.21 40.75 13.65
N TRP A 259 -20.99 40.56 12.59
CA TRP A 259 -21.65 41.65 11.83
C TRP A 259 -22.58 42.47 12.76
N LEU A 260 -23.38 41.81 13.62
CA LEU A 260 -24.23 42.45 14.65
C LEU A 260 -23.38 43.34 15.56
N VAL A 261 -22.26 42.84 16.09
CA VAL A 261 -21.38 43.59 17.05
C VAL A 261 -20.86 44.86 16.35
N GLU A 262 -20.38 44.71 15.12
CA GLU A 262 -19.81 45.78 14.27
C GLU A 262 -20.86 46.87 14.00
N ASN A 263 -22.10 46.48 13.71
CA ASN A 263 -23.19 47.41 13.27
C ASN A 263 -24.06 47.87 14.46
N LYS A 264 -23.60 47.72 15.71
CA LYS A 264 -24.11 48.44 16.90
C LYS A 264 -25.34 47.74 17.49
N TYR A 265 -25.59 46.47 17.15
CA TYR A 265 -26.64 45.64 17.81
C TYR A 265 -26.03 45.01 19.07
N ASP A 266 -26.48 45.46 20.26
CA ASP A 266 -25.82 45.21 21.57
C ASP A 266 -26.85 44.81 22.63
N VAL A 267 -26.42 44.74 23.90
CA VAL A 267 -27.20 44.19 25.04
C VAL A 267 -28.09 45.26 25.64
N ALA A 268 -27.95 46.54 25.22
CA ALA A 268 -28.89 47.63 25.57
C ALA A 268 -30.27 47.32 24.98
N ASP A 269 -30.31 46.60 23.84
CA ASP A 269 -31.56 46.24 23.09
C ASP A 269 -31.24 45.14 22.06
N PRO A 270 -31.13 43.87 22.46
CA PRO A 270 -30.68 42.81 21.56
C PRO A 270 -31.83 42.21 20.75
N PRO A 271 -31.61 41.82 19.49
CA PRO A 271 -32.59 41.03 18.76
C PRO A 271 -32.86 39.75 19.55
N PRO A 272 -33.98 39.05 19.28
CA PRO A 272 -34.22 37.76 19.93
C PRO A 272 -33.18 36.73 19.48
N PRO A 273 -32.88 35.72 20.30
CA PRO A 273 -31.82 34.76 19.99
C PRO A 273 -31.96 34.10 18.62
N TRP A 274 -33.18 33.70 18.29
CA TRP A 274 -33.49 32.96 17.04
C TRP A 274 -33.21 33.84 15.83
N GLN A 275 -33.28 35.15 16.00
CA GLN A 275 -32.94 36.13 14.92
C GLN A 275 -31.43 36.34 14.90
N VAL A 276 -30.76 36.36 16.05
CA VAL A 276 -29.26 36.44 16.12
C VAL A 276 -28.66 35.25 15.38
N TYR A 277 -29.32 34.10 15.38
CA TYR A 277 -28.82 32.84 14.78
C TYR A 277 -29.47 32.55 13.42
N LEU A 278 -30.16 33.51 12.81
CA LEU A 278 -30.68 33.36 11.42
C LEU A 278 -29.67 33.96 10.43
N LEU A 279 -29.15 33.15 9.53
CA LEU A 279 -28.11 33.59 8.57
C LEU A 279 -28.72 34.68 7.67
N ALA A 280 -27.91 35.65 7.26
CA ALA A 280 -28.25 36.61 6.17
C ALA A 280 -28.39 35.82 4.87
N ASN A 281 -29.49 36.00 4.14
CA ASN A 281 -29.73 35.36 2.82
C ASN A 281 -28.62 35.81 1.85
N LYS A 282 -27.92 34.88 1.21
CA LYS A 282 -26.93 35.15 0.12
C LYS A 282 -26.85 33.93 -0.79
N PRO A 283 -27.93 33.59 -1.52
CA PRO A 283 -27.90 32.46 -2.44
C PRO A 283 -27.05 32.80 -3.66
N GLY A 284 -26.67 31.78 -4.42
CA GLY A 284 -25.62 31.87 -5.45
C GLY A 284 -25.17 30.49 -5.89
N SER A 285 -24.00 30.43 -6.51
CA SER A 285 -23.37 29.17 -6.95
C SER A 285 -22.29 28.84 -5.92
N GLY A 286 -22.00 27.56 -5.77
CA GLY A 286 -21.03 27.06 -4.79
C GLY A 286 -21.05 25.55 -4.74
N ASN A 287 -20.16 24.96 -3.95
CA ASN A 287 -20.11 23.50 -3.70
C ASN A 287 -20.73 23.23 -2.32
N VAL A 288 -21.12 24.29 -1.57
CA VAL A 288 -21.91 24.12 -0.32
C VAL A 288 -23.14 25.04 -0.31
N HIS A 289 -24.32 24.53 0.01
CA HIS A 289 -25.57 25.34 0.18
C HIS A 289 -26.23 25.04 1.53
N ILE A 290 -26.37 26.05 2.39
CA ILE A 290 -27.06 25.95 3.71
C ILE A 290 -28.49 26.50 3.56
N VAL A 291 -29.49 25.65 3.66
CA VAL A 291 -30.92 26.07 3.76
C VAL A 291 -31.35 26.07 5.24
N GLN A 292 -31.69 27.21 5.80
CA GLN A 292 -32.06 27.36 7.23
C GLN A 292 -33.51 27.82 7.33
N LYS A 293 -34.29 27.20 8.22
CA LYS A 293 -35.68 27.59 8.63
C LYS A 293 -35.71 27.65 10.16
N VAL A 294 -36.48 28.58 10.70
CA VAL A 294 -36.85 28.60 12.13
C VAL A 294 -38.35 28.38 12.19
N PHE A 295 -38.79 27.45 13.02
CA PHE A 295 -40.19 27.17 13.31
C PHE A 295 -40.50 27.42 14.78
N GLU A 296 -41.74 27.84 15.03
CA GLU A 296 -42.35 27.93 16.38
C GLU A 296 -43.39 26.84 16.47
N GLY A 297 -43.22 25.90 17.40
CA GLY A 297 -44.10 24.72 17.51
C GLY A 297 -43.85 23.70 16.41
N ASP A 298 -44.85 22.91 16.04
CA ASP A 298 -44.65 21.75 15.15
C ASP A 298 -44.33 22.28 13.76
N PHE A 299 -43.62 21.49 12.98
CA PHE A 299 -43.22 21.84 11.60
C PHE A 299 -43.16 20.58 10.74
N GLU A 300 -43.22 20.75 9.41
CA GLU A 300 -42.78 19.74 8.44
C GLU A 300 -42.37 20.46 7.15
N PHE A 301 -41.52 19.82 6.36
CA PHE A 301 -41.12 20.28 5.01
C PHE A 301 -40.57 19.10 4.23
N ASP A 302 -40.48 19.26 2.92
CA ASP A 302 -40.11 18.16 2.02
C ASP A 302 -38.79 18.47 1.32
N ILE A 303 -38.06 17.45 0.93
CA ILE A 303 -36.91 17.56 -0.01
C ILE A 303 -37.26 16.73 -1.23
N LEU A 304 -37.20 17.32 -2.41
CA LEU A 304 -37.56 16.67 -3.69
C LEU A 304 -36.35 16.73 -4.65
N PHE A 305 -35.74 15.58 -4.91
CA PHE A 305 -34.60 15.43 -5.82
C PHE A 305 -35.16 14.86 -7.12
N SER A 306 -35.09 15.68 -8.17
CA SER A 306 -35.68 15.38 -9.50
C SER A 306 -34.54 15.23 -10.50
N SER A 307 -34.33 14.01 -10.98
CA SER A 307 -33.34 13.75 -12.06
C SER A 307 -33.94 14.22 -13.38
N GLU A 308 -33.27 15.14 -14.10
CA GLU A 308 -33.84 15.70 -15.34
C GLU A 308 -34.05 14.60 -16.38
N SER A 309 -33.14 13.62 -16.47
CA SER A 309 -33.19 12.54 -17.49
C SER A 309 -34.39 11.61 -17.28
N ALA A 310 -35.09 11.69 -16.14
CA ALA A 310 -36.30 10.89 -15.83
C ALA A 310 -37.55 11.63 -16.33
N GLY A 311 -38.73 11.07 -16.08
CA GLY A 311 -40.04 11.69 -16.42
C GLY A 311 -40.18 13.13 -15.94
N LYS A 312 -41.40 13.49 -15.48
CA LYS A 312 -41.74 14.86 -14.97
C LYS A 312 -40.95 15.05 -13.67
N GLU A 313 -40.91 16.27 -13.14
CA GLU A 313 -40.23 16.51 -11.84
C GLU A 313 -41.05 15.85 -10.70
N VAL A 314 -40.40 15.59 -9.58
CA VAL A 314 -40.99 14.91 -8.39
C VAL A 314 -41.79 15.96 -7.63
N THR A 315 -42.98 15.60 -7.15
CA THR A 315 -43.87 16.53 -6.40
C THR A 315 -44.04 15.99 -4.99
N SER A 316 -44.55 16.82 -4.08
CA SER A 316 -44.96 16.44 -2.71
C SER A 316 -46.08 15.38 -2.75
N LYS A 317 -46.95 15.41 -3.78
CA LYS A 317 -48.06 14.40 -3.92
C LYS A 317 -47.42 13.05 -4.30
N ASP A 318 -46.37 13.06 -5.12
CA ASP A 318 -45.61 11.82 -5.48
C ASP A 318 -45.03 11.20 -4.19
N LEU A 319 -44.47 12.04 -3.32
CA LEU A 319 -43.77 11.60 -2.09
C LEU A 319 -44.78 10.84 -1.22
N GLU A 320 -45.93 11.47 -0.95
CA GLU A 320 -46.98 10.87 -0.07
C GLU A 320 -47.42 9.51 -0.61
N ARG A 321 -47.63 9.38 -1.93
CA ARG A 321 -48.08 8.11 -2.57
C ARG A 321 -46.98 7.06 -2.46
N GLU A 322 -45.76 7.40 -2.86
CA GLU A 322 -44.65 6.39 -2.88
C GLU A 322 -44.35 5.96 -1.44
N VAL A 323 -44.52 6.82 -0.43
CA VAL A 323 -44.35 6.43 1.00
C VAL A 323 -45.36 5.34 1.38
N LYS A 324 -46.66 5.54 1.07
CA LYS A 324 -47.78 4.59 1.40
C LYS A 324 -47.52 3.25 0.69
N GLN A 325 -47.04 3.28 -0.55
CA GLN A 325 -46.81 2.08 -1.39
C GLN A 325 -45.62 1.30 -0.81
N ALA A 326 -44.56 1.98 -0.39
CA ALA A 326 -43.35 1.33 0.18
C ALA A 326 -43.70 0.57 1.47
N THR A 327 -44.49 1.17 2.36
CA THR A 327 -44.96 0.53 3.62
C THR A 327 -45.69 -0.77 3.28
N GLU A 328 -46.61 -0.71 2.31
CA GLU A 328 -47.42 -1.88 1.89
C GLU A 328 -46.44 -3.00 1.53
N VAL A 329 -45.55 -2.73 0.58
CA VAL A 329 -44.57 -3.71 0.02
C VAL A 329 -43.65 -4.22 1.13
N PHE A 330 -43.21 -3.36 2.06
CA PHE A 330 -42.35 -3.79 3.19
C PHE A 330 -43.14 -4.82 4.01
N GLY A 331 -44.39 -4.50 4.37
CA GLY A 331 -45.33 -5.39 5.09
C GLY A 331 -45.46 -6.77 4.45
N GLU A 332 -45.67 -6.84 3.14
CA GLU A 332 -45.98 -8.09 2.41
C GLU A 332 -44.71 -8.97 2.43
N ARG A 333 -43.55 -8.37 2.16
CA ARG A 333 -42.24 -9.07 2.08
C ARG A 333 -41.86 -9.61 3.46
N PHE A 334 -42.06 -8.82 4.52
CA PHE A 334 -41.70 -9.23 5.89
C PHE A 334 -42.44 -10.52 6.23
N ALA A 335 -43.70 -10.64 5.82
CA ALA A 335 -44.61 -11.73 6.21
C ALA A 335 -44.17 -13.01 5.50
N ARG A 336 -43.66 -12.93 4.26
CA ARG A 336 -43.11 -14.09 3.49
C ARG A 336 -41.75 -14.50 4.06
N VAL A 337 -40.85 -13.53 4.27
CA VAL A 337 -39.39 -13.80 4.50
C VAL A 337 -39.10 -14.03 5.99
N PHE A 338 -39.73 -13.26 6.89
CA PHE A 338 -39.58 -13.38 8.36
C PHE A 338 -40.96 -13.74 8.95
N ASP A 339 -41.39 -14.96 8.66
CA ASP A 339 -42.63 -15.55 9.20
C ASP A 339 -42.28 -16.10 10.58
N LEU A 340 -42.55 -15.32 11.62
CA LEU A 340 -42.15 -15.67 13.01
C LEU A 340 -42.92 -16.91 13.45
N LYS A 341 -42.21 -17.93 13.92
CA LYS A 341 -42.78 -19.22 14.42
C LYS A 341 -43.01 -19.18 15.93
N ALA A 342 -43.80 -20.13 16.43
CA ALA A 342 -44.25 -20.19 17.84
C ALA A 342 -43.01 -20.31 18.71
N PRO A 343 -43.00 -19.73 19.93
CA PRO A 343 -44.12 -18.94 20.46
C PRO A 343 -44.07 -17.44 20.18
N PHE A 344 -43.56 -17.02 19.01
CA PHE A 344 -43.31 -15.60 18.67
C PHE A 344 -44.18 -15.14 17.48
N GLN A 345 -45.35 -15.75 17.29
CA GLN A 345 -46.27 -15.45 16.16
C GLN A 345 -47.01 -14.14 16.49
N GLY A 346 -47.06 -13.76 17.78
CA GLY A 346 -47.84 -12.61 18.28
C GLY A 346 -47.39 -11.26 17.68
N ASP A 347 -48.30 -10.28 17.60
CA ASP A 347 -48.09 -8.95 16.98
C ASP A 347 -46.97 -8.19 17.71
N ASN A 348 -46.74 -8.46 19.00
CA ASN A 348 -45.74 -7.76 19.85
C ASN A 348 -44.36 -8.16 19.30
N TYR A 349 -44.18 -9.43 18.98
CA TYR A 349 -42.93 -10.04 18.47
C TYR A 349 -42.72 -9.63 16.99
N LYS A 350 -43.80 -9.38 16.27
CA LYS A 350 -43.75 -8.93 14.87
C LYS A 350 -43.19 -7.51 14.86
N LYS A 351 -43.64 -6.64 15.76
CA LYS A 351 -43.16 -5.24 15.85
C LYS A 351 -41.67 -5.27 16.22
N PHE A 352 -41.29 -6.15 17.14
CA PHE A 352 -39.90 -6.29 17.64
C PHE A 352 -39.04 -6.69 16.43
N GLY A 353 -39.45 -7.74 15.72
CA GLY A 353 -38.78 -8.28 14.51
C GLY A 353 -38.55 -7.21 13.45
N LYS A 354 -39.62 -6.49 13.06
CA LYS A 354 -39.56 -5.40 12.06
C LYS A 354 -38.55 -4.32 12.50
N SER A 355 -38.44 -4.04 13.80
CA SER A 355 -37.54 -2.98 14.34
C SER A 355 -36.07 -3.46 14.29
N MET A 356 -35.80 -4.68 14.72
CA MET A 356 -34.44 -5.26 14.69
C MET A 356 -34.00 -5.35 13.23
N PHE A 357 -34.87 -5.83 12.34
CA PHE A 357 -34.49 -6.04 10.94
C PHE A 357 -34.26 -4.68 10.29
N SER A 358 -35.18 -3.76 10.50
CA SER A 358 -35.14 -2.46 9.78
C SER A 358 -33.88 -1.69 10.18
N ASN A 359 -33.47 -1.75 11.45
CA ASN A 359 -32.26 -1.04 11.96
C ASN A 359 -30.98 -1.67 11.39
N LEU A 360 -31.00 -2.98 11.15
CA LEU A 360 -29.84 -3.69 10.57
C LEU A 360 -29.67 -3.27 9.11
N ILE A 361 -30.72 -3.34 8.30
CA ILE A 361 -30.57 -3.13 6.84
C ILE A 361 -30.46 -1.63 6.63
N GLY A 362 -31.08 -0.85 7.52
CA GLY A 362 -31.00 0.63 7.54
C GLY A 362 -29.65 1.19 7.97
N GLY A 363 -28.72 0.39 8.50
CA GLY A 363 -27.36 0.88 8.75
C GLY A 363 -26.48 0.87 7.49
N ILE A 364 -26.98 0.35 6.37
CA ILE A 364 -26.15 0.23 5.14
C ILE A 364 -25.61 1.61 4.80
N GLY A 365 -24.30 1.70 4.66
CA GLY A 365 -23.59 2.94 4.27
C GLY A 365 -22.77 2.77 3.00
N TYR A 366 -22.47 3.88 2.34
CA TYR A 366 -21.44 4.01 1.30
C TYR A 366 -20.34 4.90 1.86
N PHE A 367 -19.13 4.34 1.90
CA PHE A 367 -17.91 4.97 2.45
C PHE A 367 -16.88 5.02 1.31
N TYR A 368 -16.11 6.11 1.25
CA TYR A 368 -15.14 6.40 0.16
C TYR A 368 -14.02 7.23 0.76
N GLY A 369 -12.78 6.89 0.44
CA GLY A 369 -11.61 7.65 0.89
C GLY A 369 -10.38 6.77 1.05
N HIS A 370 -9.35 7.37 1.63
CA HIS A 370 -8.06 6.69 1.94
C HIS A 370 -8.19 5.93 3.28
N SER A 371 -7.49 4.81 3.38
CA SER A 371 -7.25 3.95 4.55
C SER A 371 -5.84 4.22 5.11
N LEU A 372 -5.62 4.04 6.41
CA LEU A 372 -4.29 4.15 7.06
C LEU A 372 -3.70 2.75 7.32
N VAL A 373 -2.68 2.36 6.53
CA VAL A 373 -2.10 0.99 6.52
C VAL A 373 -0.57 1.07 6.72
N ASP A 374 -0.05 0.29 7.66
CA ASP A 374 1.42 0.09 7.80
C ASP A 374 1.85 -0.95 6.76
N ARG A 375 2.56 -0.54 5.71
CA ARG A 375 2.96 -1.43 4.56
C ARG A 375 4.47 -1.79 4.68
N SER A 376 5.11 -1.53 5.81
CA SER A 376 6.51 -1.91 6.15
C SER A 376 6.74 -3.43 6.06
N TYR A 377 5.77 -4.26 6.43
CA TYR A 377 5.96 -5.72 6.63
C TYR A 377 7.24 -5.95 7.47
N ALA A 378 7.38 -5.20 8.56
CA ALA A 378 8.51 -5.34 9.50
C ALA A 378 8.61 -6.81 9.87
N PRO A 379 9.84 -7.35 10.02
CA PRO A 379 9.99 -8.77 10.36
C PRO A 379 9.48 -9.13 11.77
N GLU A 380 9.54 -8.20 12.73
CA GLU A 380 8.91 -8.33 14.07
C GLU A 380 7.44 -8.77 13.95
N TYR A 381 6.75 -8.42 12.88
CA TYR A 381 5.32 -8.76 12.68
C TYR A 381 5.19 -10.25 12.35
N ASP A 382 6.30 -10.97 12.14
CA ASP A 382 6.26 -12.44 11.88
C ASP A 382 6.00 -13.19 13.20
N GLU A 383 6.26 -12.53 14.33
CA GLU A 383 6.00 -13.04 15.71
C GLU A 383 6.58 -14.46 15.81
N GLU A 384 7.90 -14.61 15.74
CA GLU A 384 8.56 -15.94 15.66
C GLU A 384 9.32 -16.25 16.95
N ASN A 385 9.68 -15.24 17.74
CA ASN A 385 10.37 -15.45 19.05
C ASN A 385 9.37 -15.37 20.21
N GLU A 386 9.78 -15.87 21.37
CA GLU A 386 9.19 -15.60 22.70
C GLU A 386 9.28 -14.10 22.93
N GLY A 387 8.25 -13.49 23.55
CA GLY A 387 8.18 -12.04 23.82
C GLY A 387 7.91 -11.22 22.56
N PHE A 388 7.39 -11.85 21.49
CA PHE A 388 7.11 -11.21 20.18
C PHE A 388 6.27 -9.96 20.30
N TRP A 389 5.45 -9.84 21.35
CA TRP A 389 4.53 -8.67 21.49
C TRP A 389 5.35 -7.38 21.70
N GLU A 390 6.49 -7.48 22.40
CA GLU A 390 7.34 -6.28 22.67
C GLU A 390 8.02 -5.85 21.36
N ASP A 391 8.53 -6.81 20.58
CA ASP A 391 9.22 -6.54 19.29
C ASP A 391 8.22 -5.87 18.34
N ALA A 392 7.00 -6.39 18.22
CA ALA A 392 5.91 -5.84 17.38
C ALA A 392 5.49 -4.44 17.85
N ALA A 393 5.49 -4.16 19.16
CA ALA A 393 5.28 -2.79 19.70
C ALA A 393 6.34 -1.85 19.14
N GLU A 394 7.60 -2.26 19.18
CA GLU A 394 8.75 -1.44 18.73
C GLU A 394 8.54 -1.07 17.25
N ALA A 395 8.14 -2.03 16.42
CA ALA A 395 7.89 -1.84 14.97
C ALA A 395 6.76 -0.83 14.76
N ARG A 396 5.66 -0.98 15.48
CA ARG A 396 4.51 -0.03 15.45
C ARG A 396 5.01 1.36 15.83
N ALA A 397 5.94 1.49 16.78
CA ALA A 397 6.44 2.81 17.22
C ALA A 397 7.40 3.40 16.17
N ARG A 398 7.67 2.69 15.08
CA ARG A 398 8.35 3.28 13.88
C ARG A 398 7.37 4.21 13.10
N HIS A 399 6.05 3.96 13.16
CA HIS A 399 4.99 4.76 12.48
C HIS A 399 5.27 4.90 10.98
N GLN A 400 5.39 3.78 10.26
CA GLN A 400 5.60 3.73 8.79
C GLN A 400 4.25 3.68 8.08
N GLU A 401 3.15 3.71 8.84
CA GLU A 401 1.79 3.72 8.23
C GLU A 401 1.62 5.02 7.43
N ALA A 402 0.94 4.90 6.30
CA ALA A 402 0.64 6.00 5.36
C ALA A 402 -0.76 5.79 4.78
N LEU A 403 -1.41 6.87 4.35
CA LEU A 403 -2.72 6.84 3.67
C LEU A 403 -2.57 6.19 2.29
N GLU A 404 -3.44 5.26 1.96
CA GLU A 404 -3.52 4.65 0.62
C GLU A 404 -4.98 4.58 0.19
N GLY A 405 -5.18 4.39 -1.11
CA GLY A 405 -6.51 4.31 -1.75
C GLY A 405 -6.59 5.30 -2.91
N PRO A 406 -7.74 5.93 -3.16
CA PRO A 406 -8.93 5.79 -2.32
C PRO A 406 -9.64 4.45 -2.55
N TYR A 407 -10.44 4.04 -1.57
CA TYR A 407 -11.26 2.81 -1.61
C TYR A 407 -12.71 3.25 -1.42
N GLU A 408 -13.66 2.46 -1.90
CA GLU A 408 -15.08 2.59 -1.54
C GLU A 408 -15.50 1.31 -0.82
N LEU A 409 -16.58 1.41 -0.05
CA LEU A 409 -17.25 0.23 0.55
C LEU A 409 -18.72 0.53 0.74
N PHE A 410 -19.55 -0.38 0.27
CA PHE A 410 -21.00 -0.49 0.53
C PHE A 410 -21.23 -1.68 1.48
N THR A 411 -21.65 -1.41 2.71
CA THR A 411 -21.74 -2.42 3.78
C THR A 411 -22.71 -1.99 4.89
N SER A 412 -23.26 -2.96 5.62
CA SER A 412 -23.96 -2.70 6.90
C SER A 412 -22.91 -2.50 7.99
N ILE A 413 -23.30 -2.00 9.15
CA ILE A 413 -22.38 -1.56 10.24
C ILE A 413 -22.90 -2.11 11.56
N PRO A 414 -22.05 -2.30 12.57
CA PRO A 414 -22.53 -2.73 13.88
C PRO A 414 -23.38 -1.71 14.67
N SER A 415 -23.07 -0.43 14.60
CA SER A 415 -23.62 0.63 15.49
C SER A 415 -23.51 2.03 14.83
N ARG A 416 -24.61 2.74 14.64
CA ARG A 416 -24.59 4.12 14.10
C ARG A 416 -23.86 5.04 15.06
N PRO A 417 -24.19 5.09 16.36
CA PRO A 417 -23.54 6.04 17.25
C PRO A 417 -22.09 5.73 17.63
N PHE A 418 -21.67 4.47 17.62
CA PHE A 418 -20.36 4.04 18.19
C PHE A 418 -19.43 3.48 17.09
N PHE A 419 -19.91 2.63 16.17
CA PHE A 419 -19.06 1.88 15.22
C PHE A 419 -19.57 1.97 13.80
N PRO A 420 -19.73 3.20 13.23
CA PRO A 420 -20.40 3.35 11.93
C PRO A 420 -19.44 3.10 10.78
N ARG A 421 -18.99 1.86 10.67
CA ARG A 421 -18.07 1.47 9.58
C ARG A 421 -18.00 -0.04 9.45
N GLY A 422 -17.33 -0.48 8.40
CA GLY A 422 -17.29 -1.90 8.00
C GLY A 422 -16.39 -2.65 8.95
N PHE A 423 -16.87 -3.67 9.63
CA PHE A 423 -16.01 -4.67 10.33
C PHE A 423 -16.19 -6.03 9.63
N LEU A 424 -15.10 -6.74 9.33
CA LEU A 424 -15.08 -7.88 8.36
C LEU A 424 -15.89 -9.07 8.90
N TRP A 425 -15.60 -9.60 10.09
CA TRP A 425 -16.36 -10.78 10.61
C TRP A 425 -17.79 -10.38 11.05
N ASP A 426 -18.04 -9.13 11.47
CA ASP A 426 -19.41 -8.68 11.80
C ASP A 426 -20.27 -8.82 10.54
N GLU A 427 -19.72 -8.47 9.38
CA GLU A 427 -20.54 -8.40 8.13
C GLU A 427 -21.03 -9.79 7.71
N GLY A 428 -20.30 -10.86 8.02
CA GLY A 428 -20.85 -12.21 7.85
C GLY A 428 -22.18 -12.41 8.57
N PHE A 429 -22.29 -11.95 9.82
CA PHE A 429 -23.53 -12.10 10.64
C PHE A 429 -24.61 -11.17 10.10
N HIS A 430 -24.28 -9.92 9.75
CA HIS A 430 -25.24 -8.91 9.27
C HIS A 430 -25.96 -9.45 8.05
N LEU A 431 -25.27 -10.16 7.17
CA LEU A 431 -25.81 -10.46 5.81
C LEU A 431 -26.71 -11.71 5.87
N LEU A 432 -26.78 -12.42 6.99
CA LEU A 432 -27.61 -13.65 6.97
C LEU A 432 -29.07 -13.23 6.88
N PRO A 433 -29.59 -12.30 7.70
CA PRO A 433 -30.97 -11.85 7.51
C PRO A 433 -31.15 -11.02 6.22
N ILE A 434 -30.14 -10.24 5.84
CA ILE A 434 -30.26 -9.34 4.67
C ILE A 434 -30.39 -10.20 3.42
N ALA A 435 -29.70 -11.34 3.37
CA ALA A 435 -29.71 -12.25 2.21
C ALA A 435 -31.09 -12.88 2.08
N ASP A 436 -31.74 -13.17 3.20
CA ASP A 436 -33.13 -13.71 3.19
C ASP A 436 -33.98 -12.65 2.48
N TRP A 437 -33.85 -11.40 2.92
CA TRP A 437 -34.62 -10.22 2.40
C TRP A 437 -34.34 -10.02 0.91
N ASP A 438 -33.07 -10.01 0.52
CA ASP A 438 -32.63 -9.46 -0.79
C ASP A 438 -31.24 -10.03 -1.12
N ILE A 439 -31.22 -11.24 -1.67
CA ILE A 439 -29.94 -11.99 -1.91
C ILE A 439 -29.03 -11.15 -2.82
N ASP A 440 -29.58 -10.42 -3.79
CA ASP A 440 -28.78 -9.62 -4.74
C ASP A 440 -28.13 -8.45 -3.99
N LEU A 441 -28.82 -7.89 -3.01
CA LEU A 441 -28.23 -6.85 -2.15
C LEU A 441 -27.02 -7.44 -1.39
N ALA A 442 -27.18 -8.61 -0.77
CA ALA A 442 -26.10 -9.22 0.03
C ALA A 442 -24.89 -9.56 -0.85
N LEU A 443 -25.12 -10.07 -2.07
CA LEU A 443 -24.01 -10.38 -3.02
C LEU A 443 -23.28 -9.09 -3.42
N GLU A 444 -23.99 -7.98 -3.59
CA GLU A 444 -23.38 -6.66 -3.87
C GLU A 444 -22.43 -6.28 -2.73
N ILE A 445 -22.81 -6.53 -1.48
CA ILE A 445 -22.02 -6.07 -0.31
C ILE A 445 -20.83 -7.01 -0.20
N ILE A 446 -21.03 -8.29 -0.43
CA ILE A 446 -19.88 -9.26 -0.48
C ILE A 446 -18.92 -8.80 -1.57
N LYS A 447 -19.44 -8.47 -2.75
CA LYS A 447 -18.59 -8.09 -3.91
C LYS A 447 -17.79 -6.84 -3.52
N SER A 448 -18.46 -5.86 -2.92
CA SER A 448 -17.81 -4.63 -2.42
C SER A 448 -16.65 -4.98 -1.48
N TRP A 449 -16.82 -5.94 -0.58
CA TRP A 449 -15.79 -6.29 0.45
C TRP A 449 -14.59 -6.96 -0.25
N TYR A 450 -14.85 -7.85 -1.19
CA TYR A 450 -13.77 -8.65 -1.82
C TYR A 450 -13.04 -7.74 -2.83
N ASN A 451 -13.66 -6.67 -3.29
CA ASN A 451 -12.94 -5.68 -4.16
C ASN A 451 -11.94 -4.90 -3.30
N LEU A 452 -11.88 -5.08 -1.97
CA LEU A 452 -10.84 -4.40 -1.15
C LEU A 452 -9.59 -5.26 -1.04
N MET A 453 -9.67 -6.52 -1.46
CA MET A 453 -8.59 -7.48 -1.11
C MET A 453 -7.35 -7.11 -1.93
N ASP A 454 -6.18 -7.01 -1.28
CA ASP A 454 -4.90 -6.65 -1.94
C ASP A 454 -4.34 -7.87 -2.68
N GLU A 455 -3.17 -7.74 -3.32
CA GLU A 455 -2.57 -8.79 -4.20
C GLU A 455 -2.31 -10.07 -3.38
N ASP A 456 -1.90 -9.92 -2.11
CA ASP A 456 -1.53 -11.04 -1.18
C ASP A 456 -2.76 -11.85 -0.70
N GLY A 457 -3.98 -11.28 -0.74
CA GLY A 457 -5.23 -11.87 -0.21
C GLY A 457 -5.67 -11.28 1.15
N TRP A 458 -5.21 -10.10 1.53
CA TRP A 458 -5.61 -9.39 2.77
C TRP A 458 -6.73 -8.35 2.55
N ILE A 459 -7.78 -8.43 3.38
CA ILE A 459 -8.81 -7.38 3.59
C ILE A 459 -8.65 -6.88 5.02
N ALA A 460 -8.48 -5.59 5.25
CA ALA A 460 -8.36 -5.05 6.63
C ALA A 460 -9.66 -5.36 7.37
N ARG A 461 -9.54 -5.76 8.64
CA ARG A 461 -10.68 -6.22 9.48
C ARG A 461 -11.60 -5.03 9.82
N GLU A 462 -11.13 -3.78 9.64
CA GLU A 462 -11.81 -2.54 10.07
C GLU A 462 -11.58 -1.50 8.97
N GLN A 463 -12.63 -1.09 8.24
CA GLN A 463 -12.53 -0.20 7.06
C GLN A 463 -12.89 1.23 7.46
N ILE A 464 -11.89 2.08 7.68
CA ILE A 464 -12.02 3.53 8.06
C ILE A 464 -11.65 4.39 6.84
N LEU A 465 -12.64 4.63 5.96
CA LEU A 465 -12.46 5.18 4.59
C LEU A 465 -12.82 6.67 4.58
N GLY A 466 -11.79 7.52 4.56
CA GLY A 466 -11.91 8.97 4.41
C GLY A 466 -11.88 9.68 5.74
N ALA A 467 -11.65 10.99 5.67
CA ALA A 467 -11.54 11.88 6.83
C ALA A 467 -12.81 11.82 7.70
N GLU A 468 -14.01 11.72 7.10
CA GLU A 468 -15.27 11.71 7.89
C GLU A 468 -15.26 10.47 8.79
N ALA A 469 -15.01 9.29 8.23
CA ALA A 469 -14.93 8.00 8.96
C ALA A 469 -13.85 8.10 10.03
N ARG A 470 -12.69 8.68 9.69
CA ARG A 470 -11.54 8.82 10.64
C ARG A 470 -11.91 9.70 11.84
N SER A 471 -12.79 10.69 11.66
CA SER A 471 -13.09 11.75 12.66
C SER A 471 -13.66 11.10 13.93
N LYS A 472 -14.18 9.90 13.80
CA LYS A 472 -14.91 9.15 14.85
C LYS A 472 -13.94 8.22 15.61
N VAL A 473 -12.68 8.12 15.18
CA VAL A 473 -11.72 7.04 15.59
C VAL A 473 -10.45 7.69 16.11
N PRO A 474 -10.03 7.46 17.37
CA PRO A 474 -8.77 7.99 17.87
C PRO A 474 -7.62 7.53 16.96
N LYS A 475 -6.65 8.43 16.73
CA LYS A 475 -5.53 8.27 15.77
C LYS A 475 -4.83 6.94 16.08
N GLU A 476 -4.75 6.58 17.37
CA GLU A 476 -4.06 5.36 17.88
C GLU A 476 -4.70 4.09 17.33
N PHE A 477 -5.98 4.09 16.97
CA PHE A 477 -6.69 2.84 16.60
C PHE A 477 -7.00 2.82 15.10
N GLN A 478 -6.43 3.71 14.29
CA GLN A 478 -6.79 3.80 12.84
C GLN A 478 -6.00 2.81 11.98
N THR A 479 -4.76 2.55 12.35
CA THR A 479 -3.76 1.88 11.48
C THR A 479 -4.18 0.42 11.28
N GLN A 480 -4.28 -0.03 10.04
CA GLN A 480 -4.48 -1.47 9.77
C GLN A 480 -3.11 -2.12 9.49
N TYR A 481 -3.02 -3.42 9.81
CA TYR A 481 -1.81 -4.28 9.72
C TYR A 481 -2.10 -5.46 8.79
N PRO A 482 -1.35 -5.60 7.67
CA PRO A 482 -1.61 -6.67 6.69
C PRO A 482 -1.39 -8.11 7.18
N HIS A 483 -0.96 -8.30 8.42
CA HIS A 483 -0.80 -9.63 9.07
C HIS A 483 -2.00 -9.91 10.00
N TYR A 484 -2.95 -8.98 10.16
CA TYR A 484 -4.16 -9.18 11.01
C TYR A 484 -5.29 -9.81 10.20
N ALA A 485 -5.72 -11.01 10.57
CA ALA A 485 -6.93 -11.63 10.01
C ALA A 485 -8.15 -11.23 10.84
N ASN A 486 -9.29 -11.83 10.50
CA ASN A 486 -10.58 -11.77 11.22
C ASN A 486 -11.37 -12.97 10.71
N PRO A 487 -12.34 -13.50 11.47
CA PRO A 487 -13.01 -14.70 10.98
C PRO A 487 -13.60 -14.46 9.60
N PRO A 488 -13.49 -15.47 8.71
CA PRO A 488 -14.07 -15.37 7.37
C PRO A 488 -15.56 -15.71 7.36
N THR A 489 -16.36 -15.01 8.18
CA THR A 489 -17.82 -15.25 8.34
C THR A 489 -18.60 -14.90 7.06
N LEU A 490 -18.03 -14.17 6.12
CA LEU A 490 -18.68 -13.93 4.81
C LEU A 490 -18.87 -15.24 4.02
N PHE A 491 -18.07 -16.27 4.28
CA PHE A 491 -18.24 -17.61 3.65
C PHE A 491 -19.58 -18.23 4.10
N LEU A 492 -20.05 -17.97 5.32
CA LEU A 492 -21.38 -18.47 5.76
C LEU A 492 -22.47 -17.94 4.82
N VAL A 493 -22.40 -16.67 4.45
CA VAL A 493 -23.45 -16.08 3.55
C VAL A 493 -23.38 -16.80 2.21
N LEU A 494 -22.18 -17.06 1.73
CA LEU A 494 -21.92 -17.70 0.42
C LEU A 494 -22.48 -19.12 0.42
N ASP A 495 -22.35 -19.83 1.55
CA ASP A 495 -22.94 -21.18 1.77
C ASP A 495 -24.46 -21.12 1.59
N ASN A 496 -25.12 -20.10 2.13
CA ASN A 496 -26.60 -19.95 2.10
C ASN A 496 -27.00 -19.69 0.65
N PHE A 497 -26.19 -18.90 -0.06
CA PHE A 497 -26.42 -18.57 -1.48
C PHE A 497 -26.33 -19.85 -2.32
N VAL A 498 -25.28 -20.64 -2.11
CA VAL A 498 -25.01 -21.90 -2.86
C VAL A 498 -26.18 -22.88 -2.68
N GLU A 499 -26.66 -23.11 -1.44
CA GLU A 499 -27.83 -23.97 -1.14
C GLU A 499 -29.06 -23.41 -1.87
N ARG A 500 -29.25 -22.09 -1.88
CA ARG A 500 -30.44 -21.49 -2.54
C ARG A 500 -30.30 -21.68 -4.05
N LEU A 501 -29.09 -21.54 -4.60
CA LEU A 501 -28.77 -21.70 -6.05
C LEU A 501 -29.10 -23.12 -6.52
N ARG A 502 -28.70 -24.16 -5.76
CA ARG A 502 -28.85 -25.61 -6.09
C ARG A 502 -30.34 -25.98 -6.09
N LYS A 503 -31.14 -25.53 -5.11
CA LYS A 503 -32.62 -25.73 -5.01
C LYS A 503 -33.38 -24.57 -5.68
N LEU A 517 -40.62 -5.30 -10.10
CA LEU A 517 -39.23 -5.26 -10.66
C LEU A 517 -38.19 -5.25 -9.53
N ASP A 518 -38.40 -4.45 -8.47
CA ASP A 518 -37.58 -4.48 -7.23
C ASP A 518 -37.63 -5.90 -6.65
N GLU A 519 -38.83 -6.48 -6.57
CA GLU A 519 -39.05 -7.89 -6.15
C GLU A 519 -38.19 -8.82 -7.03
N THR A 520 -38.22 -8.63 -8.37
CA THR A 520 -37.52 -9.48 -9.37
C THR A 520 -36.01 -9.37 -9.17
N LEU A 521 -35.48 -8.15 -9.02
CA LEU A 521 -34.04 -7.86 -8.87
C LEU A 521 -33.49 -8.50 -7.59
N SER A 522 -34.26 -8.44 -6.50
CA SER A 522 -33.83 -8.95 -5.17
C SER A 522 -33.44 -10.42 -5.26
N THR A 523 -33.96 -11.21 -6.21
CA THR A 523 -33.66 -12.66 -6.32
C THR A 523 -33.11 -13.08 -7.70
N ALA A 524 -32.82 -12.14 -8.60
CA ALA A 524 -32.33 -12.41 -9.96
C ALA A 524 -31.13 -13.38 -9.96
N SER A 525 -30.25 -13.33 -8.97
CA SER A 525 -29.00 -14.11 -8.93
C SER A 525 -29.26 -15.57 -8.54
N VAL A 526 -30.44 -15.91 -7.99
CA VAL A 526 -30.83 -17.33 -7.73
C VAL A 526 -31.83 -17.81 -8.79
N ASP A 527 -32.73 -16.95 -9.27
CA ASP A 527 -33.80 -17.31 -10.24
C ASP A 527 -33.16 -17.64 -11.60
N ASN A 528 -32.00 -17.02 -11.89
CA ASN A 528 -31.27 -17.13 -13.17
C ASN A 528 -29.94 -17.82 -12.87
N PRO A 529 -29.89 -19.18 -12.95
CA PRO A 529 -28.72 -19.94 -12.53
C PRO A 529 -27.42 -19.48 -13.21
N GLU A 530 -27.50 -19.13 -14.50
CA GLU A 530 -26.34 -18.70 -15.32
C GLU A 530 -25.69 -17.51 -14.61
N VAL A 531 -26.53 -16.60 -14.09
CA VAL A 531 -26.13 -15.33 -13.41
C VAL A 531 -25.43 -15.68 -12.08
N GLY A 532 -26.05 -16.55 -11.27
CA GLY A 532 -25.48 -17.07 -10.01
C GLY A 532 -24.05 -17.56 -10.19
N LEU A 533 -23.86 -18.43 -11.18
CA LEU A 533 -22.57 -19.11 -11.45
C LEU A 533 -21.52 -18.08 -11.87
N GLU A 534 -21.90 -17.13 -12.71
CA GLU A 534 -20.93 -16.13 -13.23
C GLU A 534 -20.44 -15.25 -12.05
N TYR A 535 -21.35 -14.88 -11.14
CA TYR A 535 -20.97 -14.16 -9.90
C TYR A 535 -19.89 -14.98 -9.21
N LEU A 536 -20.14 -16.27 -9.00
CA LEU A 536 -19.23 -17.18 -8.26
C LEU A 536 -17.94 -17.39 -9.06
N ARG A 537 -18.03 -17.60 -10.39
CA ARG A 537 -16.84 -17.77 -11.26
C ARG A 537 -15.87 -16.60 -11.01
N ARG A 538 -16.39 -15.37 -10.98
CA ARG A 538 -15.59 -14.12 -10.86
C ARG A 538 -15.02 -13.95 -9.44
N LEU A 539 -15.77 -14.35 -8.41
CA LEU A 539 -15.38 -14.16 -6.99
C LEU A 539 -14.43 -15.27 -6.56
N TYR A 540 -14.64 -16.49 -7.10
CA TYR A 540 -13.97 -17.75 -6.71
C TYR A 540 -12.46 -17.55 -6.53
N PRO A 541 -11.73 -16.95 -7.49
CA PRO A 541 -10.29 -16.77 -7.33
C PRO A 541 -9.92 -15.99 -6.06
N LEU A 542 -10.76 -15.03 -5.64
CA LEU A 542 -10.43 -14.12 -4.51
C LEU A 542 -10.67 -14.89 -3.21
N LEU A 543 -11.69 -15.75 -3.20
CA LEU A 543 -11.93 -16.70 -2.09
C LEU A 543 -10.69 -17.58 -1.96
N ARG A 544 -10.25 -18.19 -3.07
CA ARG A 544 -9.04 -19.06 -3.08
C ARG A 544 -7.84 -18.26 -2.55
N ARG A 545 -7.64 -17.04 -3.05
CA ARG A 545 -6.51 -16.20 -2.61
C ARG A 545 -6.58 -15.97 -1.10
N GLN A 546 -7.77 -15.69 -0.56
CA GLN A 546 -7.90 -15.43 0.90
C GLN A 546 -7.57 -16.71 1.66
N PHE A 547 -8.05 -17.85 1.18
CA PHE A 547 -7.77 -19.18 1.81
C PHE A 547 -6.25 -19.35 1.90
N ASP A 548 -5.55 -19.09 0.78
CA ASP A 548 -4.07 -19.28 0.63
C ASP A 548 -3.37 -18.29 1.54
N TRP A 549 -3.94 -17.09 1.72
CA TRP A 549 -3.37 -16.02 2.59
C TRP A 549 -3.41 -16.44 4.05
N PHE A 550 -4.52 -17.04 4.51
CA PHE A 550 -4.66 -17.56 5.90
C PHE A 550 -3.54 -18.59 6.16
N ARG A 551 -3.36 -19.50 5.20
CA ARG A 551 -2.41 -20.64 5.30
C ARG A 551 -0.96 -20.14 5.25
N LYS A 552 -0.65 -19.04 4.56
CA LYS A 552 0.74 -18.48 4.55
C LYS A 552 0.94 -17.62 5.81
N THR A 553 -0.04 -16.81 6.22
CA THR A 553 0.22 -15.73 7.20
C THR A 553 -0.18 -16.15 8.62
N GLN A 554 -1.17 -17.05 8.75
CA GLN A 554 -1.72 -17.45 10.09
C GLN A 554 -1.33 -18.91 10.46
N ALA A 555 -0.23 -19.43 9.92
CA ALA A 555 0.22 -20.83 10.05
C ALA A 555 0.75 -21.08 11.46
N GLY A 556 0.41 -22.24 12.04
CA GLY A 556 1.04 -22.69 13.29
C GLY A 556 2.23 -23.60 13.03
N ASP A 557 3.03 -23.81 14.08
CA ASP A 557 4.28 -24.62 14.07
C ASP A 557 4.02 -26.00 14.70
N ILE A 558 3.79 -26.99 13.84
CA ILE A 558 3.84 -28.44 14.21
C ILE A 558 5.28 -28.95 14.30
N LYS A 559 6.12 -28.71 13.27
CA LYS A 559 7.37 -29.50 13.01
C LYS A 559 8.51 -29.15 13.97
N SER A 560 8.57 -27.95 14.53
CA SER A 560 9.78 -27.51 15.27
C SER A 560 9.68 -27.96 16.75
N TYR A 561 8.67 -28.75 17.09
CA TYR A 561 8.34 -29.13 18.50
C TYR A 561 8.04 -30.63 18.54
N ASP A 562 7.99 -31.23 19.74
CA ASP A 562 7.55 -32.64 19.99
C ASP A 562 6.03 -32.73 19.83
N ARG A 563 5.53 -32.67 18.59
CA ARG A 563 4.08 -32.69 18.24
C ARG A 563 3.84 -33.81 17.24
N GLU A 564 2.90 -34.69 17.57
CA GLU A 564 2.45 -35.83 16.73
C GLU A 564 1.01 -35.52 16.33
N ALA A 565 0.66 -35.79 15.07
CA ALA A 565 -0.67 -35.54 14.50
C ALA A 565 -0.72 -36.15 13.11
N TYR A 566 -1.92 -36.45 12.61
CA TYR A 566 -2.18 -37.04 11.28
C TYR A 566 -1.48 -36.23 10.18
N SER A 567 -1.71 -34.92 10.14
CA SER A 567 -1.17 -33.98 9.12
C SER A 567 -0.03 -33.15 9.69
N THR A 568 1.03 -32.98 8.90
CA THR A 568 2.20 -32.12 9.23
C THR A 568 1.87 -30.65 8.91
N LYS A 569 0.84 -30.40 8.10
CA LYS A 569 0.50 -29.10 7.47
C LYS A 569 -0.50 -28.31 8.34
N GLU A 570 -1.59 -28.92 8.82
CA GLU A 570 -2.81 -28.22 9.34
C GLU A 570 -2.65 -27.78 10.81
N ALA A 571 -2.30 -26.53 11.03
CA ALA A 571 -2.09 -25.91 12.35
C ALA A 571 -2.15 -24.38 12.18
N TYR A 572 -2.88 -23.67 13.05
CA TYR A 572 -3.12 -22.23 12.84
C TYR A 572 -2.90 -21.49 14.15
N ARG A 573 -2.36 -20.29 14.03
CA ARG A 573 -2.21 -19.33 15.14
C ARG A 573 -2.52 -17.93 14.60
N TRP A 574 -3.52 -17.26 15.18
CA TRP A 574 -3.85 -15.82 15.03
C TRP A 574 -2.62 -14.96 15.33
N ARG A 575 -2.18 -14.16 14.37
CA ARG A 575 -1.18 -13.10 14.63
C ARG A 575 -1.88 -11.96 15.39
N GLY A 576 -1.15 -11.20 16.18
CA GLY A 576 -1.62 -9.89 16.66
C GLY A 576 -1.93 -9.93 18.14
N ARG A 577 -1.55 -11.01 18.81
CA ARG A 577 -2.12 -11.23 20.13
C ARG A 577 -1.15 -10.57 21.12
N THR A 578 -1.70 -10.02 22.18
CA THR A 578 -0.93 -9.34 23.24
C THR A 578 -1.14 -10.17 24.50
N VAL A 579 -0.52 -9.78 25.62
CA VAL A 579 -0.59 -10.53 26.91
C VAL A 579 -2.09 -10.77 27.22
N SER A 580 -2.92 -9.73 27.08
CA SER A 580 -4.29 -9.72 27.63
C SER A 580 -5.36 -9.95 26.55
N HIS A 581 -5.00 -9.93 25.27
CA HIS A 581 -5.95 -9.75 24.15
C HIS A 581 -5.57 -10.61 22.96
N CYS A 582 -6.59 -10.99 22.16
CA CYS A 582 -6.46 -11.46 20.74
C CYS A 582 -7.55 -10.83 19.86
N LEU A 583 -7.35 -9.57 19.44
CA LEU A 583 -8.36 -8.74 18.75
C LEU A 583 -8.73 -9.37 17.40
N THR A 584 -7.81 -10.07 16.74
CA THR A 584 -8.05 -10.54 15.36
C THR A 584 -9.02 -11.74 15.37
N SER A 585 -9.13 -12.45 16.48
CA SER A 585 -10.08 -13.62 16.58
C SER A 585 -11.53 -13.12 16.61
N GLY A 586 -11.74 -11.89 17.07
CA GLY A 586 -13.10 -11.36 17.30
C GLY A 586 -13.47 -11.45 18.77
N LEU A 587 -12.84 -12.34 19.54
CA LEU A 587 -13.17 -12.55 20.97
C LEU A 587 -12.09 -11.89 21.83
N ASP A 588 -12.18 -10.57 21.93
CA ASP A 588 -11.10 -9.65 22.32
C ASP A 588 -10.33 -10.24 23.50
N ASP A 589 -10.96 -10.44 24.66
CA ASP A 589 -10.25 -10.82 25.91
C ASP A 589 -10.62 -12.24 26.32
N TYR A 590 -11.11 -13.09 25.42
CA TYR A 590 -11.30 -14.51 25.78
C TYR A 590 -9.93 -15.01 26.23
N PRO A 591 -9.84 -15.73 27.36
CA PRO A 591 -8.54 -16.16 27.90
C PRO A 591 -7.85 -17.14 26.95
N ARG A 592 -6.56 -16.91 26.71
CA ARG A 592 -5.72 -17.70 25.78
C ARG A 592 -4.49 -18.16 26.56
N PRO A 593 -3.67 -19.11 26.03
CA PRO A 593 -2.44 -19.50 26.71
C PRO A 593 -1.66 -18.29 27.23
N GLN A 594 -1.23 -18.34 28.50
CA GLN A 594 -0.27 -17.36 29.08
C GLN A 594 1.05 -18.08 29.33
N PRO A 595 2.21 -17.46 28.99
CA PRO A 595 2.23 -16.23 28.20
C PRO A 595 1.95 -16.57 26.72
N PRO A 596 1.70 -15.58 25.85
CA PRO A 596 1.55 -15.85 24.43
C PRO A 596 2.88 -16.42 23.91
N HIS A 597 2.88 -17.16 22.81
CA HIS A 597 4.01 -18.03 22.48
C HIS A 597 3.87 -18.44 21.03
N PRO A 598 5.00 -18.44 20.28
CA PRO A 598 4.96 -18.70 18.83
C PRO A 598 4.47 -20.11 18.53
N GLY A 599 4.55 -20.98 19.54
CA GLY A 599 4.05 -22.37 19.43
C GLY A 599 2.55 -22.52 19.70
N GLU A 600 1.85 -21.45 20.15
CA GLU A 600 0.38 -21.48 20.34
C GLU A 600 -0.29 -22.03 19.09
N LEU A 601 -1.39 -22.76 19.28
CA LEU A 601 -2.35 -23.14 18.21
C LEU A 601 -3.76 -22.80 18.69
N HIS A 602 -4.61 -22.24 17.81
CA HIS A 602 -5.92 -21.68 18.19
C HIS A 602 -7.02 -22.51 17.51
N VAL A 603 -7.96 -23.05 18.29
CA VAL A 603 -8.88 -24.10 17.75
C VAL A 603 -9.98 -23.41 16.93
N ASP A 604 -10.35 -22.19 17.35
CA ASP A 604 -11.31 -21.35 16.58
C ASP A 604 -10.77 -21.10 15.18
N LEU A 605 -9.53 -20.66 15.06
CA LEU A 605 -8.91 -20.40 13.73
C LEU A 605 -8.90 -21.67 12.87
N MET A 606 -8.44 -22.82 13.39
CA MET A 606 -8.46 -24.07 12.57
C MET A 606 -9.89 -24.33 12.06
N SER A 607 -10.90 -24.15 12.92
CA SER A 607 -12.32 -24.39 12.57
C SER A 607 -12.77 -23.42 11.47
N TRP A 608 -12.34 -22.16 11.52
CA TRP A 608 -12.71 -21.17 10.46
C TRP A 608 -12.07 -21.59 9.12
N VAL A 609 -10.82 -22.06 9.15
CA VAL A 609 -10.18 -22.62 7.94
C VAL A 609 -11.01 -23.80 7.41
N GLY A 610 -11.54 -24.65 8.30
CA GLY A 610 -12.48 -25.72 7.91
C GLY A 610 -13.72 -25.17 7.22
N VAL A 611 -14.27 -24.08 7.76
CA VAL A 611 -15.47 -23.40 7.16
C VAL A 611 -15.13 -23.03 5.71
N MET A 612 -13.96 -22.43 5.46
CA MET A 612 -13.56 -21.97 4.10
C MET A 612 -13.41 -23.18 3.16
N VAL A 613 -12.69 -24.24 3.55
CA VAL A 613 -12.49 -25.41 2.63
C VAL A 613 -13.86 -25.93 2.22
N LYS A 614 -14.76 -26.08 3.17
CA LYS A 614 -16.07 -26.69 2.91
C LYS A 614 -16.77 -25.88 1.83
N SER A 615 -16.61 -24.55 1.83
CA SER A 615 -17.27 -23.58 0.90
C SER A 615 -16.60 -23.68 -0.46
N LEU A 616 -15.27 -23.77 -0.47
CA LEU A 616 -14.45 -23.89 -1.70
C LEU A 616 -14.79 -25.23 -2.38
N ILE A 617 -14.93 -26.33 -1.64
CA ILE A 617 -15.43 -27.64 -2.18
C ILE A 617 -16.77 -27.40 -2.90
N SER A 618 -17.77 -26.78 -2.28
CA SER A 618 -19.11 -26.56 -2.90
C SER A 618 -18.96 -25.73 -4.19
N ILE A 619 -18.20 -24.63 -4.12
CA ILE A 619 -18.14 -23.59 -5.21
C ILE A 619 -17.21 -24.12 -6.32
N GLY A 620 -16.03 -24.65 -5.95
CA GLY A 620 -15.16 -25.42 -6.86
C GLY A 620 -15.94 -26.47 -7.65
N SER A 621 -16.68 -27.36 -6.98
CA SER A 621 -17.50 -28.42 -7.62
C SER A 621 -18.39 -27.76 -8.67
N LEU A 622 -19.05 -26.66 -8.32
CA LEU A 622 -20.06 -26.00 -9.17
C LEU A 622 -19.42 -25.51 -10.46
N LEU A 623 -18.18 -25.02 -10.40
CA LEU A 623 -17.42 -24.45 -11.53
C LEU A 623 -16.58 -25.54 -12.23
N GLY A 624 -16.67 -26.79 -11.76
CA GLY A 624 -15.88 -27.93 -12.27
C GLY A 624 -14.38 -27.68 -12.14
N ALA A 625 -13.92 -27.09 -11.03
CA ALA A 625 -12.48 -26.84 -10.73
C ALA A 625 -11.85 -28.08 -10.08
N THR A 626 -11.79 -29.17 -10.83
CA THR A 626 -11.52 -30.56 -10.35
C THR A 626 -10.24 -30.64 -9.52
N GLU A 627 -9.11 -30.10 -10.03
CA GLU A 627 -7.77 -30.18 -9.37
C GLU A 627 -7.86 -29.51 -7.99
N ASP A 628 -8.57 -28.39 -7.91
CA ASP A 628 -8.78 -27.59 -6.67
C ASP A 628 -9.54 -28.44 -5.66
N VAL A 629 -10.65 -29.04 -6.08
CA VAL A 629 -11.56 -29.83 -5.19
C VAL A 629 -10.81 -31.04 -4.60
N GLU A 630 -9.93 -31.70 -5.37
CA GLU A 630 -9.11 -32.84 -4.87
C GLU A 630 -8.20 -32.32 -3.74
N PHE A 631 -7.61 -31.13 -3.89
CA PHE A 631 -6.73 -30.51 -2.87
C PHE A 631 -7.55 -30.14 -1.62
N TYR A 632 -8.63 -29.39 -1.79
CA TYR A 632 -9.53 -28.95 -0.68
C TYR A 632 -9.96 -30.17 0.11
N THR A 633 -10.48 -31.20 -0.57
CA THR A 633 -10.95 -32.49 0.02
C THR A 633 -9.87 -33.06 0.94
N LYS A 634 -8.60 -33.05 0.51
CA LYS A 634 -7.47 -33.62 1.28
C LYS A 634 -7.16 -32.72 2.49
N VAL A 635 -7.24 -31.40 2.33
CA VAL A 635 -7.06 -30.41 3.44
C VAL A 635 -8.16 -30.61 4.52
N LEU A 636 -9.42 -30.71 4.10
CA LEU A 636 -10.58 -30.90 5.01
C LEU A 636 -10.34 -32.17 5.85
N ASP A 637 -10.12 -33.29 5.16
CA ASP A 637 -9.80 -34.59 5.80
C ASP A 637 -8.74 -34.34 6.88
N ALA A 638 -7.71 -33.53 6.60
CA ALA A 638 -6.54 -33.33 7.51
C ALA A 638 -6.94 -32.50 8.73
N ILE A 639 -7.79 -31.50 8.55
CA ILE A 639 -8.26 -30.63 9.67
C ILE A 639 -9.13 -31.47 10.60
N GLU A 640 -10.00 -32.32 10.04
CA GLU A 640 -10.89 -33.23 10.84
C GLU A 640 -10.02 -34.04 11.80
N HIS A 641 -8.94 -34.68 11.31
CA HIS A 641 -8.03 -35.51 12.14
C HIS A 641 -7.30 -34.61 13.12
N ASN A 642 -6.78 -33.47 12.65
CA ASN A 642 -5.83 -32.63 13.44
C ASN A 642 -6.58 -31.86 14.51
N LEU A 643 -7.88 -31.60 14.34
CA LEU A 643 -8.67 -30.96 15.41
C LEU A 643 -8.65 -31.88 16.64
N ASP A 644 -8.83 -33.18 16.41
CA ASP A 644 -8.75 -34.23 17.46
C ASP A 644 -7.30 -34.32 17.98
N ASP A 645 -6.28 -34.51 17.12
CA ASP A 645 -4.91 -34.87 17.58
C ASP A 645 -4.30 -33.69 18.32
N LEU A 646 -4.57 -32.45 17.90
CA LEU A 646 -3.90 -31.26 18.49
C LEU A 646 -4.76 -30.54 19.53
N HIS A 647 -6.10 -30.64 19.43
CA HIS A 647 -7.02 -29.74 20.17
C HIS A 647 -7.97 -30.49 21.12
N TRP A 648 -8.41 -31.71 20.82
CA TRP A 648 -9.34 -32.46 21.70
C TRP A 648 -8.68 -32.82 23.05
N SER A 649 -9.32 -32.45 24.17
CA SER A 649 -8.95 -32.92 25.53
C SER A 649 -9.97 -33.97 26.01
N GLU A 650 -9.54 -35.22 26.12
CA GLU A 650 -10.31 -36.33 26.77
C GLU A 650 -10.51 -36.00 28.26
N LYS A 651 -9.48 -35.54 28.98
CA LYS A 651 -9.59 -35.18 30.42
C LYS A 651 -10.80 -34.25 30.61
N GLU A 652 -10.91 -33.19 29.81
CA GLU A 652 -11.83 -32.05 30.09
C GLU A 652 -13.13 -32.22 29.30
N GLY A 653 -13.14 -33.08 28.27
CA GLY A 653 -14.34 -33.32 27.43
C GLY A 653 -14.74 -32.13 26.57
N CYS A 654 -13.78 -31.50 25.87
CA CYS A 654 -14.01 -30.36 24.93
C CYS A 654 -12.73 -30.00 24.15
N TYR A 655 -12.84 -29.13 23.14
CA TYR A 655 -11.70 -28.65 22.36
C TYR A 655 -11.03 -27.50 23.13
N CYS A 656 -9.73 -27.38 22.90
CA CYS A 656 -8.82 -26.49 23.64
C CYS A 656 -7.79 -25.89 22.68
N ASP A 657 -7.39 -24.64 22.93
CA ASP A 657 -6.17 -24.02 22.38
C ASP A 657 -4.99 -24.78 22.97
N ALA A 658 -3.79 -24.63 22.40
CA ALA A 658 -2.55 -25.35 22.77
C ALA A 658 -1.39 -24.35 22.87
N THR A 659 -0.44 -24.58 23.78
CA THR A 659 0.87 -23.88 23.80
C THR A 659 2.03 -24.90 23.68
N ILE A 660 3.21 -24.40 24.02
CA ILE A 660 4.43 -25.15 24.33
C ILE A 660 4.84 -24.75 25.76
N ASP A 661 4.96 -25.80 26.60
CA ASP A 661 5.49 -25.87 28.00
C ASP A 661 6.74 -25.02 28.22
N GLU A 662 7.08 -24.75 29.49
CA GLU A 662 8.44 -24.33 29.95
C GLU A 662 9.50 -25.34 29.45
N PHE A 663 9.15 -26.63 29.30
CA PHE A 663 10.05 -27.75 28.90
C PHE A 663 9.77 -28.17 27.44
N GLU A 664 9.16 -27.31 26.65
CA GLU A 664 9.07 -27.41 25.16
C GLU A 664 8.17 -28.59 24.70
N GLU A 665 7.20 -29.01 25.51
CA GLU A 665 6.17 -30.01 25.07
C GLU A 665 4.81 -29.30 24.85
N HIS A 666 4.00 -29.85 23.94
CA HIS A 666 2.58 -29.52 23.66
C HIS A 666 1.74 -29.62 24.93
N LYS A 667 1.20 -28.50 25.43
CA LYS A 667 0.21 -28.44 26.56
C LYS A 667 -1.12 -27.91 26.01
N LEU A 668 -2.22 -28.62 26.22
CA LEU A 668 -3.59 -28.10 26.05
C LEU A 668 -3.85 -27.05 27.14
N VAL A 669 -4.51 -25.96 26.79
CA VAL A 669 -4.95 -24.92 27.76
C VAL A 669 -6.48 -24.81 27.58
N CYS A 670 -7.25 -25.25 28.58
CA CYS A 670 -8.73 -25.37 28.47
C CYS A 670 -9.41 -24.29 29.31
N HIS A 671 -10.12 -23.42 28.62
CA HIS A 671 -11.01 -22.43 29.27
C HIS A 671 -12.38 -22.68 28.68
N LYS A 672 -13.26 -23.27 29.48
CA LYS A 672 -14.59 -23.77 29.01
C LYS A 672 -15.44 -22.56 28.61
N GLY A 673 -15.86 -22.51 27.37
CA GLY A 673 -16.61 -21.36 26.82
C GLY A 673 -16.76 -21.48 25.32
N TYR A 674 -17.05 -20.36 24.65
CA TYR A 674 -17.35 -20.35 23.20
C TYR A 674 -16.25 -21.08 22.43
N ILE A 675 -14.99 -20.82 22.78
CA ILE A 675 -13.81 -21.34 22.05
C ILE A 675 -13.91 -22.87 22.06
N SER A 676 -14.24 -23.43 23.23
CA SER A 676 -14.31 -24.89 23.54
C SER A 676 -15.25 -25.61 22.60
N LEU A 677 -16.23 -24.89 22.04
CA LEU A 677 -17.34 -25.46 21.23
C LEU A 677 -17.08 -25.31 19.73
N PHE A 678 -15.97 -24.68 19.35
CA PHE A 678 -15.88 -24.04 18.01
C PHE A 678 -16.07 -25.06 16.89
N PRO A 679 -15.51 -26.28 16.92
CA PRO A 679 -15.73 -27.23 15.82
C PRO A 679 -17.20 -27.64 15.63
N PHE A 680 -17.96 -27.59 16.73
CA PHE A 680 -19.45 -27.76 16.69
C PHE A 680 -20.08 -26.52 16.03
N LEU A 681 -19.71 -25.30 16.47
CA LEU A 681 -20.38 -24.03 16.06
C LEU A 681 -20.22 -23.83 14.54
N THR A 682 -19.10 -24.30 13.97
CA THR A 682 -18.72 -24.09 12.54
C THR A 682 -19.13 -25.30 11.68
N GLY A 683 -19.83 -26.27 12.25
CA GLY A 683 -20.46 -27.38 11.49
C GLY A 683 -19.46 -28.42 11.00
N LEU A 684 -18.42 -28.76 11.78
CA LEU A 684 -17.33 -29.67 11.34
C LEU A 684 -17.53 -31.12 11.83
N LEU A 685 -18.31 -31.32 12.91
CA LEU A 685 -18.50 -32.64 13.59
C LEU A 685 -19.64 -33.43 12.94
N LYS A 686 -19.45 -34.74 12.74
CA LYS A 686 -20.53 -35.68 12.28
C LYS A 686 -21.62 -35.79 13.36
N PRO A 687 -22.92 -35.90 12.97
CA PRO A 687 -24.01 -35.96 13.95
C PRO A 687 -23.95 -37.13 14.94
N ASP A 688 -23.10 -38.13 14.67
CA ASP A 688 -22.97 -39.38 15.47
C ASP A 688 -21.73 -39.27 16.35
N SER A 689 -21.01 -38.15 16.33
CA SER A 689 -19.69 -38.06 17.00
C SER A 689 -19.87 -38.14 18.50
N PRO A 690 -19.19 -39.07 19.20
CA PRO A 690 -19.10 -39.03 20.66
C PRO A 690 -18.64 -37.68 21.24
N LYS A 691 -17.74 -36.98 20.54
CA LYS A 691 -17.19 -35.70 21.01
C LYS A 691 -18.34 -34.67 21.05
N LEU A 692 -19.17 -34.67 20.01
CA LEU A 692 -20.40 -33.83 19.89
C LEU A 692 -21.27 -34.03 21.15
N GLY A 693 -21.57 -35.28 21.50
CA GLY A 693 -22.35 -35.64 22.70
C GLY A 693 -21.77 -35.00 23.96
N LYS A 694 -20.45 -35.00 24.11
CA LYS A 694 -19.80 -34.41 25.30
C LYS A 694 -19.96 -32.88 25.27
N LEU A 695 -20.00 -32.27 24.08
CA LEU A 695 -20.11 -30.82 23.89
C LEU A 695 -21.55 -30.40 24.18
N LEU A 696 -22.51 -31.24 23.80
CA LEU A 696 -23.96 -31.01 24.12
C LEU A 696 -24.15 -31.02 25.63
N ALA A 697 -23.44 -31.90 26.33
CA ALA A 697 -23.39 -31.95 27.81
C ALA A 697 -22.83 -30.63 28.36
N LEU A 698 -21.77 -30.11 27.77
CA LEU A 698 -21.18 -28.81 28.20
C LEU A 698 -22.15 -27.66 27.92
N ILE A 699 -22.79 -27.64 26.75
CA ILE A 699 -23.70 -26.54 26.34
C ILE A 699 -24.88 -26.47 27.32
N GLY A 700 -25.48 -27.63 27.63
CA GLY A 700 -26.68 -27.76 28.47
C GLY A 700 -26.43 -27.52 29.96
N ASP A 701 -25.18 -27.59 30.42
CA ASP A 701 -24.80 -27.60 31.86
C ASP A 701 -24.92 -26.20 32.46
N GLU A 702 -25.90 -25.99 33.34
CA GLU A 702 -26.19 -24.68 33.98
C GLU A 702 -24.96 -24.18 34.75
N SER A 703 -24.16 -25.08 35.31
CA SER A 703 -23.05 -24.74 36.23
C SER A 703 -21.86 -24.25 35.40
N GLU A 704 -21.88 -24.47 34.07
CA GLU A 704 -20.82 -24.02 33.12
C GLU A 704 -21.34 -22.85 32.22
N LEU A 705 -21.93 -23.15 31.06
CA LEU A 705 -22.27 -22.19 29.99
C LEU A 705 -23.74 -21.76 30.06
N TRP A 706 -24.66 -22.59 30.56
CA TRP A 706 -26.10 -22.43 30.26
C TRP A 706 -26.72 -21.50 31.30
N SER A 707 -27.12 -20.32 30.87
CA SER A 707 -27.82 -19.35 31.73
C SER A 707 -29.26 -19.29 31.23
N PRO A 708 -30.17 -18.76 32.02
CA PRO A 708 -31.55 -18.60 31.57
C PRO A 708 -31.67 -17.64 30.39
N TYR A 709 -30.62 -16.83 30.14
CA TYR A 709 -30.65 -15.72 29.14
C TYR A 709 -29.87 -16.08 27.87
N GLY A 710 -29.29 -17.29 27.80
CA GLY A 710 -28.43 -17.75 26.69
C GLY A 710 -27.13 -18.37 27.20
N LEU A 711 -26.28 -18.83 26.29
CA LEU A 711 -24.93 -19.35 26.60
C LEU A 711 -24.00 -18.21 26.99
N ARG A 712 -23.31 -18.39 28.12
CA ARG A 712 -22.18 -17.58 28.63
C ARG A 712 -20.97 -17.76 27.71
N SER A 713 -20.26 -16.66 27.45
CA SER A 713 -19.02 -16.62 26.63
C SER A 713 -17.95 -17.48 27.32
N LEU A 714 -17.90 -17.45 28.66
CA LEU A 714 -16.97 -18.24 29.52
C LEU A 714 -17.73 -18.92 30.66
N SER A 715 -17.31 -20.13 31.05
CA SER A 715 -17.87 -20.92 32.18
C SER A 715 -17.72 -20.18 33.51
N LYS A 716 -18.76 -20.25 34.37
CA LYS A 716 -18.69 -19.77 35.77
C LYS A 716 -17.57 -20.52 36.50
N LYS A 717 -17.20 -21.70 36.02
CA LYS A 717 -16.18 -22.56 36.68
C LYS A 717 -14.78 -22.07 36.30
N ASP A 718 -14.60 -21.41 35.15
CA ASP A 718 -13.26 -21.01 34.68
C ASP A 718 -12.69 -19.99 35.67
N GLU A 719 -11.38 -20.03 35.91
CA GLU A 719 -10.72 -19.08 36.86
C GLU A 719 -10.88 -17.64 36.38
N PHE A 720 -11.05 -17.42 35.07
CA PHE A 720 -11.08 -16.05 34.47
C PHE A 720 -12.51 -15.52 34.25
N TYR A 721 -13.54 -16.19 34.80
CA TYR A 721 -14.96 -15.73 34.77
C TYR A 721 -15.11 -14.37 35.43
N GLY A 722 -15.65 -13.39 34.70
CA GLY A 722 -15.98 -12.08 35.26
C GLY A 722 -14.74 -11.30 35.68
N THR A 723 -13.56 -11.64 35.15
CA THR A 723 -12.27 -10.97 35.46
C THR A 723 -11.92 -9.90 34.39
N ALA A 724 -11.12 -8.92 34.78
CA ALA A 724 -10.52 -7.86 33.92
C ALA A 724 -11.65 -7.03 33.30
N GLU A 725 -11.63 -6.83 32.00
CA GLU A 725 -12.62 -5.94 31.34
C GLU A 725 -13.91 -6.75 31.12
N ASN A 726 -13.82 -8.07 31.25
CA ASN A 726 -15.01 -8.97 31.27
C ASN A 726 -15.80 -8.76 29.99
N TYR A 727 -15.14 -8.70 28.83
CA TYR A 727 -15.86 -8.43 27.56
C TYR A 727 -16.39 -9.77 27.04
N TRP A 728 -15.49 -10.73 26.88
CA TRP A 728 -15.84 -12.07 26.36
C TRP A 728 -15.60 -13.10 27.45
N ARG A 729 -15.69 -12.72 28.72
CA ARG A 729 -15.35 -13.59 29.87
C ARG A 729 -16.55 -13.91 30.76
N SER A 730 -17.78 -13.79 30.24
CA SER A 730 -19.04 -14.15 30.95
C SER A 730 -20.24 -13.75 30.11
N PRO A 731 -20.30 -12.53 29.54
CA PRO A 731 -21.54 -12.07 28.90
C PRO A 731 -22.04 -12.96 27.75
N VAL A 732 -23.34 -12.84 27.45
CA VAL A 732 -24.05 -13.58 26.38
C VAL A 732 -24.00 -12.71 25.11
N TRP A 733 -23.51 -13.29 24.02
CA TRP A 733 -23.25 -12.63 22.71
C TRP A 733 -24.16 -13.30 21.71
N ILE A 734 -24.98 -12.53 21.02
CA ILE A 734 -26.06 -13.12 20.18
C ILE A 734 -25.44 -13.79 18.96
N ASN A 735 -24.26 -13.36 18.47
CA ASN A 735 -23.71 -13.96 17.22
C ASN A 735 -23.27 -15.43 17.48
N ILE A 736 -22.62 -15.71 18.59
CA ILE A 736 -22.15 -17.08 18.92
C ILE A 736 -23.36 -17.96 19.34
N ASN A 737 -24.31 -17.39 20.10
CA ASN A 737 -25.60 -18.07 20.37
C ASN A 737 -26.32 -18.45 19.07
N TYR A 738 -26.29 -17.58 18.05
CA TYR A 738 -26.95 -17.83 16.74
C TYR A 738 -26.32 -19.08 16.12
N LEU A 739 -25.00 -19.20 16.16
CA LEU A 739 -24.31 -20.34 15.52
C LEU A 739 -24.69 -21.63 16.25
N ALA A 740 -24.67 -21.61 17.59
CA ALA A 740 -25.09 -22.74 18.45
C ALA A 740 -26.55 -23.11 18.12
N ILE A 741 -27.44 -22.13 17.98
CA ILE A 741 -28.88 -22.40 17.72
C ILE A 741 -29.01 -23.15 16.40
N VAL A 742 -28.26 -22.75 15.37
CA VAL A 742 -28.39 -23.31 13.99
C VAL A 742 -27.82 -24.74 13.95
N GLN A 743 -26.73 -25.01 14.67
CA GLN A 743 -26.09 -26.34 14.71
C GLN A 743 -26.96 -27.31 15.53
N LEU A 744 -27.53 -26.87 16.65
CA LEU A 744 -28.47 -27.69 17.45
C LEU A 744 -29.63 -28.12 16.55
N TYR A 745 -30.21 -27.18 15.79
CA TYR A 745 -31.37 -27.43 14.90
C TYR A 745 -30.98 -28.43 13.80
N ASN A 746 -29.74 -28.38 13.34
CA ASN A 746 -29.25 -29.25 12.25
C ASN A 746 -29.31 -30.69 12.77
N ILE A 747 -28.82 -30.92 13.98
CA ILE A 747 -28.74 -32.26 14.64
C ILE A 747 -30.16 -32.70 15.01
N ALA A 748 -31.01 -31.76 15.41
CA ALA A 748 -32.41 -32.01 15.85
C ALA A 748 -33.28 -32.54 14.69
N THR A 749 -32.96 -32.25 13.42
CA THR A 749 -33.82 -32.58 12.25
C THR A 749 -33.14 -33.65 11.39
N GLN A 750 -32.55 -34.64 12.05
CA GLN A 750 -31.68 -35.67 11.44
C GLN A 750 -31.64 -36.91 12.34
N ASP A 751 -31.75 -38.11 11.74
CA ASP A 751 -31.55 -39.41 12.42
C ASP A 751 -30.16 -39.38 13.08
N GLY A 752 -30.09 -39.79 14.36
CA GLY A 752 -28.85 -39.99 15.11
C GLY A 752 -29.09 -40.09 16.61
N PRO A 753 -28.05 -40.38 17.41
CA PRO A 753 -28.21 -40.54 18.85
C PRO A 753 -28.55 -39.28 19.68
N TYR A 754 -28.32 -38.08 19.15
CA TYR A 754 -28.42 -36.83 19.93
C TYR A 754 -29.59 -35.98 19.40
N LYS A 755 -30.29 -36.49 18.39
CA LYS A 755 -31.50 -35.83 17.82
C LYS A 755 -32.35 -35.18 18.91
N GLU A 756 -32.72 -35.93 19.96
CA GLU A 756 -33.74 -35.49 20.97
C GLU A 756 -33.08 -34.55 21.98
N THR A 757 -31.82 -34.80 22.40
CA THR A 757 -31.03 -33.86 23.23
C THR A 757 -30.97 -32.49 22.52
N ALA A 758 -30.63 -32.50 21.23
CA ALA A 758 -30.51 -31.32 20.36
C ALA A 758 -31.87 -30.60 20.28
N ARG A 759 -32.94 -31.34 20.02
CA ARG A 759 -34.31 -30.76 19.94
C ARG A 759 -34.58 -29.99 21.23
N ASP A 760 -34.30 -30.56 22.40
CA ASP A 760 -34.66 -29.90 23.69
C ASP A 760 -33.81 -28.62 23.84
N LEU A 761 -32.49 -28.71 23.63
CA LEU A 761 -31.54 -27.57 23.75
C LEU A 761 -31.87 -26.46 22.74
N TYR A 762 -32.17 -26.83 21.48
CA TYR A 762 -32.58 -25.90 20.41
C TYR A 762 -33.80 -25.11 20.91
N THR A 763 -34.84 -25.80 21.36
CA THR A 763 -36.16 -25.20 21.72
C THR A 763 -35.92 -24.16 22.80
N ARG A 764 -35.16 -24.52 23.82
CA ARG A 764 -34.97 -23.71 25.03
C ARG A 764 -34.04 -22.54 24.72
N LEU A 765 -32.96 -22.77 23.95
CA LEU A 765 -31.94 -21.73 23.68
C LEU A 765 -32.55 -20.64 22.79
N ARG A 766 -33.23 -21.01 21.71
CA ARG A 766 -34.02 -20.08 20.86
C ARG A 766 -34.94 -19.19 21.71
N LYS A 767 -35.65 -19.83 22.63
CA LYS A 767 -36.65 -19.16 23.51
C LYS A 767 -35.90 -18.18 24.40
N ASN A 768 -34.82 -18.63 25.05
CA ASN A 768 -34.08 -17.81 26.04
C ASN A 768 -33.49 -16.58 25.34
N ILE A 769 -32.74 -16.78 24.27
CA ILE A 769 -32.09 -15.70 23.46
C ILE A 769 -33.15 -14.72 22.95
N VAL A 770 -34.18 -15.21 22.27
CA VAL A 770 -35.22 -14.28 21.75
C VAL A 770 -35.83 -13.47 22.90
N GLU A 771 -36.21 -14.09 24.01
CA GLU A 771 -36.96 -13.40 25.08
C GLU A 771 -36.04 -12.36 25.75
N THR A 772 -34.75 -12.66 25.88
CA THR A 772 -33.79 -11.74 26.54
C THR A 772 -33.69 -10.44 25.72
N VAL A 773 -33.50 -10.58 24.41
CA VAL A 773 -33.36 -9.44 23.47
C VAL A 773 -34.70 -8.72 23.45
N TYR A 774 -35.81 -9.47 23.33
CA TYR A 774 -37.16 -8.85 23.32
C TYR A 774 -37.42 -8.08 24.62
N ARG A 775 -37.23 -8.69 25.79
CA ARG A 775 -37.56 -8.03 27.09
C ARG A 775 -36.80 -6.69 27.17
N ASN A 776 -35.53 -6.70 26.73
CA ASN A 776 -34.61 -5.52 26.81
C ASN A 776 -35.06 -4.45 25.81
N TRP A 777 -35.42 -4.85 24.60
CA TRP A 777 -36.00 -3.96 23.58
C TRP A 777 -37.28 -3.30 24.12
N GLU A 778 -38.16 -4.06 24.76
CA GLU A 778 -39.48 -3.55 25.22
C GLU A 778 -39.23 -2.50 26.30
N GLU A 779 -38.29 -2.76 27.21
CA GLU A 779 -37.99 -1.87 28.37
C GLU A 779 -37.18 -0.63 27.94
N THR A 780 -36.22 -0.74 27.01
CA THR A 780 -35.17 0.29 26.75
C THR A 780 -35.30 0.88 25.34
N GLY A 781 -35.98 0.20 24.43
CA GLY A 781 -36.07 0.55 23.00
C GLY A 781 -34.83 0.15 22.22
N PHE A 782 -33.83 -0.45 22.86
CA PHE A 782 -32.51 -0.74 22.21
C PHE A 782 -32.25 -2.23 22.07
N ALA A 783 -31.60 -2.58 20.95
CA ALA A 783 -30.73 -3.77 20.80
C ALA A 783 -29.44 -3.46 21.53
N TRP A 784 -28.94 -4.38 22.34
CA TRP A 784 -27.63 -4.23 23.01
C TRP A 784 -26.57 -5.15 22.39
N GLU A 785 -25.31 -4.79 22.66
CA GLU A 785 -24.08 -5.49 22.22
C GLU A 785 -23.96 -6.88 22.85
N GLN A 786 -24.31 -7.00 24.13
CA GLN A 786 -24.23 -8.29 24.86
C GLN A 786 -25.22 -8.21 26.03
N TYR A 787 -25.51 -9.36 26.64
CA TYR A 787 -26.49 -9.47 27.75
C TYR A 787 -25.83 -10.18 28.95
N ASN A 788 -26.21 -9.68 30.13
CA ASN A 788 -25.68 -10.09 31.45
C ASN A 788 -26.31 -11.42 31.81
N PRO A 789 -25.52 -12.48 32.02
CA PRO A 789 -26.10 -13.80 32.29
C PRO A 789 -26.70 -13.97 33.70
N GLU A 790 -26.40 -13.09 34.66
CA GLU A 790 -27.02 -13.12 36.02
C GLU A 790 -28.37 -12.38 36.01
N THR A 791 -28.47 -11.21 35.36
CA THR A 791 -29.63 -10.32 35.47
C THR A 791 -30.46 -10.35 34.19
N GLY A 792 -29.87 -10.75 33.07
CA GLY A 792 -30.54 -10.69 31.75
C GLY A 792 -30.51 -9.30 31.13
N LYS A 793 -29.89 -8.33 31.81
CA LYS A 793 -29.86 -6.91 31.34
C LYS A 793 -28.91 -6.76 30.14
N GLY A 794 -29.35 -6.01 29.14
CA GLY A 794 -28.44 -5.51 28.09
C GLY A 794 -27.41 -4.57 28.68
N GLN A 795 -26.18 -4.67 28.19
CA GLN A 795 -25.05 -3.86 28.72
C GLN A 795 -24.08 -3.60 27.56
N ARG A 796 -23.02 -2.84 27.84
CA ARG A 796 -22.16 -2.20 26.85
C ARG A 796 -23.04 -1.38 25.90
N THR A 797 -22.79 -1.49 24.62
CA THR A 797 -23.21 -0.53 23.59
C THR A 797 -24.68 -0.76 23.19
N GLN A 798 -25.44 0.33 23.11
CA GLN A 798 -26.79 0.38 22.49
C GLN A 798 -26.72 0.55 20.96
N HIS A 799 -27.88 0.39 20.34
CA HIS A 799 -28.06 0.50 18.87
C HIS A 799 -27.15 -0.52 18.19
N PHE A 800 -26.96 -1.68 18.81
CA PHE A 800 -26.09 -2.72 18.24
C PHE A 800 -26.91 -3.56 17.25
N THR A 801 -27.09 -3.02 16.05
CA THR A 801 -27.75 -3.70 14.92
C THR A 801 -26.92 -3.55 13.65
N GLY A 802 -25.81 -4.29 13.55
CA GLY A 802 -25.31 -5.14 14.61
C GLY A 802 -25.87 -6.55 14.53
N TRP A 803 -25.09 -7.53 14.96
CA TRP A 803 -25.45 -8.97 14.85
C TRP A 803 -26.52 -9.35 15.87
N THR A 804 -26.88 -8.47 16.82
CA THR A 804 -28.01 -8.76 17.72
C THR A 804 -29.29 -8.96 16.89
N SER A 805 -29.40 -8.30 15.74
CA SER A 805 -30.54 -8.45 14.81
C SER A 805 -30.65 -9.87 14.23
N LEU A 806 -29.72 -10.79 14.53
CA LEU A 806 -29.89 -12.22 14.11
C LEU A 806 -31.16 -12.81 14.72
N VAL A 807 -31.62 -12.23 15.83
CA VAL A 807 -32.86 -12.65 16.54
CA VAL A 807 -32.88 -12.57 16.54
C VAL A 807 -34.03 -12.76 15.53
N VAL A 808 -34.06 -11.99 14.45
CA VAL A 808 -35.16 -12.07 13.45
CA VAL A 808 -35.17 -12.07 13.46
C VAL A 808 -35.11 -13.42 12.74
N LYS A 809 -33.91 -13.93 12.43
CA LYS A 809 -33.72 -15.25 11.77
C LYS A 809 -34.01 -16.37 12.78
N ILE A 810 -33.60 -16.18 14.02
CA ILE A 810 -33.82 -17.19 15.10
C ILE A 810 -35.33 -17.37 15.23
N MET A 811 -36.09 -16.27 15.30
CA MET A 811 -37.56 -16.32 15.44
C MET A 811 -38.15 -17.03 14.22
N SER A 812 -37.66 -16.73 13.03
CA SER A 812 -38.29 -17.18 11.76
C SER A 812 -37.94 -18.66 11.52
N GLY A 813 -36.81 -19.16 12.03
CA GLY A 813 -36.47 -20.59 12.10
C GLY A 813 -36.37 -21.26 10.73
N HIS A 814 -36.64 -22.57 10.65
CA HIS A 814 -36.63 -23.39 9.40
C HIS A 814 -35.29 -23.22 8.66
N HIS A 815 -34.16 -23.61 9.26
CA HIS A 815 -32.79 -23.36 8.75
C HIS A 815 -32.41 -24.34 7.63
N GLU B 35 46.76 2.75 7.44
CA GLU B 35 47.97 2.35 8.24
C GLU B 35 49.17 3.18 7.75
N SER B 36 49.46 3.26 6.43
CA SER B 36 50.49 4.19 5.89
C SER B 36 49.92 5.63 5.88
N ILE B 37 50.69 6.58 6.37
CA ILE B 37 50.39 8.04 6.36
C ILE B 37 49.87 8.45 5.00
N LEU B 38 50.57 8.07 3.93
CA LEU B 38 50.19 8.48 2.56
C LEU B 38 48.80 7.91 2.23
N HIS B 39 48.59 6.61 2.46
CA HIS B 39 47.31 5.92 2.14
C HIS B 39 46.17 6.59 2.93
N SER B 40 46.33 6.82 4.23
CA SER B 40 45.33 7.57 5.03
C SER B 40 45.06 8.95 4.40
N GLU B 41 46.11 9.71 4.07
CA GLU B 41 45.93 11.11 3.59
C GLU B 41 45.18 11.08 2.25
N ILE B 42 45.52 10.17 1.34
CA ILE B 42 44.77 10.06 0.07
C ILE B 42 43.31 9.73 0.36
N GLY B 43 43.08 8.77 1.25
CA GLY B 43 41.72 8.42 1.75
C GLY B 43 40.95 9.65 2.24
N ARG B 44 41.55 10.49 3.11
CA ARG B 44 40.91 11.74 3.62
C ARG B 44 40.59 12.65 2.45
N LEU B 45 41.45 12.74 1.44
CA LEU B 45 41.27 13.72 0.36
C LEU B 45 40.15 13.23 -0.56
N ASN B 46 40.06 11.93 -0.78
CA ASN B 46 38.99 11.32 -1.62
C ASN B 46 37.64 11.53 -0.94
N ASN B 47 37.63 11.38 0.37
CA ASN B 47 36.46 11.43 1.27
C ASN B 47 35.97 12.89 1.19
N GLN B 48 36.84 13.88 1.39
CA GLN B 48 36.42 15.30 1.38
C GLN B 48 35.95 15.67 -0.03
N SER B 49 36.64 15.18 -1.07
CA SER B 49 36.31 15.43 -2.49
C SER B 49 34.89 14.93 -2.78
N LEU B 50 34.51 13.73 -2.30
CA LEU B 50 33.30 12.98 -2.74
C LEU B 50 32.10 13.17 -1.77
N LEU B 51 32.27 13.86 -0.65
CA LEU B 51 31.29 13.87 0.45
C LEU B 51 29.91 14.28 -0.04
N TRP B 52 29.83 15.40 -0.73
CA TRP B 52 28.55 15.97 -1.18
C TRP B 52 28.23 15.52 -2.60
N GLY B 53 26.95 15.29 -2.89
CA GLY B 53 26.48 15.01 -4.24
C GLY B 53 24.97 14.96 -4.31
N PRO B 54 24.44 14.82 -5.54
CA PRO B 54 23.03 14.54 -5.75
C PRO B 54 22.83 13.02 -5.55
N TYR B 55 23.17 12.53 -4.37
CA TYR B 55 23.41 11.09 -4.09
C TYR B 55 22.09 10.39 -3.72
N ARG B 56 21.00 10.86 -4.31
CA ARG B 56 19.60 10.42 -4.02
C ARG B 56 18.98 10.13 -5.37
N PRO B 57 19.48 9.14 -6.12
CA PRO B 57 19.04 8.94 -7.50
C PRO B 57 17.60 8.43 -7.61
N ASN B 58 16.99 8.00 -6.49
CA ASN B 58 15.59 7.50 -6.48
C ASN B 58 14.62 8.68 -6.73
N ILE B 59 15.04 9.93 -6.50
CA ILE B 59 14.18 11.12 -6.80
C ILE B 59 14.79 11.97 -7.93
N TYR B 60 13.93 12.72 -8.60
CA TYR B 60 14.31 13.66 -9.69
C TYR B 60 15.50 14.52 -9.25
N PHE B 61 15.45 15.12 -8.07
CA PHE B 61 16.53 16.03 -7.65
C PHE B 61 16.53 16.20 -6.13
N GLY B 62 17.69 15.93 -5.54
CA GLY B 62 17.97 16.20 -4.12
C GLY B 62 19.41 15.91 -3.80
N THR B 63 19.84 16.21 -2.59
CA THR B 63 21.25 16.08 -2.24
C THR B 63 21.32 15.41 -0.88
N ARG B 64 22.43 14.75 -0.61
CA ARG B 64 22.83 14.37 0.75
C ARG B 64 24.34 14.11 0.72
N PRO B 65 25.00 14.29 1.87
CA PRO B 65 26.39 13.88 2.00
C PRO B 65 26.49 12.36 2.19
N ARG B 66 27.71 11.79 2.09
CA ARG B 66 27.98 10.37 2.39
C ARG B 66 28.12 10.24 3.91
N ILE B 67 27.05 10.56 4.63
CA ILE B 67 26.91 10.42 6.11
C ILE B 67 25.50 9.87 6.37
N GLY B 68 25.39 8.83 7.20
CA GLY B 68 24.12 8.11 7.43
C GLY B 68 23.00 9.04 7.90
N LYS B 69 23.32 9.85 8.92
CA LYS B 69 22.36 10.69 9.65
C LYS B 69 22.84 12.13 9.53
N SER B 70 22.24 12.89 8.62
CA SER B 70 22.70 14.25 8.31
C SER B 70 21.62 14.98 7.54
N LEU B 71 22.04 15.96 6.75
CA LEU B 71 21.15 16.94 6.08
C LEU B 71 20.83 16.40 4.69
N MET B 72 19.56 16.22 4.34
CA MET B 72 19.11 15.78 2.99
C MET B 72 18.21 16.87 2.41
N THR B 73 18.15 16.98 1.09
CA THR B 73 17.24 17.90 0.39
C THR B 73 16.45 17.14 -0.66
N GLY B 74 15.29 17.67 -1.06
CA GLY B 74 14.51 17.14 -2.19
C GLY B 74 13.64 18.22 -2.82
N LEU B 75 13.45 18.13 -4.15
CA LEU B 75 12.63 19.03 -4.99
C LEU B 75 11.31 18.37 -5.36
N MET B 76 10.21 19.09 -5.17
CA MET B 76 8.88 18.69 -5.70
C MET B 76 8.31 19.87 -6.51
N TRP B 77 7.53 19.56 -7.54
CA TRP B 77 6.83 20.58 -8.36
C TRP B 77 5.57 19.93 -8.88
N GLY B 78 4.57 20.73 -9.22
CA GLY B 78 3.33 20.30 -9.88
C GLY B 78 2.49 21.50 -10.23
N LYS B 79 1.82 21.44 -11.38
CA LYS B 79 0.80 22.45 -11.77
C LYS B 79 -0.38 22.32 -10.81
N ILE B 80 -1.11 23.42 -10.61
CA ILE B 80 -2.36 23.42 -9.82
C ILE B 80 -3.43 24.24 -10.56
N GLU B 81 -4.53 23.58 -10.90
CA GLU B 81 -5.67 24.13 -11.67
C GLU B 81 -6.95 24.06 -10.82
N SER B 82 -7.02 23.17 -9.81
CA SER B 82 -8.28 22.84 -9.09
C SER B 82 -7.98 22.52 -7.63
N TYR B 83 -9.01 22.25 -6.84
CA TYR B 83 -8.88 21.98 -5.38
C TYR B 83 -8.38 20.56 -5.11
N THR B 84 -8.23 19.73 -6.15
CA THR B 84 -8.00 18.26 -5.97
C THR B 84 -6.91 17.69 -6.91
N ASP B 85 -6.32 18.48 -7.82
CA ASP B 85 -5.44 17.94 -8.89
C ASP B 85 -3.98 17.83 -8.37
N PHE B 86 -3.53 18.70 -7.47
CA PHE B 86 -2.11 18.78 -7.08
C PHE B 86 -1.61 17.40 -6.62
N GLN B 87 -2.42 16.66 -5.88
CA GLN B 87 -2.06 15.32 -5.36
C GLN B 87 -1.72 14.40 -6.55
N HIS B 88 -2.25 14.67 -7.75
CA HIS B 88 -2.06 13.80 -8.93
C HIS B 88 -0.91 14.33 -9.82
N THR B 89 -0.54 15.61 -9.69
CA THR B 89 0.41 16.29 -10.61
C THR B 89 1.79 16.32 -9.99
N VAL B 90 1.86 16.31 -8.67
CA VAL B 90 3.13 16.54 -7.91
C VAL B 90 4.17 15.46 -8.27
N ARG B 91 5.41 15.88 -8.45
CA ARG B 91 6.58 15.01 -8.77
C ARG B 91 7.54 15.06 -7.60
N TYR B 92 8.06 13.89 -7.23
CA TYR B 92 9.11 13.66 -6.20
C TYR B 92 10.01 12.48 -6.63
N THR B 93 9.48 11.24 -6.58
CA THR B 93 10.23 10.00 -6.87
C THR B 93 10.18 9.73 -8.39
N CYS B 94 11.31 9.27 -8.92
CA CYS B 94 11.48 8.94 -10.35
C CYS B 94 10.46 7.86 -10.72
N GLU B 95 9.70 8.09 -11.80
CA GLU B 95 8.79 7.12 -12.48
C GLU B 95 9.12 7.14 -13.96
N GLN B 96 8.50 6.27 -14.75
CA GLN B 96 8.48 6.42 -16.23
C GLN B 96 7.13 5.89 -16.70
N ASN B 97 6.31 6.78 -17.25
CA ASN B 97 4.94 6.56 -17.77
C ASN B 97 4.73 7.60 -18.88
N GLU B 98 3.56 7.60 -19.55
CA GLU B 98 3.14 8.49 -20.67
C GLU B 98 3.31 9.98 -20.25
N GLY B 99 3.13 10.30 -18.97
CA GLY B 99 3.13 11.68 -18.46
C GLY B 99 4.51 12.27 -18.39
N MET B 100 5.55 11.45 -18.51
CA MET B 100 6.96 11.92 -18.56
C MET B 100 7.53 11.61 -19.92
N LYS B 101 8.10 12.61 -20.58
CA LYS B 101 8.78 12.40 -21.88
C LYS B 101 10.11 11.69 -21.56
N GLY B 102 10.90 12.27 -20.65
CA GLY B 102 12.19 11.72 -20.23
C GLY B 102 12.95 12.63 -19.29
N TYR B 103 14.09 12.17 -18.80
CA TYR B 103 14.96 12.92 -17.87
C TYR B 103 16.29 12.20 -17.83
N GLY B 104 17.29 12.93 -17.41
CA GLY B 104 18.64 12.39 -17.21
C GLY B 104 19.64 13.50 -17.09
N TRP B 105 20.88 13.10 -16.84
CA TRP B 105 22.05 14.01 -16.80
C TRP B 105 22.60 14.18 -18.22
N ASP B 106 22.81 15.43 -18.66
CA ASP B 106 23.36 15.73 -20.01
C ASP B 106 24.87 15.58 -19.89
N GLU B 107 25.35 15.85 -18.68
CA GLU B 107 26.78 15.88 -18.27
C GLU B 107 26.83 15.73 -16.74
N TYR B 108 27.78 14.96 -16.22
CA TYR B 108 27.97 14.82 -14.76
C TYR B 108 29.34 14.23 -14.43
N ASP B 109 29.90 14.74 -13.34
CA ASP B 109 31.08 14.22 -12.63
C ASP B 109 30.84 14.39 -11.14
N PRO B 110 30.92 13.29 -10.37
CA PRO B 110 30.66 13.35 -8.94
C PRO B 110 31.51 14.37 -8.17
N ARG B 111 32.73 14.64 -8.65
CA ARG B 111 33.67 15.60 -8.00
C ARG B 111 33.25 17.04 -8.29
N ARG B 112 32.62 17.32 -9.42
CA ARG B 112 32.43 18.69 -9.94
C ARG B 112 30.95 19.07 -9.92
N GLY B 113 30.09 18.13 -10.30
CA GLY B 113 28.65 18.35 -10.48
C GLY B 113 28.24 18.17 -11.94
N GLY B 114 27.14 18.79 -12.34
CA GLY B 114 26.51 18.47 -13.64
C GLY B 114 25.17 19.14 -13.77
N ILE B 115 24.42 18.72 -14.79
CA ILE B 115 23.19 19.37 -15.31
C ILE B 115 22.24 18.25 -15.70
N GLN B 116 21.04 18.27 -15.14
CA GLN B 116 19.97 17.30 -15.42
C GLN B 116 18.86 18.05 -16.17
N SER B 117 18.25 17.39 -17.12
CA SER B 117 17.11 17.90 -17.91
C SER B 117 15.92 17.01 -17.62
N ILE B 118 14.76 17.58 -17.30
CA ILE B 118 13.51 16.80 -17.01
C ILE B 118 12.44 17.34 -17.96
N HIS B 119 11.84 16.47 -18.76
CA HIS B 119 10.78 16.82 -19.75
C HIS B 119 9.48 16.19 -19.29
N ASP B 120 8.71 16.98 -18.54
CA ASP B 120 7.41 16.61 -17.91
C ASP B 120 6.27 17.03 -18.88
N ILE B 121 5.60 16.07 -19.49
CA ILE B 121 4.44 16.30 -20.39
C ILE B 121 3.24 16.75 -19.53
N GLN B 122 2.94 15.99 -18.46
CA GLN B 122 1.75 16.22 -17.61
C GLN B 122 1.79 17.64 -17.03
N ASN B 123 2.92 18.13 -16.55
CA ASN B 123 3.02 19.47 -15.91
C ASN B 123 3.42 20.55 -16.95
N GLY B 124 3.59 20.14 -18.21
CA GLY B 124 3.91 21.01 -19.36
C GLY B 124 5.14 21.85 -19.10
N LEU B 125 6.15 21.27 -18.45
CA LEU B 125 7.38 21.95 -18.00
C LEU B 125 8.64 21.23 -18.52
N ASP B 126 9.60 21.97 -19.06
CA ASP B 126 10.99 21.49 -19.24
C ASP B 126 11.84 22.06 -18.11
N ILE B 127 12.43 21.20 -17.29
CA ILE B 127 13.18 21.63 -16.08
C ILE B 127 14.67 21.31 -16.24
N THR B 128 15.48 22.15 -15.63
CA THR B 128 16.94 22.05 -15.61
C THR B 128 17.38 22.16 -14.15
N THR B 129 18.13 21.17 -13.68
CA THR B 129 18.72 21.20 -12.33
C THR B 129 20.22 21.14 -12.57
N SER B 130 20.89 22.25 -12.29
CA SER B 130 22.35 22.36 -12.42
C SER B 130 22.91 22.34 -10.99
N PHE B 131 23.91 21.50 -10.76
CA PHE B 131 24.50 21.26 -9.43
C PHE B 131 26.00 21.44 -9.56
N VAL B 132 26.63 22.16 -8.64
CA VAL B 132 28.11 22.37 -8.66
C VAL B 132 28.61 22.31 -7.23
N LYS B 133 29.80 21.73 -7.07
CA LYS B 133 30.53 21.62 -5.79
C LYS B 133 31.70 22.62 -5.78
N ILE B 134 32.04 23.12 -4.59
CA ILE B 134 32.97 24.25 -4.40
C ILE B 134 33.80 23.92 -3.19
N PRO B 135 35.02 23.39 -3.43
CA PRO B 135 35.92 22.97 -2.37
C PRO B 135 36.30 24.12 -1.43
N GLY B 136 36.57 23.79 -0.16
CA GLY B 136 36.69 24.78 0.94
C GLY B 136 36.41 24.20 2.31
N GLY B 137 37.34 24.42 3.23
CA GLY B 137 37.21 24.09 4.67
C GLY B 137 37.48 22.63 4.95
N ALA B 138 36.95 22.14 6.07
CA ALA B 138 37.22 20.80 6.64
C ALA B 138 36.01 19.87 6.55
N HIS B 139 34.92 20.24 5.88
CA HIS B 139 33.65 19.51 6.08
C HIS B 139 33.05 19.08 4.73
N GLY B 140 33.85 18.98 3.68
CA GLY B 140 33.42 18.48 2.36
C GLY B 140 33.02 19.59 1.43
N GLY B 141 33.28 20.82 1.82
CA GLY B 141 33.08 21.99 0.95
C GLY B 141 31.62 22.40 0.82
N SER B 142 31.30 23.13 -0.24
CA SER B 142 30.08 23.97 -0.40
C SER B 142 29.46 23.52 -1.70
N TRP B 143 28.21 23.88 -1.94
CA TRP B 143 27.53 23.48 -3.20
C TRP B 143 26.41 24.48 -3.49
N ALA B 144 25.94 24.48 -4.73
CA ALA B 144 24.87 25.34 -5.24
C ALA B 144 24.14 24.60 -6.34
N ALA B 145 22.87 24.94 -6.54
CA ALA B 145 21.97 24.35 -7.55
C ALA B 145 21.08 25.45 -8.09
N ARG B 146 20.90 25.50 -9.39
CA ARG B 146 19.87 26.36 -10.03
C ARG B 146 18.77 25.44 -10.51
N ILE B 147 17.52 25.79 -10.20
CA ILE B 147 16.31 25.10 -10.74
C ILE B 147 15.60 26.05 -11.70
N LYS B 148 15.49 25.64 -12.96
CA LYS B 148 14.88 26.45 -14.02
C LYS B 148 13.73 25.67 -14.66
N GLY B 149 12.53 26.22 -14.56
CA GLY B 149 11.32 25.74 -15.26
C GLY B 149 10.93 26.66 -16.39
N THR B 150 10.64 26.07 -17.54
CA THR B 150 10.27 26.69 -18.81
C THR B 150 9.07 25.93 -19.36
N LEU B 151 7.91 26.58 -19.48
CA LEU B 151 6.66 25.97 -19.99
C LEU B 151 6.85 25.61 -21.46
N ASN B 152 6.42 24.43 -21.87
CA ASN B 152 6.52 23.97 -23.28
C ASN B 152 5.43 24.74 -24.02
N ASP B 153 5.29 24.53 -25.34
CA ASP B 153 4.40 25.33 -26.22
C ASP B 153 2.91 25.01 -25.93
N ASP B 154 2.59 23.80 -25.44
CA ASP B 154 1.21 23.31 -25.24
C ASP B 154 0.65 23.77 -23.88
N ALA B 155 1.46 24.34 -23.01
CA ALA B 155 1.02 24.66 -21.63
C ALA B 155 0.31 26.00 -21.67
N PRO B 156 -0.77 26.18 -20.89
CA PRO B 156 -1.36 27.51 -20.72
C PRO B 156 -0.29 28.50 -20.22
N LYS B 157 -0.12 29.64 -20.89
CA LYS B 157 1.00 30.59 -20.69
C LYS B 157 0.92 31.12 -19.25
N ASP B 158 -0.26 31.05 -18.63
CA ASP B 158 -0.48 31.55 -17.24
C ASP B 158 -0.51 30.39 -16.24
N GLN B 159 -0.05 29.18 -16.62
CA GLN B 159 -0.06 27.98 -15.73
C GLN B 159 0.50 28.35 -14.36
N LYS B 160 -0.19 27.98 -13.29
CA LYS B 160 0.34 28.14 -11.90
C LYS B 160 1.03 26.82 -11.52
N THR B 161 2.29 26.92 -11.09
CA THR B 161 3.15 25.77 -10.72
C THR B 161 3.62 25.96 -9.30
N ILE B 162 3.40 24.96 -8.45
CA ILE B 162 3.93 24.95 -7.05
C ILE B 162 5.28 24.23 -7.09
N VAL B 163 6.26 24.81 -6.43
CA VAL B 163 7.62 24.22 -6.28
C VAL B 163 7.97 24.20 -4.79
N VAL B 164 8.42 23.04 -4.33
CA VAL B 164 8.81 22.82 -2.92
C VAL B 164 10.27 22.38 -2.87
N PHE B 165 11.01 23.01 -1.97
CA PHE B 165 12.32 22.53 -1.52
C PHE B 165 12.15 22.02 -0.09
N TYR B 166 12.30 20.70 0.06
CA TYR B 166 12.24 19.94 1.33
C TYR B 166 13.65 19.78 1.90
N VAL B 167 13.87 20.26 3.11
CA VAL B 167 15.15 20.06 3.85
C VAL B 167 14.88 19.32 5.16
N SER B 168 15.61 18.26 5.42
CA SER B 168 15.54 17.51 6.71
C SER B 168 16.96 17.31 7.26
N GLN B 169 17.09 17.16 8.58
CA GLN B 169 18.37 16.83 9.25
C GLN B 169 18.13 15.81 10.38
N GLU B 170 18.81 14.68 10.29
CA GLU B 170 18.77 13.62 11.33
C GLU B 170 20.11 13.65 12.08
N GLY B 171 20.12 13.17 13.30
CA GLY B 171 21.35 12.92 14.07
C GLY B 171 21.31 13.64 15.40
N GLU B 172 21.96 13.07 16.43
CA GLU B 172 22.14 13.71 17.75
C GLU B 172 22.91 15.03 17.56
N ASN B 173 22.69 15.97 18.49
CA ASN B 173 23.50 17.22 18.67
C ASN B 173 23.64 17.94 17.32
N SER B 174 22.52 18.41 16.76
CA SER B 174 22.48 19.12 15.46
C SER B 174 21.28 20.08 15.45
N GLU B 175 21.49 21.29 14.93
CA GLU B 175 20.47 22.38 14.92
C GLU B 175 20.17 22.72 13.46
N LEU B 176 18.96 23.18 13.19
CA LEU B 176 18.67 23.82 11.89
C LEU B 176 17.49 24.76 12.13
N GLU B 177 17.60 25.99 11.63
CA GLU B 177 16.73 27.11 12.03
C GLU B 177 16.55 28.01 10.82
N ALA B 178 15.31 28.26 10.41
CA ALA B 178 14.97 29.27 9.38
C ALA B 178 14.95 30.65 10.05
N VAL B 179 15.72 31.60 9.51
CA VAL B 179 15.74 33.00 9.97
C VAL B 179 14.37 33.60 9.62
N PRO B 180 13.62 34.22 10.59
CA PRO B 180 12.35 34.89 10.28
C PRO B 180 12.46 35.91 9.14
N SER B 181 11.37 36.08 8.40
CA SER B 181 11.26 37.17 7.41
C SER B 181 10.91 38.48 8.15
N GLU B 182 11.01 39.63 7.46
CA GLU B 182 10.56 40.96 7.96
C GLU B 182 9.03 41.06 7.80
N ASN B 183 8.50 40.69 6.62
CA ASN B 183 7.10 40.89 6.17
C ASN B 183 6.14 39.92 6.88
N GLU B 184 4.85 40.24 6.87
CA GLU B 184 3.83 39.67 7.79
C GLU B 184 3.62 38.17 7.46
N PHE B 185 3.45 37.84 6.18
CA PHE B 185 2.85 36.56 5.71
C PHE B 185 3.89 35.67 5.02
N GLY B 186 5.16 36.04 5.08
CA GLY B 186 6.23 35.26 4.43
C GLY B 186 7.33 36.16 3.89
N TYR B 187 7.98 35.73 2.80
CA TYR B 187 9.30 36.26 2.37
C TYR B 187 9.15 36.88 0.99
N GLU B 188 9.65 38.10 0.82
CA GLU B 188 9.77 38.64 -0.56
C GLU B 188 11.22 38.50 -1.04
N GLY B 189 12.14 38.12 -0.14
CA GLY B 189 13.57 37.88 -0.50
C GLY B 189 14.00 36.42 -0.46
N ASP B 190 15.21 36.21 0.03
CA ASP B 190 15.88 34.89 0.19
C ASP B 190 15.37 34.28 1.50
N VAL B 191 15.24 32.95 1.54
CA VAL B 191 15.07 32.17 2.80
C VAL B 191 16.46 31.73 3.22
N ILE B 192 16.83 32.00 4.46
CA ILE B 192 18.10 31.56 5.07
C ILE B 192 17.81 30.51 6.15
N LEU B 193 18.41 29.35 6.01
CA LEU B 193 18.47 28.32 7.06
C LEU B 193 19.90 28.27 7.60
N LYS B 194 20.08 28.31 8.92
CA LYS B 194 21.36 28.22 9.65
C LYS B 194 21.38 26.91 10.45
N GLY B 195 22.38 26.09 10.18
CA GLY B 195 22.48 24.73 10.73
C GLY B 195 23.85 24.47 11.29
N ARG B 196 23.96 23.40 12.05
CA ARG B 196 25.22 22.94 12.68
C ARG B 196 25.05 21.45 12.99
N SER B 197 26.07 20.63 12.70
CA SER B 197 26.20 19.22 13.17
C SER B 197 27.68 18.95 13.43
N GLU B 198 28.00 17.87 14.13
CA GLU B 198 29.40 17.39 14.29
C GLU B 198 30.02 17.26 12.89
N ALA B 199 29.33 16.60 11.95
CA ALA B 199 29.90 16.19 10.65
C ALA B 199 30.04 17.39 9.71
N LEU B 200 29.12 18.36 9.73
CA LEU B 200 29.16 19.49 8.78
C LEU B 200 29.66 20.80 9.41
N GLY B 201 29.93 20.83 10.72
CA GLY B 201 30.13 22.06 11.51
C GLY B 201 29.01 23.06 11.24
N ASN B 202 29.31 24.36 11.14
CA ASN B 202 28.29 25.40 10.87
C ASN B 202 28.15 25.53 9.37
N TYR B 203 26.91 25.70 8.91
CA TYR B 203 26.62 25.92 7.49
C TYR B 203 25.41 26.85 7.45
N LYS B 204 25.15 27.32 6.24
CA LYS B 204 24.05 28.24 5.90
C LYS B 204 23.51 27.66 4.60
N LEU B 205 22.20 27.47 4.52
CA LEU B 205 21.54 26.97 3.28
C LEU B 205 20.56 28.06 2.87
N VAL B 206 20.74 28.64 1.69
CA VAL B 206 19.89 29.74 1.18
C VAL B 206 19.06 29.24 0.00
N VAL B 207 17.76 29.56 0.01
CA VAL B 207 16.85 29.47 -1.18
C VAL B 207 16.55 30.89 -1.67
N THR B 208 17.04 31.23 -2.85
CA THR B 208 17.01 32.62 -3.37
C THR B 208 15.58 32.98 -3.79
N LYS B 209 15.32 34.29 -3.86
CA LYS B 209 13.99 34.85 -4.23
C LYS B 209 13.58 34.19 -5.54
N GLY B 210 14.52 34.18 -6.48
CA GLY B 210 14.34 33.65 -7.85
C GLY B 210 13.81 34.72 -8.80
N LYS B 211 13.55 34.31 -10.03
CA LYS B 211 13.00 35.14 -11.11
C LYS B 211 11.71 34.45 -11.51
N GLY B 212 10.67 35.23 -11.76
CA GLY B 212 9.41 34.83 -12.40
C GLY B 212 8.22 35.48 -11.70
N VAL B 213 7.06 35.47 -12.35
CA VAL B 213 5.83 36.09 -11.82
C VAL B 213 5.30 35.26 -10.65
N ILE B 214 5.14 35.91 -9.50
CA ILE B 214 4.39 35.41 -8.31
C ILE B 214 2.92 35.84 -8.43
N PRO B 215 1.93 34.95 -8.65
CA PRO B 215 0.53 35.38 -8.78
C PRO B 215 0.03 35.97 -7.44
N GLN B 216 -0.90 36.91 -7.52
CA GLN B 216 -1.41 37.64 -6.34
C GLN B 216 -2.92 37.37 -6.24
N SER B 217 -3.44 37.32 -5.02
CA SER B 217 -4.88 37.08 -4.72
C SER B 217 -5.48 38.32 -4.05
N ASP B 218 -6.66 38.70 -4.54
CA ASP B 218 -7.49 39.83 -4.02
C ASP B 218 -8.66 39.25 -3.19
N HIS B 219 -8.70 37.93 -2.99
CA HIS B 219 -9.71 37.21 -2.18
C HIS B 219 -9.54 37.61 -0.71
N ASP B 220 -10.61 37.52 0.07
CA ASP B 220 -10.61 37.92 1.50
C ASP B 220 -9.62 37.03 2.28
N LEU B 221 -9.40 35.81 1.82
CA LEU B 221 -8.37 34.88 2.39
C LEU B 221 -7.01 35.58 2.54
N SER B 222 -6.67 36.50 1.62
CA SER B 222 -5.39 37.28 1.59
C SER B 222 -5.16 38.02 2.91
N ARG B 223 -6.22 38.36 3.65
CA ARG B 223 -6.17 39.10 4.95
C ARG B 223 -5.48 38.23 6.02
N LEU B 224 -5.57 36.90 5.87
CA LEU B 224 -5.04 35.92 6.85
C LEU B 224 -3.77 35.24 6.31
N ARG B 225 -3.67 35.05 4.99
CA ARG B 225 -2.63 34.19 4.33
C ARG B 225 -1.74 35.04 3.41
N GLY B 226 -1.96 36.37 3.37
CA GLY B 226 -1.20 37.27 2.49
C GLY B 226 -1.60 37.05 1.04
N PRO B 227 -1.25 38.00 0.13
CA PRO B 227 -1.72 37.93 -1.25
C PRO B 227 -1.02 36.87 -2.10
N GLY B 228 0.04 36.24 -1.58
CA GLY B 228 0.82 35.23 -2.32
C GLY B 228 2.31 35.55 -2.26
N GLN B 229 3.08 34.65 -1.68
CA GLN B 229 4.51 34.91 -1.33
C GLN B 229 5.20 33.59 -1.00
N THR B 230 6.53 33.61 -1.01
CA THR B 230 7.38 32.49 -0.52
C THR B 230 7.06 32.27 0.95
N VAL B 231 6.89 31.00 1.37
CA VAL B 231 6.65 30.66 2.80
C VAL B 231 7.61 29.56 3.21
N VAL B 232 7.80 29.44 4.51
CA VAL B 232 8.61 28.39 5.16
C VAL B 232 7.83 27.82 6.35
N GLN B 233 7.72 26.49 6.41
CA GLN B 233 7.25 25.78 7.64
C GLN B 233 8.42 25.01 8.23
N SER B 234 8.77 25.31 9.46
CA SER B 234 9.80 24.59 10.24
C SER B 234 9.09 23.67 11.24
N LEU B 235 9.41 22.38 11.18
CA LEU B 235 8.61 21.30 11.79
C LEU B 235 9.55 20.30 12.46
N THR B 236 9.04 19.56 13.43
CA THR B 236 9.76 18.45 14.13
C THR B 236 8.98 17.16 13.88
N TYR B 237 9.60 16.19 13.24
CA TYR B 237 9.03 14.85 13.00
C TYR B 237 9.96 13.84 13.66
N PRO B 238 9.48 12.61 13.92
CA PRO B 238 10.37 11.54 14.37
C PRO B 238 11.39 11.22 13.25
N ASP B 239 12.62 10.86 13.62
CA ASP B 239 13.72 10.53 12.66
C ASP B 239 13.29 9.46 11.62
N GLU B 240 12.45 8.50 12.00
CA GLU B 240 12.08 7.31 11.18
C GLU B 240 11.19 7.73 9.99
N VAL B 241 10.57 8.91 10.07
CA VAL B 241 9.62 9.35 9.01
C VAL B 241 10.23 10.50 8.19
N LEU B 242 11.43 11.01 8.48
CA LEU B 242 12.02 12.13 7.67
C LEU B 242 12.08 11.76 6.17
N TRP B 243 12.28 10.49 5.81
CA TRP B 243 12.35 10.09 4.38
C TRP B 243 11.00 10.30 3.70
N GLN B 244 9.88 10.22 4.43
CA GLN B 244 8.51 10.20 3.85
C GLN B 244 8.09 11.65 3.52
N ALA B 245 8.77 12.30 2.58
CA ALA B 245 8.67 13.76 2.32
C ALA B 245 7.29 14.14 1.73
N LYS B 246 6.82 13.42 0.73
CA LYS B 246 5.51 13.68 0.06
C LYS B 246 4.40 13.57 1.12
N PRO B 247 4.31 12.45 1.86
CA PRO B 247 3.30 12.34 2.89
C PRO B 247 3.37 13.49 3.90
N ILE B 248 4.57 13.95 4.25
CA ILE B 248 4.73 15.04 5.25
C ILE B 248 4.17 16.34 4.65
N LEU B 249 4.49 16.62 3.40
CA LEU B 249 3.97 17.81 2.67
C LEU B 249 2.43 17.76 2.64
N PHE B 250 1.85 16.62 2.28
CA PHE B 250 0.37 16.47 2.14
C PHE B 250 -0.30 16.58 3.51
N GLN B 251 0.38 16.22 4.60
CA GLN B 251 -0.17 16.37 5.96
C GLN B 251 -0.30 17.86 6.23
N GLN B 252 0.72 18.63 5.84
CA GLN B 252 0.78 20.08 6.11
C GLN B 252 -0.26 20.75 5.20
N LEU B 253 -0.45 20.25 3.97
CA LEU B 253 -1.38 20.90 3.02
C LEU B 253 -2.80 20.64 3.53
N LYS B 254 -3.08 19.45 4.06
CA LYS B 254 -4.39 19.02 4.61
C LYS B 254 -4.66 19.83 5.88
N ALA B 255 -3.68 19.99 6.75
CA ALA B 255 -3.84 20.78 7.99
C ALA B 255 -4.24 22.22 7.60
N GLY B 256 -3.64 22.74 6.53
CA GLY B 256 -3.83 24.14 6.06
C GLY B 256 -5.21 24.35 5.48
N ILE B 257 -5.84 23.30 4.97
CA ILE B 257 -7.21 23.35 4.37
C ILE B 257 -8.25 23.16 5.49
N ASP B 258 -7.99 22.30 6.47
CA ASP B 258 -8.85 22.13 7.68
C ASP B 258 -8.93 23.44 8.47
N TRP B 259 -7.85 24.21 8.50
CA TRP B 259 -7.76 25.52 9.19
C TRP B 259 -8.75 26.53 8.56
N LEU B 260 -9.11 26.36 7.29
CA LEU B 260 -10.08 27.24 6.62
C LEU B 260 -11.44 27.24 7.36
N VAL B 261 -11.93 26.08 7.80
CA VAL B 261 -13.30 25.96 8.34
C VAL B 261 -13.35 26.47 9.79
N GLU B 262 -12.21 26.75 10.42
CA GLU B 262 -12.13 27.23 11.84
C GLU B 262 -11.77 28.72 11.88
N ASN B 263 -11.65 29.40 10.74
CA ASN B 263 -11.12 30.79 10.74
C ASN B 263 -11.97 31.70 9.85
N LYS B 264 -12.04 32.97 10.24
CA LYS B 264 -12.97 34.03 9.77
C LYS B 264 -12.46 34.64 8.47
N TYR B 265 -13.04 34.24 7.34
CA TYR B 265 -12.90 34.96 6.05
C TYR B 265 -14.14 34.62 5.20
N ASP B 266 -14.43 35.47 4.23
CA ASP B 266 -15.65 35.40 3.40
C ASP B 266 -15.44 34.27 2.40
N VAL B 267 -16.43 33.39 2.27
CA VAL B 267 -16.35 32.14 1.49
C VAL B 267 -17.43 32.11 0.44
N ALA B 268 -18.01 33.28 0.11
CA ALA B 268 -19.03 33.39 -0.98
C ALA B 268 -18.35 33.16 -2.33
N ASP B 269 -17.11 33.64 -2.51
CA ASP B 269 -16.40 33.55 -3.82
C ASP B 269 -15.33 32.45 -3.71
N PRO B 270 -15.14 31.62 -4.75
CA PRO B 270 -14.06 30.64 -4.75
C PRO B 270 -12.68 31.29 -4.71
N PRO B 271 -11.79 30.93 -3.76
CA PRO B 271 -10.41 31.42 -3.76
C PRO B 271 -9.61 30.70 -4.83
N PRO B 272 -8.43 31.19 -5.24
CA PRO B 272 -7.67 30.53 -6.30
C PRO B 272 -7.09 29.22 -5.73
N PRO B 273 -7.12 28.08 -6.46
CA PRO B 273 -6.51 26.83 -5.96
C PRO B 273 -5.10 27.00 -5.39
N TRP B 274 -4.23 27.73 -6.08
CA TRP B 274 -2.85 27.91 -5.58
C TRP B 274 -2.87 28.47 -4.16
N GLN B 275 -3.76 29.42 -3.83
CA GLN B 275 -3.70 30.12 -2.52
C GLN B 275 -4.09 29.17 -1.39
N VAL B 276 -4.97 28.24 -1.69
CA VAL B 276 -5.57 27.30 -0.70
C VAL B 276 -4.54 26.19 -0.40
N TYR B 277 -3.68 25.89 -1.39
CA TYR B 277 -2.52 24.99 -1.31
C TYR B 277 -1.22 25.77 -1.01
N LEU B 278 -1.29 27.04 -0.63
CA LEU B 278 -0.09 27.78 -0.17
C LEU B 278 -0.04 27.67 1.35
N LEU B 279 1.02 27.05 1.90
CA LEU B 279 1.20 26.83 3.36
C LEU B 279 1.25 28.16 4.12
N ALA B 280 0.80 28.16 5.36
CA ALA B 280 0.97 29.25 6.33
C ALA B 280 2.45 29.35 6.72
N ASN B 281 2.97 30.56 6.75
CA ASN B 281 4.39 30.83 7.11
C ASN B 281 4.57 30.56 8.61
N LYS B 282 5.45 29.62 8.98
CA LYS B 282 5.75 29.26 10.41
C LYS B 282 7.22 28.86 10.49
N PRO B 283 8.15 29.78 10.13
CA PRO B 283 9.58 29.53 10.22
C PRO B 283 10.04 29.46 11.67
N GLY B 284 11.18 28.82 11.87
CA GLY B 284 11.83 28.61 13.17
C GLY B 284 12.69 27.36 13.16
N SER B 285 12.84 26.79 14.34
CA SER B 285 13.72 25.65 14.61
C SER B 285 12.98 24.34 14.26
N GLY B 286 13.72 23.34 13.80
CA GLY B 286 13.22 21.98 13.56
C GLY B 286 14.12 21.14 12.69
N ASN B 287 13.75 19.88 12.48
CA ASN B 287 14.51 18.89 11.66
C ASN B 287 13.84 18.71 10.30
N VAL B 288 12.79 19.48 10.03
CA VAL B 288 12.14 19.52 8.69
C VAL B 288 11.84 20.98 8.40
N HIS B 289 12.20 21.46 7.21
CA HIS B 289 11.84 22.79 6.67
C HIS B 289 11.29 22.59 5.26
N ILE B 290 10.07 23.07 5.04
CA ILE B 290 9.41 23.12 3.73
C ILE B 290 9.46 24.57 3.27
N VAL B 291 10.12 24.80 2.14
CA VAL B 291 10.19 26.12 1.48
C VAL B 291 9.35 26.01 0.24
N GLN B 292 8.29 26.82 0.16
CA GLN B 292 7.25 26.68 -0.88
C GLN B 292 7.18 28.00 -1.65
N LYS B 293 7.08 27.89 -2.97
CA LYS B 293 6.96 29.01 -3.91
C LYS B 293 5.86 28.64 -4.89
N VAL B 294 5.11 29.64 -5.35
CA VAL B 294 4.17 29.48 -6.48
C VAL B 294 4.63 30.41 -7.59
N PHE B 295 4.59 29.91 -8.81
CA PHE B 295 5.02 30.67 -10.01
C PHE B 295 3.90 30.67 -11.04
N GLU B 296 3.75 31.79 -11.76
CA GLU B 296 2.90 31.95 -12.95
C GLU B 296 3.83 32.06 -14.16
N GLY B 297 3.69 31.15 -15.12
CA GLY B 297 4.66 31.01 -16.24
C GLY B 297 6.04 30.52 -15.80
N ASP B 298 7.08 30.94 -16.51
CA ASP B 298 8.47 30.41 -16.39
C ASP B 298 9.04 30.86 -15.03
N PHE B 299 9.96 30.09 -14.43
CA PHE B 299 10.57 30.42 -13.12
C PHE B 299 12.01 29.91 -13.10
N GLU B 300 12.78 30.45 -12.16
CA GLU B 300 14.09 29.92 -11.76
C GLU B 300 14.40 30.39 -10.35
N PHE B 301 15.09 29.57 -9.57
CA PHE B 301 15.63 29.96 -8.25
C PHE B 301 16.89 29.12 -8.03
N ASP B 302 17.68 29.51 -7.04
CA ASP B 302 18.95 28.85 -6.68
C ASP B 302 18.91 28.41 -5.21
N ILE B 303 19.69 27.37 -4.91
CA ILE B 303 19.95 26.86 -3.55
C ILE B 303 21.46 27.00 -3.35
N LEU B 304 21.85 27.70 -2.29
CA LEU B 304 23.26 28.03 -2.03
C LEU B 304 23.60 27.45 -0.66
N PHE B 305 24.46 26.43 -0.62
CA PHE B 305 24.97 25.78 0.62
C PHE B 305 26.41 26.26 0.84
N SER B 306 26.66 26.97 1.93
CA SER B 306 27.94 27.56 2.32
C SER B 306 28.44 26.88 3.60
N SER B 307 29.54 26.13 3.49
CA SER B 307 30.27 25.54 4.64
C SER B 307 30.96 26.71 5.36
N GLU B 308 30.71 26.91 6.64
CA GLU B 308 31.32 28.08 7.35
C GLU B 308 32.84 27.98 7.26
N SER B 309 33.41 26.77 7.36
CA SER B 309 34.87 26.51 7.44
C SER B 309 35.57 26.84 6.10
N ALA B 310 34.85 26.93 4.97
CA ALA B 310 35.36 27.45 3.67
C ALA B 310 35.60 28.96 3.74
N GLY B 311 35.18 29.60 4.84
CA GLY B 311 35.55 30.98 5.19
C GLY B 311 35.01 31.97 4.18
N LYS B 312 34.24 31.48 3.20
CA LYS B 312 33.66 32.26 2.07
C LYS B 312 32.23 31.77 1.80
N GLU B 313 31.30 32.68 1.58
CA GLU B 313 29.87 32.37 1.32
C GLU B 313 29.65 32.25 -0.19
N VAL B 314 28.97 31.17 -0.64
CA VAL B 314 28.65 30.88 -2.06
C VAL B 314 27.57 31.85 -2.52
N THR B 315 27.75 32.43 -3.72
CA THR B 315 26.77 33.38 -4.33
C THR B 315 26.25 32.79 -5.62
N SER B 316 25.16 33.37 -6.12
CA SER B 316 24.62 33.07 -7.45
C SER B 316 25.69 33.30 -8.55
N LYS B 317 26.59 34.29 -8.39
CA LYS B 317 27.60 34.60 -9.44
C LYS B 317 28.61 33.42 -9.44
N ASP B 318 29.08 32.99 -8.27
CA ASP B 318 29.90 31.75 -8.08
C ASP B 318 29.25 30.52 -8.76
N LEU B 319 27.95 30.33 -8.57
CA LEU B 319 27.19 29.19 -9.17
C LEU B 319 27.28 29.26 -10.70
N GLU B 320 26.98 30.40 -11.33
CA GLU B 320 26.99 30.57 -12.82
C GLU B 320 28.39 30.27 -13.38
N ARG B 321 29.43 30.82 -12.73
CA ARG B 321 30.86 30.70 -13.14
C ARG B 321 31.30 29.22 -13.06
N GLU B 322 31.06 28.55 -11.93
CA GLU B 322 31.50 27.15 -11.67
C GLU B 322 30.71 26.17 -12.53
N VAL B 323 29.47 26.47 -12.90
CA VAL B 323 28.72 25.62 -13.87
C VAL B 323 29.50 25.62 -15.19
N LYS B 324 29.84 26.81 -15.72
CA LYS B 324 30.43 27.01 -17.07
C LYS B 324 31.81 26.33 -17.10
N GLN B 325 32.56 26.42 -16.00
CA GLN B 325 33.91 25.83 -15.83
C GLN B 325 33.81 24.31 -15.80
N ALA B 326 32.85 23.75 -15.06
CA ALA B 326 32.63 22.29 -14.94
C ALA B 326 32.24 21.71 -16.30
N THR B 327 31.40 22.41 -17.05
CA THR B 327 30.95 21.99 -18.41
C THR B 327 32.14 21.90 -19.37
N GLU B 328 33.12 22.80 -19.26
CA GLU B 328 34.32 22.83 -20.15
C GLU B 328 35.22 21.63 -19.79
N VAL B 329 35.52 21.47 -18.50
CA VAL B 329 36.37 20.35 -17.96
C VAL B 329 35.77 18.98 -18.38
N PHE B 330 34.45 18.85 -18.42
CA PHE B 330 33.76 17.58 -18.71
C PHE B 330 34.00 17.22 -20.19
N GLY B 331 33.89 18.20 -21.08
CA GLY B 331 34.09 18.03 -22.54
C GLY B 331 35.52 17.65 -22.89
N GLU B 332 36.51 18.27 -22.24
CA GLU B 332 37.94 17.94 -22.47
C GLU B 332 38.15 16.48 -22.02
N ARG B 333 37.78 16.17 -20.77
CA ARG B 333 37.93 14.82 -20.15
C ARG B 333 37.27 13.76 -21.04
N PHE B 334 36.08 14.02 -21.56
CA PHE B 334 35.30 13.02 -22.33
C PHE B 334 36.05 12.70 -23.62
N ALA B 335 36.68 13.72 -24.22
CA ALA B 335 37.51 13.62 -25.45
C ALA B 335 38.72 12.72 -25.20
N ARG B 336 39.46 12.94 -24.09
CA ARG B 336 40.65 12.14 -23.69
C ARG B 336 40.21 10.70 -23.35
N VAL B 337 39.15 10.48 -22.55
CA VAL B 337 38.89 9.13 -21.94
C VAL B 337 38.05 8.26 -22.89
N PHE B 338 37.03 8.80 -23.56
CA PHE B 338 36.25 8.04 -24.57
C PHE B 338 36.48 8.68 -25.94
N ASP B 339 37.67 8.44 -26.53
CA ASP B 339 38.03 8.81 -27.93
C ASP B 339 37.28 7.83 -28.85
N LEU B 340 36.12 8.21 -29.36
CA LEU B 340 35.30 7.27 -30.16
C LEU B 340 36.11 6.91 -31.42
N LYS B 341 35.98 5.66 -31.87
CA LYS B 341 36.71 5.12 -33.05
C LYS B 341 35.71 4.98 -34.20
N ALA B 342 36.21 4.93 -35.43
CA ALA B 342 35.42 4.68 -36.65
C ALA B 342 34.59 3.42 -36.43
N PRO B 343 33.31 3.41 -36.85
CA PRO B 343 32.73 4.51 -37.61
C PRO B 343 31.86 5.50 -36.81
N PHE B 344 32.20 5.76 -35.53
CA PHE B 344 31.33 6.56 -34.62
C PHE B 344 32.07 7.82 -34.13
N GLN B 345 32.83 8.48 -35.00
CA GLN B 345 33.52 9.76 -34.67
C GLN B 345 32.55 10.94 -34.88
N GLY B 346 31.39 10.68 -35.51
CA GLY B 346 30.27 11.63 -35.68
C GLY B 346 29.88 12.38 -34.40
N ASP B 347 29.46 13.63 -34.56
CA ASP B 347 28.97 14.51 -33.46
C ASP B 347 27.70 13.88 -32.86
N ASN B 348 26.89 13.17 -33.64
CA ASN B 348 25.66 12.48 -33.17
C ASN B 348 26.06 11.36 -32.18
N TYR B 349 27.15 10.65 -32.46
CA TYR B 349 27.65 9.54 -31.61
C TYR B 349 28.28 10.12 -30.34
N LYS B 350 29.03 11.22 -30.43
CA LYS B 350 29.59 11.94 -29.26
C LYS B 350 28.44 12.32 -28.30
N LYS B 351 27.31 12.83 -28.80
CA LYS B 351 26.20 13.35 -27.96
C LYS B 351 25.57 12.14 -27.25
N PHE B 352 25.49 11.02 -27.96
CA PHE B 352 24.93 9.73 -27.48
C PHE B 352 25.83 9.17 -26.37
N GLY B 353 27.13 9.14 -26.61
CA GLY B 353 28.14 8.66 -25.66
C GLY B 353 28.07 9.46 -24.36
N LYS B 354 27.96 10.78 -24.47
CA LYS B 354 27.99 11.68 -23.30
C LYS B 354 26.73 11.45 -22.46
N SER B 355 25.63 11.12 -23.12
CA SER B 355 24.32 10.90 -22.46
C SER B 355 24.39 9.55 -21.72
N MET B 356 24.76 8.49 -22.42
CA MET B 356 24.86 7.14 -21.83
C MET B 356 25.77 7.19 -20.59
N PHE B 357 26.87 7.91 -20.68
CA PHE B 357 27.92 7.88 -19.63
C PHE B 357 27.51 8.77 -18.45
N SER B 358 27.00 9.98 -18.71
CA SER B 358 26.54 10.89 -17.64
C SER B 358 25.41 10.24 -16.82
N ASN B 359 24.50 9.54 -17.48
CA ASN B 359 23.38 8.87 -16.80
C ASN B 359 23.94 7.77 -15.90
N LEU B 360 24.99 7.08 -16.36
CA LEU B 360 25.54 5.93 -15.60
C LEU B 360 26.18 6.46 -14.34
N ILE B 361 27.10 7.41 -14.48
CA ILE B 361 27.88 7.94 -13.34
C ILE B 361 26.96 8.84 -12.50
N GLY B 362 25.92 9.38 -13.11
CA GLY B 362 24.96 10.22 -12.40
C GLY B 362 23.99 9.41 -11.54
N GLY B 363 23.86 8.10 -11.79
CA GLY B 363 23.09 7.18 -10.95
C GLY B 363 23.74 6.89 -9.59
N ILE B 364 24.93 7.41 -9.29
CA ILE B 364 25.62 7.05 -8.04
C ILE B 364 24.77 7.51 -6.84
N GLY B 365 24.46 6.61 -5.94
CA GLY B 365 23.74 6.93 -4.70
C GLY B 365 24.56 6.54 -3.47
N TYR B 366 24.31 7.28 -2.39
CA TYR B 366 24.68 6.90 -1.02
C TYR B 366 23.45 6.36 -0.28
N PHE B 367 23.57 5.12 0.20
CA PHE B 367 22.52 4.37 0.89
C PHE B 367 22.97 4.03 2.29
N TYR B 368 22.05 4.18 3.24
CA TYR B 368 22.34 3.91 4.67
C TYR B 368 21.09 3.37 5.35
N GLY B 369 21.27 2.36 6.18
CA GLY B 369 20.23 1.80 7.07
C GLY B 369 20.45 0.31 7.29
N HIS B 370 19.42 -0.39 7.74
CA HIS B 370 19.49 -1.83 8.06
C HIS B 370 19.16 -2.63 6.81
N SER B 371 19.67 -3.85 6.79
CA SER B 371 19.46 -4.87 5.74
C SER B 371 18.62 -5.99 6.36
N LEU B 372 17.87 -6.71 5.55
CA LEU B 372 17.07 -7.87 6.01
C LEU B 372 17.78 -9.17 5.63
N VAL B 373 18.27 -9.90 6.64
CA VAL B 373 19.02 -11.17 6.45
C VAL B 373 18.46 -12.31 7.30
N ASP B 374 18.33 -13.48 6.69
CA ASP B 374 18.06 -14.78 7.36
C ASP B 374 19.39 -15.36 7.81
N ARG B 375 19.70 -15.25 9.10
CA ARG B 375 20.99 -15.71 9.71
C ARG B 375 20.79 -17.04 10.45
N SER B 376 19.85 -17.87 10.02
CA SER B 376 19.46 -19.13 10.69
C SER B 376 20.44 -20.23 10.27
N TYR B 377 20.93 -20.18 9.03
CA TYR B 377 21.82 -21.21 8.42
C TYR B 377 21.12 -22.57 8.48
N ALA B 378 19.80 -22.56 8.27
CA ALA B 378 18.94 -23.75 8.24
C ALA B 378 19.58 -24.87 7.42
N PRO B 379 19.58 -26.13 7.93
CA PRO B 379 20.10 -27.28 7.20
C PRO B 379 19.45 -27.48 5.83
N GLU B 380 18.24 -26.96 5.65
CA GLU B 380 17.54 -27.03 4.34
C GLU B 380 18.36 -26.25 3.30
N TYR B 381 19.06 -25.18 3.69
CA TYR B 381 19.76 -24.26 2.75
C TYR B 381 20.98 -24.94 2.09
N ASP B 382 21.49 -26.04 2.70
CA ASP B 382 22.54 -26.93 2.15
C ASP B 382 22.05 -27.56 0.84
N GLU B 383 20.74 -27.66 0.58
CA GLU B 383 20.22 -28.17 -0.73
C GLU B 383 20.81 -29.55 -1.08
N GLU B 384 20.91 -30.48 -0.12
CA GLU B 384 21.51 -31.83 -0.33
C GLU B 384 20.52 -32.79 -1.02
N ASN B 385 19.22 -32.69 -0.76
CA ASN B 385 18.23 -33.71 -1.21
C ASN B 385 17.61 -33.26 -2.54
N GLU B 386 17.04 -34.19 -3.31
CA GLU B 386 16.09 -33.91 -4.42
C GLU B 386 14.89 -33.13 -3.88
N GLY B 387 14.27 -32.29 -4.72
CA GLY B 387 13.22 -31.33 -4.29
C GLY B 387 13.68 -30.40 -3.15
N PHE B 388 14.94 -29.94 -3.15
CA PHE B 388 15.53 -29.01 -2.13
C PHE B 388 14.74 -27.68 -2.09
N TRP B 389 14.10 -27.28 -3.19
CA TRP B 389 13.32 -26.01 -3.26
C TRP B 389 12.11 -26.06 -2.31
N GLU B 390 11.41 -27.19 -2.22
CA GLU B 390 10.31 -27.43 -1.23
C GLU B 390 10.91 -27.27 0.18
N ASP B 391 12.07 -27.87 0.45
CA ASP B 391 12.71 -27.82 1.80
C ASP B 391 13.04 -26.36 2.12
N ALA B 392 13.44 -25.60 1.10
CA ALA B 392 13.85 -24.18 1.19
C ALA B 392 12.63 -23.33 1.55
N ALA B 393 11.47 -23.62 0.94
CA ALA B 393 10.17 -22.97 1.25
C ALA B 393 9.78 -23.22 2.70
N GLU B 394 9.99 -24.46 3.18
CA GLU B 394 9.76 -24.81 4.60
C GLU B 394 10.61 -23.92 5.51
N ALA B 395 11.89 -23.75 5.20
CA ALA B 395 12.80 -23.00 6.07
C ALA B 395 12.40 -21.51 6.07
N ARG B 396 11.95 -20.99 4.93
CA ARG B 396 11.52 -19.56 4.78
C ARG B 396 10.28 -19.34 5.64
N ALA B 397 9.37 -20.32 5.69
CA ALA B 397 8.11 -20.27 6.47
C ALA B 397 8.41 -20.21 7.97
N ARG B 398 9.65 -20.42 8.42
CA ARG B 398 9.99 -20.28 9.85
C ARG B 398 10.27 -18.82 10.19
N HIS B 399 10.37 -17.96 9.16
CA HIS B 399 10.55 -16.49 9.30
C HIS B 399 11.57 -16.12 10.39
N GLN B 400 12.83 -16.53 10.22
CA GLN B 400 13.95 -16.20 11.15
C GLN B 400 14.60 -14.87 10.75
N GLU B 401 14.33 -14.36 9.55
CA GLU B 401 14.97 -13.12 9.03
C GLU B 401 14.80 -11.98 10.04
N ALA B 402 15.85 -11.18 10.21
CA ALA B 402 15.84 -9.96 11.06
C ALA B 402 16.63 -8.87 10.37
N LEU B 403 16.30 -7.61 10.71
CA LEU B 403 17.04 -6.43 10.28
C LEU B 403 18.38 -6.45 11.02
N GLU B 404 19.47 -6.21 10.30
CA GLU B 404 20.85 -6.08 10.87
C GLU B 404 21.56 -4.89 10.24
N GLY B 405 22.59 -4.40 10.92
CA GLY B 405 23.32 -3.20 10.55
C GLY B 405 23.23 -2.16 11.64
N PRO B 406 23.17 -0.83 11.36
CA PRO B 406 23.01 -0.31 9.99
C PRO B 406 24.31 -0.37 9.16
N TYR B 407 24.16 -0.39 7.84
CA TYR B 407 25.24 -0.41 6.82
C TYR B 407 25.15 0.81 5.92
N GLU B 408 26.23 1.08 5.19
CA GLU B 408 26.25 2.15 4.15
C GLU B 408 26.71 1.53 2.82
N LEU B 409 26.37 2.15 1.69
CA LEU B 409 26.83 1.69 0.36
C LEU B 409 26.85 2.90 -0.57
N PHE B 410 28.01 3.19 -1.13
CA PHE B 410 28.21 4.19 -2.20
C PHE B 410 28.39 3.41 -3.50
N THR B 411 27.42 3.42 -4.40
CA THR B 411 27.39 2.53 -5.59
C THR B 411 26.61 3.23 -6.70
N SER B 412 26.92 2.91 -7.94
CA SER B 412 26.01 3.18 -9.08
C SER B 412 24.89 2.13 -9.01
N ILE B 413 23.88 2.29 -9.85
CA ILE B 413 22.57 1.57 -9.80
C ILE B 413 22.16 1.27 -11.24
N PRO B 414 21.39 0.20 -11.44
CA PRO B 414 20.88 -0.09 -12.77
C PRO B 414 19.85 0.92 -13.29
N SER B 415 18.94 1.41 -12.44
CA SER B 415 17.77 2.21 -12.88
C SER B 415 17.21 3.12 -11.79
N ARG B 416 17.09 4.42 -12.04
CA ARG B 416 16.50 5.36 -11.05
C ARG B 416 15.03 5.03 -10.78
N PRO B 417 14.16 4.89 -11.80
CA PRO B 417 12.74 4.65 -11.56
C PRO B 417 12.40 3.26 -11.00
N PHE B 418 13.17 2.22 -11.37
CA PHE B 418 12.78 0.80 -11.15
C PHE B 418 13.63 0.11 -10.10
N PHE B 419 14.95 0.28 -10.17
CA PHE B 419 15.94 -0.52 -9.42
C PHE B 419 16.97 0.40 -8.80
N PRO B 420 16.59 1.40 -7.99
CA PRO B 420 17.52 2.39 -7.45
C PRO B 420 18.25 1.86 -6.21
N ARG B 421 19.10 0.85 -6.40
CA ARG B 421 19.94 0.27 -5.32
C ARG B 421 21.08 -0.57 -5.93
N GLY B 422 21.97 -1.07 -5.08
CA GLY B 422 23.14 -1.84 -5.51
C GLY B 422 22.75 -3.26 -5.85
N PHE B 423 23.17 -3.72 -7.01
CA PHE B 423 23.18 -5.15 -7.40
C PHE B 423 24.64 -5.58 -7.65
N LEU B 424 25.03 -6.72 -7.07
CA LEU B 424 26.44 -7.09 -6.95
C LEU B 424 27.05 -7.27 -8.36
N TRP B 425 26.49 -8.05 -9.26
CA TRP B 425 27.16 -8.31 -10.57
C TRP B 425 26.94 -7.14 -11.55
N ASP B 426 25.84 -6.37 -11.42
CA ASP B 426 25.64 -5.15 -12.25
C ASP B 426 26.83 -4.22 -12.04
N GLU B 427 27.32 -4.11 -10.82
CA GLU B 427 28.30 -3.07 -10.41
C GLU B 427 29.66 -3.32 -11.09
N GLY B 428 30.05 -4.59 -11.28
CA GLY B 428 31.22 -4.93 -12.09
C GLY B 428 31.12 -4.30 -13.47
N PHE B 429 29.98 -4.38 -14.14
CA PHE B 429 29.80 -3.79 -15.49
C PHE B 429 29.76 -2.27 -15.38
N HIS B 430 29.05 -1.71 -14.39
CA HIS B 430 28.94 -0.24 -14.16
C HIS B 430 30.33 0.36 -14.03
N LEU B 431 31.22 -0.29 -13.29
CA LEU B 431 32.52 0.32 -12.93
C LEU B 431 33.53 0.20 -14.07
N LEU B 432 33.27 -0.55 -15.15
CA LEU B 432 34.24 -0.59 -16.28
C LEU B 432 34.34 0.81 -16.89
N PRO B 433 33.25 1.51 -17.33
CA PRO B 433 33.36 2.89 -17.82
C PRO B 433 33.70 3.90 -16.70
N ILE B 434 33.22 3.70 -15.48
CA ILE B 434 33.51 4.67 -14.41
C ILE B 434 35.00 4.63 -14.04
N ALA B 435 35.65 3.47 -14.11
CA ALA B 435 37.09 3.29 -13.77
C ALA B 435 37.97 4.02 -14.79
N ASP B 436 37.64 3.91 -16.11
CA ASP B 436 38.27 4.71 -17.20
C ASP B 436 38.22 6.20 -16.85
N TRP B 437 37.06 6.69 -16.43
CA TRP B 437 36.83 8.12 -16.10
C TRP B 437 37.62 8.50 -14.85
N ASP B 438 37.60 7.68 -13.81
CA ASP B 438 38.00 8.09 -12.44
C ASP B 438 38.31 6.84 -11.61
N ILE B 439 39.55 6.34 -11.71
CA ILE B 439 39.91 5.02 -11.13
C ILE B 439 39.71 5.11 -9.62
N ASP B 440 40.01 6.25 -9.01
CA ASP B 440 39.90 6.44 -7.53
C ASP B 440 38.42 6.34 -7.13
N LEU B 441 37.51 6.87 -7.97
CA LEU B 441 36.06 6.78 -7.67
C LEU B 441 35.66 5.31 -7.66
N ALA B 442 36.05 4.57 -8.70
CA ALA B 442 35.74 3.13 -8.85
C ALA B 442 36.31 2.35 -7.66
N LEU B 443 37.51 2.68 -7.20
CA LEU B 443 38.13 1.94 -6.08
C LEU B 443 37.35 2.20 -4.77
N GLU B 444 36.83 3.42 -4.59
CA GLU B 444 35.95 3.77 -3.43
C GLU B 444 34.68 2.93 -3.44
N ILE B 445 34.03 2.82 -4.60
CA ILE B 445 32.76 2.03 -4.72
C ILE B 445 33.09 0.56 -4.40
N ILE B 446 34.22 0.02 -4.90
CA ILE B 446 34.65 -1.36 -4.60
C ILE B 446 34.92 -1.48 -3.10
N LYS B 447 35.52 -0.49 -2.47
CA LYS B 447 35.84 -0.55 -1.04
C LYS B 447 34.50 -0.62 -0.32
N SER B 448 33.53 0.15 -0.77
CA SER B 448 32.20 0.27 -0.10
C SER B 448 31.53 -1.11 -0.11
N TRP B 449 31.50 -1.77 -1.25
CA TRP B 449 30.89 -3.11 -1.41
C TRP B 449 31.62 -4.14 -0.56
N TYR B 450 32.95 -4.21 -0.63
CA TYR B 450 33.72 -5.25 0.09
C TYR B 450 33.65 -5.00 1.61
N ASN B 451 33.37 -3.77 2.01
CA ASN B 451 33.06 -3.47 3.43
C ASN B 451 31.74 -4.13 3.87
N LEU B 452 30.88 -4.57 2.97
CA LEU B 452 29.62 -5.21 3.39
C LEU B 452 29.86 -6.72 3.56
N MET B 453 31.06 -7.21 3.30
CA MET B 453 31.33 -8.67 3.35
C MET B 453 31.31 -9.16 4.80
N ASP B 454 30.54 -10.21 5.11
CA ASP B 454 30.53 -10.85 6.46
C ASP B 454 31.83 -11.68 6.64
N GLU B 455 31.96 -12.35 7.77
CA GLU B 455 33.19 -13.05 8.20
C GLU B 455 33.38 -14.33 7.38
N ASP B 456 32.34 -14.84 6.73
CA ASP B 456 32.44 -16.07 5.90
C ASP B 456 32.80 -15.73 4.44
N GLY B 457 32.68 -14.46 4.05
CA GLY B 457 32.94 -14.00 2.66
C GLY B 457 31.69 -13.81 1.80
N TRP B 458 30.53 -13.62 2.43
CA TRP B 458 29.25 -13.37 1.72
C TRP B 458 28.99 -11.87 1.63
N ILE B 459 28.67 -11.43 0.42
CA ILE B 459 27.99 -10.13 0.13
C ILE B 459 26.65 -10.44 -0.51
N ALA B 460 25.60 -9.96 0.14
CA ALA B 460 24.21 -9.99 -0.37
C ALA B 460 24.18 -9.38 -1.76
N ARG B 461 23.57 -10.10 -2.69
CA ARG B 461 23.58 -9.77 -4.13
C ARG B 461 22.75 -8.49 -4.35
N GLU B 462 21.89 -8.13 -3.41
CA GLU B 462 20.94 -7.00 -3.57
C GLU B 462 20.94 -6.22 -2.25
N GLN B 463 21.38 -4.97 -2.28
CA GLN B 463 21.64 -4.20 -1.05
C GLN B 463 20.53 -3.18 -0.91
N ILE B 464 19.58 -3.48 -0.04
CA ILE B 464 18.36 -2.70 0.27
C ILE B 464 18.55 -2.08 1.64
N LEU B 465 19.17 -0.91 1.72
CA LEU B 465 19.59 -0.30 3.01
C LEU B 465 18.63 0.84 3.37
N GLY B 466 17.85 0.62 4.44
CA GLY B 466 16.92 1.60 5.03
C GLY B 466 15.50 1.49 4.49
N ALA B 467 14.59 2.12 5.23
CA ALA B 467 13.14 2.13 4.96
C ALA B 467 12.87 2.74 3.58
N GLU B 468 13.57 3.81 3.21
CA GLU B 468 13.38 4.47 1.89
C GLU B 468 13.65 3.49 0.73
N ALA B 469 14.74 2.73 0.79
CA ALA B 469 15.11 1.73 -0.24
C ALA B 469 14.09 0.58 -0.25
N ARG B 470 13.65 0.18 0.93
CA ARG B 470 12.72 -0.97 1.14
C ARG B 470 11.36 -0.62 0.53
N SER B 471 10.95 0.65 0.63
CA SER B 471 9.62 1.13 0.15
C SER B 471 9.47 0.77 -1.33
N LYS B 472 10.53 0.55 -2.09
CA LYS B 472 10.44 0.28 -3.56
C LYS B 472 10.39 -1.23 -3.82
N VAL B 473 10.56 -2.04 -2.80
CA VAL B 473 10.85 -3.50 -2.94
C VAL B 473 9.73 -4.29 -2.30
N PRO B 474 9.05 -5.14 -3.10
CA PRO B 474 8.03 -6.05 -2.58
C PRO B 474 8.64 -6.95 -1.51
N LYS B 475 7.90 -7.23 -0.45
CA LYS B 475 8.43 -7.89 0.77
C LYS B 475 9.04 -9.27 0.39
N GLU B 476 8.47 -9.98 -0.57
CA GLU B 476 8.93 -11.33 -0.94
C GLU B 476 10.37 -11.29 -1.49
N PHE B 477 10.87 -10.11 -1.92
CA PHE B 477 12.24 -9.95 -2.45
C PHE B 477 13.19 -9.26 -1.48
N GLN B 478 12.78 -8.91 -0.26
CA GLN B 478 13.64 -8.07 0.62
C GLN B 478 14.71 -8.93 1.31
N THR B 479 14.36 -10.14 1.75
CA THR B 479 15.24 -10.99 2.59
C THR B 479 16.44 -11.47 1.76
N GLN B 480 17.64 -11.29 2.28
CA GLN B 480 18.88 -11.80 1.64
C GLN B 480 19.31 -13.08 2.38
N TYR B 481 19.84 -14.05 1.62
CA TYR B 481 20.21 -15.41 2.08
C TYR B 481 21.72 -15.57 1.95
N PRO B 482 22.42 -15.86 3.07
CA PRO B 482 23.88 -15.99 3.08
C PRO B 482 24.46 -17.14 2.22
N HIS B 483 23.62 -17.93 1.59
CA HIS B 483 24.05 -19.01 0.68
C HIS B 483 23.81 -18.58 -0.77
N TYR B 484 23.31 -17.35 -0.99
CA TYR B 484 22.91 -16.86 -2.34
C TYR B 484 24.05 -16.03 -2.91
N ALA B 485 24.62 -16.50 -4.00
CA ALA B 485 25.80 -15.90 -4.65
C ALA B 485 25.34 -15.00 -5.79
N ASN B 486 26.30 -14.39 -6.50
CA ASN B 486 26.06 -13.57 -7.72
C ASN B 486 27.40 -13.54 -8.47
N PRO B 487 27.45 -13.37 -9.81
CA PRO B 487 28.73 -13.36 -10.50
C PRO B 487 29.62 -12.28 -9.95
N PRO B 488 30.91 -12.61 -9.68
CA PRO B 488 31.90 -11.66 -9.17
C PRO B 488 32.55 -10.80 -10.29
N THR B 489 31.72 -10.05 -10.99
CA THR B 489 32.16 -9.13 -12.07
C THR B 489 33.08 -8.06 -11.50
N LEU B 490 33.03 -7.76 -10.21
CA LEU B 490 33.91 -6.68 -9.69
C LEU B 490 35.39 -7.06 -9.90
N PHE B 491 35.71 -8.36 -10.02
CA PHE B 491 37.10 -8.84 -10.30
C PHE B 491 37.54 -8.32 -11.67
N LEU B 492 36.62 -8.18 -12.63
CA LEU B 492 36.90 -7.60 -13.97
C LEU B 492 37.41 -6.15 -13.80
N VAL B 493 36.84 -5.37 -12.89
CA VAL B 493 37.30 -3.97 -12.66
C VAL B 493 38.71 -4.07 -12.11
N LEU B 494 38.95 -5.02 -11.20
CA LEU B 494 40.25 -5.12 -10.53
C LEU B 494 41.33 -5.51 -11.56
N ASP B 495 41.00 -6.34 -12.54
CA ASP B 495 41.89 -6.74 -13.65
C ASP B 495 42.34 -5.49 -14.42
N ASN B 496 41.40 -4.61 -14.83
CA ASN B 496 41.76 -3.36 -15.55
C ASN B 496 42.65 -2.49 -14.67
N PHE B 497 42.40 -2.45 -13.36
CA PHE B 497 43.19 -1.63 -12.42
C PHE B 497 44.63 -2.16 -12.35
N VAL B 498 44.79 -3.49 -12.27
CA VAL B 498 46.10 -4.21 -12.19
C VAL B 498 46.91 -3.88 -13.48
N GLU B 499 46.30 -4.07 -14.66
CA GLU B 499 46.84 -3.70 -15.98
C GLU B 499 47.43 -2.30 -15.88
N ARG B 500 46.64 -1.35 -15.39
CA ARG B 500 47.00 0.08 -15.30
C ARG B 500 48.18 0.27 -14.35
N LEU B 501 48.22 -0.46 -13.23
CA LEU B 501 49.35 -0.38 -12.26
C LEU B 501 50.65 -0.89 -12.86
N ARG B 502 50.57 -1.86 -13.80
CA ARG B 502 51.73 -2.41 -14.56
C ARG B 502 52.31 -1.32 -15.47
N LYS B 503 51.48 -0.64 -16.27
CA LYS B 503 51.90 0.34 -17.32
C LYS B 503 52.58 1.60 -16.73
N THR B 520 45.45 15.94 -9.07
CA THR B 520 44.07 15.53 -9.48
C THR B 520 43.77 14.13 -8.88
N LEU B 521 42.87 14.12 -7.91
CA LEU B 521 42.55 12.97 -7.03
C LEU B 521 42.03 11.76 -7.80
N SER B 522 41.51 11.95 -9.02
CA SER B 522 41.00 10.90 -9.92
C SER B 522 41.98 9.75 -10.11
N THR B 523 43.29 10.03 -10.18
CA THR B 523 44.33 9.05 -10.60
C THR B 523 45.44 8.92 -9.55
N ALA B 524 45.28 9.49 -8.36
CA ALA B 524 46.33 9.51 -7.30
C ALA B 524 46.80 8.07 -7.04
N SER B 525 45.91 7.10 -7.19
CA SER B 525 46.14 5.66 -6.95
C SER B 525 46.98 5.02 -8.06
N VAL B 526 46.98 5.52 -9.30
CA VAL B 526 47.96 5.03 -10.32
C VAL B 526 49.16 5.97 -10.42
N ASP B 527 48.99 7.29 -10.22
CA ASP B 527 50.08 8.30 -10.35
C ASP B 527 51.25 7.94 -9.43
N ASN B 528 50.96 7.56 -8.18
CA ASN B 528 51.94 6.97 -7.24
C ASN B 528 51.52 5.52 -7.04
N PRO B 529 52.11 4.55 -7.80
CA PRO B 529 51.65 3.16 -7.78
C PRO B 529 51.80 2.42 -6.43
N GLU B 530 52.62 2.95 -5.52
CA GLU B 530 52.71 2.49 -4.12
C GLU B 530 51.35 2.67 -3.44
N VAL B 531 50.58 3.70 -3.82
CA VAL B 531 49.24 3.93 -3.21
C VAL B 531 48.30 2.83 -3.70
N GLY B 532 48.32 2.54 -4.99
CA GLY B 532 47.46 1.51 -5.62
C GLY B 532 47.80 0.15 -5.08
N LEU B 533 49.10 -0.12 -4.87
CA LEU B 533 49.57 -1.44 -4.35
C LEU B 533 49.12 -1.62 -2.89
N GLU B 534 49.21 -0.59 -2.07
CA GLU B 534 48.71 -0.66 -0.67
C GLU B 534 47.20 -0.88 -0.66
N TYR B 535 46.45 -0.19 -1.52
CA TYR B 535 45.00 -0.47 -1.69
C TYR B 535 44.81 -1.97 -1.96
N LEU B 536 45.51 -2.56 -2.95
CA LEU B 536 45.34 -4.00 -3.28
C LEU B 536 45.72 -4.88 -2.08
N ARG B 537 46.74 -4.50 -1.33
CA ARG B 537 47.26 -5.30 -0.21
C ARG B 537 46.15 -5.39 0.83
N ARG B 538 45.41 -4.30 1.03
CA ARG B 538 44.33 -4.23 2.03
C ARG B 538 43.07 -4.95 1.52
N LEU B 539 42.84 -5.04 0.20
CA LEU B 539 41.62 -5.69 -0.34
C LEU B 539 41.83 -7.20 -0.58
N TYR B 540 43.06 -7.67 -0.82
CA TYR B 540 43.37 -9.06 -1.25
C TYR B 540 42.80 -10.09 -0.26
N PRO B 541 42.95 -9.93 1.08
CA PRO B 541 42.34 -10.87 2.04
C PRO B 541 40.83 -11.07 1.89
N LEU B 542 40.09 -10.02 1.52
CA LEU B 542 38.62 -10.08 1.30
C LEU B 542 38.33 -10.75 -0.04
N LEU B 543 39.15 -10.49 -1.05
CA LEU B 543 39.07 -11.22 -2.34
C LEU B 543 39.31 -12.71 -2.10
N ARG B 544 40.32 -13.08 -1.34
CA ARG B 544 40.64 -14.53 -1.10
C ARG B 544 39.46 -15.12 -0.32
N ARG B 545 38.96 -14.39 0.68
CA ARG B 545 37.83 -14.88 1.52
C ARG B 545 36.61 -15.17 0.64
N GLN B 546 36.24 -14.24 -0.25
CA GLN B 546 35.10 -14.45 -1.18
C GLN B 546 35.37 -15.66 -2.09
N PHE B 547 36.61 -15.87 -2.54
CA PHE B 547 36.97 -17.01 -3.43
C PHE B 547 36.74 -18.31 -2.66
N ASP B 548 37.24 -18.36 -1.43
CA ASP B 548 37.07 -19.53 -0.51
C ASP B 548 35.57 -19.78 -0.30
N TRP B 549 34.80 -18.73 0.00
CA TRP B 549 33.33 -18.82 0.24
C TRP B 549 32.65 -19.40 -1.00
N PHE B 550 33.08 -19.02 -2.20
CA PHE B 550 32.45 -19.58 -3.42
C PHE B 550 32.68 -21.08 -3.43
N ARG B 551 33.92 -21.50 -3.17
CA ARG B 551 34.36 -22.91 -3.42
C ARG B 551 33.75 -23.80 -2.34
N LYS B 552 33.53 -23.26 -1.15
CA LYS B 552 32.85 -23.95 -0.03
C LYS B 552 31.33 -24.04 -0.28
N THR B 553 30.63 -22.91 -0.50
CA THR B 553 29.14 -22.81 -0.45
C THR B 553 28.51 -23.17 -1.78
N GLN B 554 29.24 -23.09 -2.90
CA GLN B 554 28.64 -23.36 -4.24
C GLN B 554 29.33 -24.60 -4.85
N ALA B 555 30.04 -25.38 -4.02
CA ALA B 555 30.58 -26.70 -4.41
C ALA B 555 29.50 -27.51 -5.13
N GLY B 556 29.83 -28.09 -6.27
CA GLY B 556 29.05 -29.19 -6.89
C GLY B 556 29.58 -30.55 -6.42
N ASP B 557 28.92 -31.62 -6.82
CA ASP B 557 29.20 -32.99 -6.35
C ASP B 557 29.63 -33.82 -7.58
N ILE B 558 30.90 -34.22 -7.59
CA ILE B 558 31.51 -35.19 -8.56
C ILE B 558 31.62 -36.57 -7.88
N LYS B 559 32.13 -36.62 -6.62
CA LYS B 559 32.47 -37.83 -5.81
C LYS B 559 31.28 -38.81 -5.75
N SER B 560 30.12 -38.36 -5.28
CA SER B 560 29.02 -39.26 -4.86
C SER B 560 28.17 -39.76 -6.05
N TYR B 561 28.62 -39.60 -7.30
CA TYR B 561 27.94 -40.15 -8.50
C TYR B 561 28.94 -40.86 -9.45
N ASP B 562 28.41 -41.43 -10.54
CA ASP B 562 29.17 -42.09 -11.64
C ASP B 562 29.75 -41.01 -12.58
N ARG B 563 30.78 -40.28 -12.12
CA ARG B 563 31.34 -39.08 -12.84
C ARG B 563 32.87 -39.20 -12.95
N GLU B 564 33.37 -39.31 -14.19
CA GLU B 564 34.83 -39.29 -14.50
C GLU B 564 35.23 -37.85 -14.84
N ALA B 565 36.24 -37.33 -14.13
CA ALA B 565 36.77 -35.96 -14.31
C ALA B 565 38.26 -35.93 -13.96
N TYR B 566 39.04 -35.15 -14.70
CA TYR B 566 40.48 -34.88 -14.43
C TYR B 566 40.66 -34.47 -12.97
N SER B 567 39.77 -33.63 -12.41
CA SER B 567 39.78 -33.25 -10.98
C SER B 567 38.49 -33.71 -10.34
N THR B 568 38.54 -34.11 -9.08
CA THR B 568 37.36 -34.52 -8.29
C THR B 568 36.90 -33.32 -7.47
N LYS B 569 37.63 -32.19 -7.56
CA LYS B 569 37.39 -31.04 -6.66
C LYS B 569 36.61 -29.94 -7.41
N GLU B 570 36.91 -29.70 -8.69
CA GLU B 570 36.47 -28.48 -9.40
C GLU B 570 35.14 -28.78 -10.09
N ALA B 571 34.05 -28.42 -9.42
CA ALA B 571 32.70 -28.45 -9.98
C ALA B 571 31.80 -27.62 -9.07
N TYR B 572 30.77 -27.02 -9.64
CA TYR B 572 30.10 -25.83 -9.04
C TYR B 572 28.62 -25.88 -9.38
N ARG B 573 27.81 -25.50 -8.39
CA ARG B 573 26.33 -25.52 -8.49
C ARG B 573 25.76 -24.29 -7.76
N TRP B 574 25.11 -23.40 -8.51
CA TRP B 574 24.44 -22.21 -7.93
C TRP B 574 23.41 -22.70 -6.91
N ARG B 575 23.60 -22.35 -5.64
CA ARG B 575 22.49 -22.39 -4.66
C ARG B 575 21.33 -21.45 -5.12
N GLY B 576 20.12 -21.73 -4.66
CA GLY B 576 18.99 -20.78 -4.68
C GLY B 576 18.12 -20.96 -5.89
N ARG B 577 18.15 -22.14 -6.51
CA ARG B 577 17.38 -22.29 -7.75
C ARG B 577 16.01 -22.91 -7.41
N THR B 578 15.04 -22.53 -8.24
CA THR B 578 13.63 -22.97 -8.13
C THR B 578 13.31 -23.59 -9.48
N VAL B 579 12.09 -24.08 -9.69
CA VAL B 579 11.77 -24.96 -10.84
C VAL B 579 11.99 -24.19 -12.15
N SER B 580 11.74 -22.88 -12.19
CA SER B 580 11.70 -22.13 -13.49
C SER B 580 12.75 -20.98 -13.58
N HIS B 581 13.65 -20.88 -12.61
CA HIS B 581 14.53 -19.71 -12.44
C HIS B 581 15.90 -20.12 -11.86
N CYS B 582 16.89 -19.25 -12.03
CA CYS B 582 18.17 -19.26 -11.28
C CYS B 582 18.63 -17.83 -11.07
N LEU B 583 18.11 -17.17 -10.03
CA LEU B 583 18.24 -15.70 -9.80
C LEU B 583 19.67 -15.36 -9.39
N THR B 584 20.32 -16.24 -8.66
CA THR B 584 21.71 -16.01 -8.20
C THR B 584 22.64 -15.90 -9.41
N SER B 585 22.34 -16.60 -10.50
CA SER B 585 23.24 -16.62 -11.67
C SER B 585 23.21 -15.27 -12.36
N GLY B 586 22.15 -14.48 -12.17
CA GLY B 586 21.92 -13.22 -12.92
C GLY B 586 21.12 -13.38 -14.21
N LEU B 587 21.10 -14.56 -14.82
CA LEU B 587 20.29 -14.86 -16.02
C LEU B 587 18.99 -15.52 -15.54
N ASP B 588 18.11 -14.72 -14.92
CA ASP B 588 16.94 -15.14 -14.09
C ASP B 588 16.27 -16.40 -14.66
N ASP B 589 15.86 -16.40 -15.93
CA ASP B 589 14.99 -17.49 -16.46
C ASP B 589 15.67 -18.26 -17.60
N TYR B 590 16.99 -18.17 -17.76
CA TYR B 590 17.69 -18.96 -18.79
C TYR B 590 17.39 -20.43 -18.47
N PRO B 591 17.02 -21.24 -19.48
CA PRO B 591 16.65 -22.65 -19.24
C PRO B 591 17.84 -23.43 -18.66
N ARG B 592 17.61 -24.09 -17.53
CA ARG B 592 18.56 -24.94 -16.77
C ARG B 592 18.06 -26.39 -16.80
N PRO B 593 18.76 -27.36 -16.17
CA PRO B 593 18.28 -28.73 -16.13
C PRO B 593 16.92 -28.87 -15.41
N GLN B 594 16.00 -29.70 -15.97
CA GLN B 594 14.65 -30.02 -15.40
C GLN B 594 14.60 -31.48 -14.95
N PRO B 595 14.33 -31.75 -13.67
CA PRO B 595 14.12 -30.70 -12.69
C PRO B 595 15.46 -30.15 -12.18
N PRO B 596 15.44 -29.15 -11.29
CA PRO B 596 16.58 -28.90 -10.42
C PRO B 596 16.89 -30.19 -9.66
N HIS B 597 18.13 -30.35 -9.21
CA HIS B 597 18.73 -31.61 -8.68
C HIS B 597 20.06 -31.23 -8.05
N PRO B 598 20.40 -31.78 -6.85
CA PRO B 598 21.63 -31.42 -6.17
C PRO B 598 22.91 -31.88 -6.89
N GLY B 599 22.74 -32.65 -7.97
CA GLY B 599 23.85 -33.10 -8.84
C GLY B 599 23.99 -32.30 -10.12
N GLU B 600 23.29 -31.16 -10.21
CA GLU B 600 23.44 -30.19 -11.31
C GLU B 600 24.85 -29.60 -11.22
N LEU B 601 25.38 -29.24 -12.37
CA LEU B 601 26.63 -28.46 -12.49
C LEU B 601 26.38 -27.34 -13.50
N HIS B 602 26.74 -26.12 -13.11
CA HIS B 602 26.54 -24.91 -13.94
C HIS B 602 27.88 -24.45 -14.50
N VAL B 603 27.98 -24.43 -15.82
CA VAL B 603 29.23 -24.13 -16.56
C VAL B 603 29.53 -22.62 -16.42
N ASP B 604 28.48 -21.80 -16.26
CA ASP B 604 28.68 -20.34 -16.07
C ASP B 604 29.37 -20.10 -14.73
N LEU B 605 28.97 -20.80 -13.66
CA LEU B 605 29.56 -20.58 -12.31
C LEU B 605 31.01 -21.07 -12.31
N MET B 606 31.28 -22.20 -12.97
CA MET B 606 32.67 -22.71 -13.01
C MET B 606 33.51 -21.65 -13.71
N SER B 607 33.04 -21.14 -14.85
CA SER B 607 33.68 -20.03 -15.58
C SER B 607 33.99 -18.84 -14.63
N TRP B 608 33.05 -18.41 -13.77
CA TRP B 608 33.28 -17.26 -12.85
C TRP B 608 34.37 -17.61 -11.83
N VAL B 609 34.47 -18.87 -11.39
CA VAL B 609 35.58 -19.29 -10.48
C VAL B 609 36.91 -19.22 -11.25
N GLY B 610 36.91 -19.60 -12.52
CA GLY B 610 38.06 -19.35 -13.41
C GLY B 610 38.48 -17.88 -13.35
N VAL B 611 37.53 -16.96 -13.56
CA VAL B 611 37.84 -15.51 -13.61
C VAL B 611 38.49 -15.11 -12.28
N MET B 612 37.95 -15.59 -11.17
CA MET B 612 38.41 -15.15 -9.83
C MET B 612 39.86 -15.62 -9.62
N VAL B 613 40.14 -16.88 -9.99
CA VAL B 613 41.48 -17.49 -9.76
C VAL B 613 42.49 -16.77 -10.66
N LYS B 614 42.14 -16.39 -11.89
CA LYS B 614 43.06 -15.59 -12.76
C LYS B 614 43.33 -14.22 -12.13
N SER B 615 42.33 -13.53 -11.58
CA SER B 615 42.56 -12.22 -10.91
C SER B 615 43.50 -12.38 -9.70
N LEU B 616 43.37 -13.50 -8.96
CA LEU B 616 44.10 -13.69 -7.69
C LEU B 616 45.56 -14.10 -7.98
N ILE B 617 45.80 -14.89 -9.04
CA ILE B 617 47.15 -15.14 -9.61
C ILE B 617 47.83 -13.79 -9.87
N SER B 618 47.20 -12.85 -10.58
CA SER B 618 47.79 -11.51 -10.91
C SER B 618 48.05 -10.71 -9.65
N ILE B 619 47.05 -10.58 -8.80
CA ILE B 619 47.14 -9.64 -7.64
C ILE B 619 48.15 -10.25 -6.68
N GLY B 620 47.99 -11.56 -6.43
CA GLY B 620 48.89 -12.28 -5.52
C GLY B 620 50.32 -12.07 -5.97
N SER B 621 50.60 -12.26 -7.26
CA SER B 621 51.94 -12.10 -7.89
C SER B 621 52.49 -10.68 -7.62
N LEU B 622 51.68 -9.65 -7.83
CA LEU B 622 52.03 -8.23 -7.55
C LEU B 622 52.40 -8.05 -6.07
N LEU B 623 51.75 -8.75 -5.15
CA LEU B 623 51.95 -8.53 -3.69
C LEU B 623 53.01 -9.49 -3.17
N GLY B 624 53.51 -10.40 -4.00
CA GLY B 624 54.51 -11.43 -3.64
C GLY B 624 53.99 -12.49 -2.67
N ALA B 625 52.71 -12.85 -2.74
CA ALA B 625 52.13 -14.01 -2.02
C ALA B 625 52.44 -15.34 -2.73
N THR B 626 53.70 -15.75 -2.69
CA THR B 626 54.22 -16.93 -3.44
C THR B 626 53.59 -18.20 -2.87
N GLU B 627 53.23 -18.19 -1.58
CA GLU B 627 52.48 -19.30 -0.90
C GLU B 627 51.19 -19.62 -1.67
N ASP B 628 50.40 -18.61 -2.03
CA ASP B 628 49.06 -18.80 -2.65
C ASP B 628 49.19 -19.17 -4.13
N VAL B 629 50.25 -18.71 -4.82
CA VAL B 629 50.40 -18.85 -6.31
C VAL B 629 50.33 -20.35 -6.66
N GLU B 630 50.96 -21.21 -5.86
CA GLU B 630 51.00 -22.68 -6.07
C GLU B 630 49.57 -23.24 -6.10
N PHE B 631 48.74 -22.88 -5.12
CA PHE B 631 47.34 -23.35 -4.95
C PHE B 631 46.48 -22.82 -6.13
N TYR B 632 46.60 -21.53 -6.46
CA TYR B 632 45.75 -20.89 -7.51
C TYR B 632 46.01 -21.57 -8.86
N THR B 633 47.28 -21.88 -9.11
CA THR B 633 47.78 -22.49 -10.35
C THR B 633 47.14 -23.87 -10.54
N LYS B 634 47.06 -24.65 -9.46
CA LYS B 634 46.39 -25.98 -9.44
C LYS B 634 44.89 -25.84 -9.74
N VAL B 635 44.20 -24.94 -9.04
CA VAL B 635 42.74 -24.73 -9.27
C VAL B 635 42.54 -24.41 -10.76
N LEU B 636 43.31 -23.48 -11.30
CA LEU B 636 43.10 -22.99 -12.68
C LEU B 636 43.29 -24.15 -13.65
N ASP B 637 44.39 -24.90 -13.50
CA ASP B 637 44.65 -26.10 -14.35
C ASP B 637 43.45 -27.08 -14.25
N ALA B 638 42.91 -27.26 -13.04
CA ALA B 638 41.80 -28.19 -12.72
C ALA B 638 40.50 -27.71 -13.36
N ILE B 639 40.24 -26.40 -13.34
CA ILE B 639 39.02 -25.83 -13.98
C ILE B 639 39.15 -26.00 -15.51
N GLU B 640 40.33 -25.77 -16.08
CA GLU B 640 40.51 -25.82 -17.57
C GLU B 640 40.21 -27.24 -18.05
N HIS B 641 40.55 -28.24 -17.25
CA HIS B 641 40.33 -29.67 -17.60
C HIS B 641 38.86 -30.02 -17.35
N ASN B 642 38.33 -29.64 -16.20
CA ASN B 642 36.95 -30.03 -15.77
C ASN B 642 35.91 -29.34 -16.65
N LEU B 643 36.15 -28.13 -17.12
CA LEU B 643 35.26 -27.52 -18.14
C LEU B 643 35.07 -28.53 -19.29
N ASP B 644 36.14 -29.14 -19.78
CA ASP B 644 36.06 -30.04 -20.98
C ASP B 644 35.39 -31.34 -20.56
N ASP B 645 35.81 -31.93 -19.45
CA ASP B 645 35.38 -33.26 -18.94
C ASP B 645 33.90 -33.20 -18.53
N LEU B 646 33.46 -32.15 -17.84
CA LEU B 646 32.10 -32.07 -17.24
C LEU B 646 31.07 -31.36 -18.14
N HIS B 647 31.48 -30.45 -19.03
CA HIS B 647 30.55 -29.48 -19.65
C HIS B 647 30.63 -29.44 -21.19
N TRP B 648 31.68 -29.98 -21.82
CA TRP B 648 31.79 -29.96 -23.30
C TRP B 648 30.93 -31.07 -23.89
N SER B 649 30.12 -30.75 -24.89
CA SER B 649 29.27 -31.69 -25.68
C SER B 649 29.79 -31.74 -27.12
N GLU B 650 30.50 -32.81 -27.49
CA GLU B 650 31.06 -32.92 -28.87
C GLU B 650 29.89 -32.98 -29.85
N LYS B 651 28.75 -33.56 -29.46
CA LYS B 651 27.54 -33.62 -30.35
C LYS B 651 27.09 -32.18 -30.69
N GLU B 652 26.92 -31.30 -29.70
CA GLU B 652 26.22 -29.99 -29.90
C GLU B 652 27.22 -28.88 -30.31
N GLY B 653 28.52 -29.07 -30.06
CA GLY B 653 29.55 -28.11 -30.48
C GLY B 653 29.57 -26.89 -29.55
N CYS B 654 29.39 -27.11 -28.24
CA CYS B 654 29.31 -26.03 -27.21
C CYS B 654 29.38 -26.63 -25.81
N TYR B 655 29.60 -25.76 -24.82
CA TYR B 655 29.45 -26.04 -23.36
C TYR B 655 27.98 -26.11 -22.95
N CYS B 656 27.68 -26.95 -21.96
CA CYS B 656 26.32 -27.21 -21.42
C CYS B 656 26.39 -27.34 -19.91
N ASP B 657 25.30 -27.00 -19.22
CA ASP B 657 25.11 -27.41 -17.81
C ASP B 657 24.98 -28.94 -17.80
N ALA B 658 25.09 -29.57 -16.63
CA ALA B 658 24.98 -31.03 -16.46
C ALA B 658 24.04 -31.37 -15.30
N THR B 659 23.39 -32.53 -15.37
CA THR B 659 22.58 -33.08 -14.25
C THR B 659 22.97 -34.53 -13.99
N ILE B 660 22.45 -35.05 -12.88
CA ILE B 660 22.06 -36.49 -12.73
C ILE B 660 20.61 -36.68 -13.22
N ASP B 661 20.43 -37.55 -14.22
CA ASP B 661 19.09 -37.80 -14.83
C ASP B 661 18.37 -38.91 -14.04
N GLU B 662 17.13 -39.24 -14.46
CA GLU B 662 16.21 -40.16 -13.73
C GLU B 662 16.85 -41.56 -13.56
N PHE B 663 17.70 -41.98 -14.49
CA PHE B 663 18.46 -43.27 -14.44
C PHE B 663 19.77 -43.13 -13.64
N GLU B 664 19.96 -42.04 -12.87
CA GLU B 664 21.20 -41.73 -12.08
C GLU B 664 22.46 -41.59 -12.98
N GLU B 665 22.33 -41.18 -14.26
CA GLU B 665 23.48 -40.94 -15.17
C GLU B 665 23.82 -39.43 -15.28
N HIS B 666 25.10 -39.09 -15.22
CA HIS B 666 25.63 -37.77 -15.63
C HIS B 666 25.17 -37.53 -17.08
N LYS B 667 24.50 -36.41 -17.30
CA LYS B 667 23.86 -36.07 -18.58
C LYS B 667 24.03 -34.55 -18.81
N LEU B 668 24.33 -34.20 -20.05
CA LEU B 668 24.48 -32.79 -20.48
C LEU B 668 23.12 -32.31 -20.96
N VAL B 669 22.76 -31.10 -20.53
CA VAL B 669 21.50 -30.42 -20.89
C VAL B 669 21.90 -29.19 -21.70
N CYS B 670 21.88 -29.28 -23.02
CA CYS B 670 22.34 -28.19 -23.92
C CYS B 670 21.15 -27.33 -24.31
N HIS B 671 21.27 -26.03 -24.04
CA HIS B 671 20.38 -24.96 -24.52
C HIS B 671 21.26 -23.89 -25.16
N LYS B 672 21.48 -23.98 -26.47
CA LYS B 672 22.45 -23.12 -27.19
C LYS B 672 22.07 -21.66 -26.92
N GLY B 673 22.95 -20.91 -26.27
CA GLY B 673 22.69 -19.53 -25.82
C GLY B 673 23.86 -18.93 -25.06
N TYR B 674 23.62 -17.89 -24.27
CA TYR B 674 24.69 -17.18 -23.51
C TYR B 674 25.48 -18.20 -22.70
N ILE B 675 24.80 -19.10 -21.99
CA ILE B 675 25.47 -20.08 -21.06
C ILE B 675 26.46 -20.96 -21.84
N SER B 676 26.09 -21.40 -23.04
CA SER B 676 26.90 -22.25 -23.94
C SER B 676 28.24 -21.61 -24.30
N LEU B 677 28.36 -20.29 -24.18
CA LEU B 677 29.54 -19.52 -24.62
C LEU B 677 30.43 -19.16 -23.43
N PHE B 678 30.09 -19.55 -22.21
CA PHE B 678 30.56 -18.86 -21.00
C PHE B 678 32.07 -18.97 -20.83
N PRO B 679 32.70 -20.15 -21.03
CA PRO B 679 34.16 -20.25 -20.94
C PRO B 679 34.85 -19.30 -21.94
N PHE B 680 34.24 -19.06 -23.09
CA PHE B 680 34.70 -18.02 -24.04
C PHE B 680 34.54 -16.58 -23.46
N LEU B 681 33.35 -16.20 -23.00
CA LEU B 681 33.01 -14.81 -22.59
C LEU B 681 33.87 -14.38 -21.40
N THR B 682 34.36 -15.32 -20.59
CA THR B 682 35.09 -15.03 -19.34
C THR B 682 36.59 -15.10 -19.60
N GLY B 683 36.98 -15.59 -20.79
CA GLY B 683 38.35 -15.48 -21.30
C GLY B 683 39.22 -16.64 -20.85
N LEU B 684 38.66 -17.84 -20.70
CA LEU B 684 39.37 -19.05 -20.20
C LEU B 684 39.88 -19.90 -21.37
N LEU B 685 39.54 -19.60 -22.63
CA LEU B 685 39.98 -20.44 -23.77
C LEU B 685 41.26 -19.86 -24.38
N LYS B 686 42.23 -20.73 -24.68
CA LYS B 686 43.46 -20.39 -25.42
C LYS B 686 43.06 -20.03 -26.85
N PRO B 687 43.74 -19.06 -27.51
CA PRO B 687 43.43 -18.70 -28.90
C PRO B 687 43.60 -19.83 -29.94
N ASP B 688 44.31 -20.90 -29.62
CA ASP B 688 44.51 -22.06 -30.53
C ASP B 688 43.53 -23.21 -30.20
N SER B 689 42.55 -23.02 -29.31
CA SER B 689 41.63 -24.08 -28.83
C SER B 689 40.72 -24.54 -29.96
N PRO B 690 40.62 -25.85 -30.27
CA PRO B 690 39.64 -26.30 -31.27
C PRO B 690 38.18 -26.08 -30.85
N LYS B 691 37.94 -25.88 -29.57
CA LYS B 691 36.59 -25.57 -29.03
C LYS B 691 36.25 -24.12 -29.36
N LEU B 692 37.25 -23.26 -29.44
CA LEU B 692 37.03 -21.82 -29.70
C LEU B 692 36.42 -21.64 -31.10
N GLY B 693 36.92 -22.42 -32.06
CA GLY B 693 36.41 -22.44 -33.45
C GLY B 693 34.95 -22.81 -33.54
N LYS B 694 34.51 -23.80 -32.75
CA LYS B 694 33.10 -24.31 -32.77
C LYS B 694 32.19 -23.28 -32.10
N LEU B 695 32.67 -22.59 -31.05
CA LEU B 695 31.91 -21.49 -30.39
C LEU B 695 31.78 -20.29 -31.33
N LEU B 696 32.85 -19.92 -32.01
CA LEU B 696 32.86 -18.82 -32.99
C LEU B 696 31.84 -19.11 -34.10
N ALA B 697 31.67 -20.37 -34.50
CA ALA B 697 30.76 -20.73 -35.61
C ALA B 697 29.32 -20.51 -35.16
N LEU B 698 29.03 -20.89 -33.90
CA LEU B 698 27.72 -20.71 -33.22
C LEU B 698 27.38 -19.24 -33.01
N ILE B 699 28.36 -18.43 -32.62
CA ILE B 699 28.17 -16.97 -32.41
C ILE B 699 27.77 -16.38 -33.76
N GLY B 700 28.47 -16.79 -34.83
CA GLY B 700 28.26 -16.26 -36.20
C GLY B 700 27.02 -16.80 -36.91
N ASP B 701 26.26 -17.74 -36.32
CA ASP B 701 25.18 -18.49 -37.02
C ASP B 701 23.85 -17.70 -36.92
N GLU B 702 23.40 -17.13 -38.06
CA GLU B 702 22.13 -16.34 -38.21
C GLU B 702 20.96 -17.21 -37.78
N SER B 703 21.05 -18.52 -37.97
CA SER B 703 19.96 -19.48 -37.65
C SER B 703 19.91 -19.75 -36.14
N GLU B 704 20.97 -19.41 -35.39
CA GLU B 704 21.12 -19.79 -33.96
C GLU B 704 21.13 -18.53 -33.07
N LEU B 705 22.25 -17.81 -33.02
CA LEU B 705 22.47 -16.75 -32.00
C LEU B 705 22.60 -15.36 -32.64
N TRP B 706 22.93 -15.30 -33.92
CA TRP B 706 23.35 -14.04 -34.61
C TRP B 706 22.13 -13.36 -35.21
N SER B 707 21.63 -12.34 -34.48
CA SER B 707 20.58 -11.39 -34.91
C SER B 707 21.23 -10.18 -35.57
N PRO B 708 20.48 -9.42 -36.41
CA PRO B 708 20.97 -8.14 -36.93
C PRO B 708 21.35 -7.11 -35.84
N TYR B 709 20.86 -7.35 -34.61
CA TYR B 709 20.88 -6.38 -33.49
C TYR B 709 21.82 -6.83 -32.36
N GLY B 710 22.58 -7.91 -32.55
CA GLY B 710 23.51 -8.44 -31.55
C GLY B 710 23.18 -9.89 -31.26
N LEU B 711 23.89 -10.52 -30.32
CA LEU B 711 23.71 -11.96 -30.00
C LEU B 711 22.42 -12.14 -29.17
N ARG B 712 21.51 -13.01 -29.65
CA ARG B 712 20.31 -13.52 -28.92
C ARG B 712 20.78 -14.30 -27.69
N SER B 713 20.05 -14.19 -26.57
CA SER B 713 20.44 -14.82 -25.28
C SER B 713 20.24 -16.33 -25.40
N LEU B 714 19.24 -16.73 -26.16
CA LEU B 714 18.85 -18.13 -26.43
C LEU B 714 18.61 -18.31 -27.93
N SER B 715 18.98 -19.47 -28.46
CA SER B 715 18.99 -19.78 -29.92
C SER B 715 17.55 -19.88 -30.45
N LYS B 716 17.27 -19.38 -31.65
CA LYS B 716 15.96 -19.58 -32.36
C LYS B 716 15.57 -21.08 -32.35
N LYS B 717 16.54 -21.98 -32.54
CA LYS B 717 16.33 -23.46 -32.62
C LYS B 717 16.03 -24.06 -31.25
N ASP B 718 16.40 -23.41 -30.14
CA ASP B 718 16.13 -24.01 -28.81
C ASP B 718 14.62 -24.05 -28.62
N GLU B 719 14.15 -25.07 -27.91
CA GLU B 719 12.72 -25.36 -27.70
C GLU B 719 12.11 -24.32 -26.75
N PHE B 720 12.91 -23.56 -26.01
CA PHE B 720 12.39 -22.60 -25.00
C PHE B 720 12.50 -21.16 -25.51
N TYR B 721 12.90 -21.01 -26.78
CA TYR B 721 12.99 -19.68 -27.45
C TYR B 721 11.62 -18.99 -27.36
N GLY B 722 11.56 -17.80 -26.75
CA GLY B 722 10.37 -16.92 -26.69
C GLY B 722 9.39 -17.28 -25.58
N THR B 723 9.67 -18.31 -24.78
CA THR B 723 8.71 -18.95 -23.83
C THR B 723 8.67 -18.24 -22.46
N ALA B 724 7.59 -18.45 -21.70
CA ALA B 724 7.26 -17.89 -20.34
C ALA B 724 7.55 -16.37 -20.30
N GLU B 725 8.20 -15.88 -19.23
CA GLU B 725 8.49 -14.43 -19.08
C GLU B 725 9.37 -13.98 -20.26
N ASN B 726 10.03 -14.89 -20.98
CA ASN B 726 10.90 -14.58 -22.14
C ASN B 726 11.91 -13.44 -21.84
N TYR B 727 12.60 -13.52 -20.71
CA TYR B 727 13.49 -12.45 -20.19
C TYR B 727 14.91 -12.68 -20.75
N TRP B 728 15.44 -13.90 -20.57
CA TRP B 728 16.77 -14.33 -21.10
C TRP B 728 16.56 -15.51 -22.06
N ARG B 729 15.40 -15.59 -22.72
CA ARG B 729 15.07 -16.72 -23.62
C ARG B 729 14.95 -16.27 -25.08
N SER B 730 15.62 -15.19 -25.48
CA SER B 730 15.68 -14.70 -26.89
C SER B 730 16.34 -13.32 -26.96
N PRO B 731 16.04 -12.39 -26.04
CA PRO B 731 16.43 -10.99 -26.22
C PRO B 731 17.94 -10.71 -26.16
N VAL B 732 18.34 -9.53 -26.66
CA VAL B 732 19.75 -9.07 -26.77
C VAL B 732 20.10 -8.27 -25.51
N TRP B 733 21.05 -8.76 -24.72
CA TRP B 733 21.53 -8.05 -23.53
C TRP B 733 22.92 -7.46 -23.78
N ILE B 734 23.14 -6.22 -23.37
CA ILE B 734 24.37 -5.44 -23.71
C ILE B 734 25.56 -5.93 -22.86
N ASN B 735 25.34 -6.36 -21.62
CA ASN B 735 26.45 -6.80 -20.70
C ASN B 735 27.10 -8.07 -21.29
N ILE B 736 26.31 -9.06 -21.71
CA ILE B 736 26.88 -10.30 -22.31
C ILE B 736 27.48 -9.96 -23.67
N ASN B 737 26.83 -9.10 -24.44
CA ASN B 737 27.36 -8.75 -25.78
C ASN B 737 28.71 -8.04 -25.63
N TYR B 738 28.83 -7.17 -24.62
CA TYR B 738 30.12 -6.50 -24.30
C TYR B 738 31.19 -7.57 -24.01
N LEU B 739 30.90 -8.57 -23.16
CA LEU B 739 31.90 -9.61 -22.83
C LEU B 739 32.37 -10.27 -24.14
N ALA B 740 31.43 -10.60 -25.05
CA ALA B 740 31.69 -11.27 -26.33
C ALA B 740 32.60 -10.39 -27.19
N ILE B 741 32.27 -9.09 -27.31
CA ILE B 741 33.01 -8.12 -28.14
C ILE B 741 34.47 -8.07 -27.65
N VAL B 742 34.66 -7.94 -26.35
CA VAL B 742 36.00 -7.82 -25.71
C VAL B 742 36.80 -9.09 -26.05
N GLN B 743 36.19 -10.27 -25.98
CA GLN B 743 36.94 -11.55 -26.16
C GLN B 743 37.23 -11.74 -27.66
N LEU B 744 36.29 -11.40 -28.54
CA LEU B 744 36.52 -11.40 -30.02
C LEU B 744 37.72 -10.50 -30.35
N TYR B 745 37.84 -9.33 -29.72
CA TYR B 745 38.95 -8.37 -29.96
C TYR B 745 40.28 -9.02 -29.58
N ASN B 746 40.28 -9.73 -28.45
CA ASN B 746 41.48 -10.37 -27.88
C ASN B 746 41.96 -11.45 -28.87
N ILE B 747 41.06 -12.21 -29.50
CA ILE B 747 41.47 -13.22 -30.51
C ILE B 747 41.97 -12.53 -31.81
N ALA B 748 41.36 -11.42 -32.23
CA ALA B 748 41.68 -10.72 -33.50
C ALA B 748 43.06 -10.05 -33.45
N THR B 749 43.71 -9.99 -32.29
CA THR B 749 44.93 -9.17 -32.03
C THR B 749 46.05 -10.06 -31.50
N GLN B 750 45.99 -11.36 -31.78
CA GLN B 750 47.13 -12.27 -31.52
C GLN B 750 47.09 -13.39 -32.58
N ASP B 751 48.25 -14.01 -32.77
CA ASP B 751 48.51 -15.04 -33.81
C ASP B 751 47.65 -16.24 -33.47
N GLY B 752 47.01 -16.81 -34.50
CA GLY B 752 46.27 -18.07 -34.38
C GLY B 752 45.30 -18.31 -35.53
N PRO B 753 44.78 -19.54 -35.66
CA PRO B 753 43.97 -19.90 -36.81
C PRO B 753 42.64 -19.15 -36.90
N TYR B 754 42.17 -18.54 -35.80
CA TYR B 754 40.82 -17.88 -35.72
C TYR B 754 40.96 -16.35 -35.66
N LYS B 755 42.16 -15.79 -35.89
CA LYS B 755 42.41 -14.32 -35.86
C LYS B 755 41.44 -13.62 -36.82
N GLU B 756 41.40 -14.06 -38.09
CA GLU B 756 40.55 -13.46 -39.16
C GLU B 756 39.07 -13.71 -38.82
N THR B 757 38.70 -14.87 -38.31
CA THR B 757 37.28 -15.17 -37.97
C THR B 757 36.82 -14.22 -36.85
N ALA B 758 37.69 -13.90 -35.90
CA ALA B 758 37.36 -13.03 -34.75
C ALA B 758 37.32 -11.56 -35.21
N ARG B 759 38.30 -11.07 -35.97
CA ARG B 759 38.31 -9.70 -36.56
C ARG B 759 36.95 -9.45 -37.22
N ASP B 760 36.47 -10.40 -38.00
CA ASP B 760 35.21 -10.25 -38.78
C ASP B 760 34.06 -10.09 -37.80
N LEU B 761 33.91 -11.03 -36.87
CA LEU B 761 32.77 -11.01 -35.91
C LEU B 761 32.93 -9.79 -35.00
N TYR B 762 34.15 -9.48 -34.57
CA TYR B 762 34.37 -8.29 -33.72
C TYR B 762 33.75 -7.09 -34.43
N THR B 763 34.19 -6.80 -35.66
CA THR B 763 33.81 -5.59 -36.43
C THR B 763 32.29 -5.55 -36.62
N ARG B 764 31.70 -6.68 -37.03
CA ARG B 764 30.26 -6.72 -37.33
C ARG B 764 29.46 -6.59 -36.01
N LEU B 765 29.86 -7.25 -34.92
CA LEU B 765 29.04 -7.26 -33.66
C LEU B 765 29.10 -5.87 -33.00
N ARG B 766 30.25 -5.22 -33.01
CA ARG B 766 30.39 -3.84 -32.52
C ARG B 766 29.37 -2.96 -33.24
N LYS B 767 29.38 -2.95 -34.59
CA LYS B 767 28.48 -2.12 -35.44
C LYS B 767 27.04 -2.46 -35.09
N ASN B 768 26.68 -3.74 -35.09
CA ASN B 768 25.30 -4.16 -34.73
C ASN B 768 24.90 -3.56 -33.36
N ILE B 769 25.68 -3.79 -32.29
CA ILE B 769 25.26 -3.45 -30.90
C ILE B 769 25.17 -1.92 -30.78
N VAL B 770 26.19 -1.18 -31.22
CA VAL B 770 26.20 0.29 -31.05
C VAL B 770 25.00 0.87 -31.80
N GLU B 771 24.64 0.30 -32.95
CA GLU B 771 23.55 0.83 -33.80
C GLU B 771 22.21 0.63 -33.07
N THR B 772 21.95 -0.55 -32.55
CA THR B 772 20.61 -0.83 -31.98
C THR B 772 20.43 0.05 -30.73
N VAL B 773 21.46 0.26 -29.91
CA VAL B 773 21.33 1.12 -28.70
C VAL B 773 21.22 2.58 -29.16
N TYR B 774 22.04 3.02 -30.12
CA TYR B 774 22.02 4.41 -30.67
C TYR B 774 20.67 4.72 -31.33
N ARG B 775 20.18 3.89 -32.25
CA ARG B 775 18.93 4.15 -33.03
C ARG B 775 17.78 4.32 -32.02
N ASN B 776 17.73 3.51 -30.96
CA ASN B 776 16.63 3.51 -29.97
C ASN B 776 16.72 4.76 -29.09
N TRP B 777 17.92 5.21 -28.78
CA TRP B 777 18.14 6.44 -27.99
C TRP B 777 17.71 7.66 -28.79
N GLU B 778 17.95 7.70 -30.10
CA GLU B 778 17.46 8.79 -30.98
C GLU B 778 15.93 8.78 -30.97
N GLU B 779 15.32 7.62 -31.21
CA GLU B 779 13.85 7.49 -31.37
C GLU B 779 13.14 7.72 -30.03
N THR B 780 13.70 7.29 -28.88
CA THR B 780 12.97 7.18 -27.57
C THR B 780 13.56 8.08 -26.48
N GLY B 781 14.85 8.45 -26.58
CA GLY B 781 15.58 9.17 -25.50
C GLY B 781 16.11 8.26 -24.39
N PHE B 782 15.77 6.96 -24.41
CA PHE B 782 16.12 5.97 -23.36
C PHE B 782 17.22 4.98 -23.80
N ALA B 783 18.02 4.58 -22.82
CA ALA B 783 18.71 3.29 -22.73
C ALA B 783 17.73 2.22 -22.24
N TRP B 784 17.74 1.05 -22.87
CA TRP B 784 16.78 -0.02 -22.53
C TRP B 784 17.49 -1.19 -21.83
N GLU B 785 16.77 -1.86 -20.94
CA GLU B 785 17.23 -3.04 -20.19
C GLU B 785 17.64 -4.13 -21.19
N GLN B 786 16.86 -4.37 -22.25
CA GLN B 786 17.20 -5.34 -23.33
C GLN B 786 16.62 -4.89 -24.67
N TYR B 787 16.99 -5.58 -25.75
CA TYR B 787 16.62 -5.22 -27.14
C TYR B 787 16.03 -6.46 -27.81
N ASN B 788 14.93 -6.25 -28.53
CA ASN B 788 14.21 -7.28 -29.30
C ASN B 788 15.12 -7.81 -30.41
N PRO B 789 15.29 -9.15 -30.52
CA PRO B 789 16.14 -9.74 -31.57
C PRO B 789 15.57 -9.71 -33.00
N GLU B 790 14.25 -9.54 -33.16
CA GLU B 790 13.53 -9.50 -34.49
C GLU B 790 13.39 -8.07 -35.04
N THR B 791 13.03 -7.10 -34.19
CA THR B 791 12.76 -5.68 -34.60
C THR B 791 13.93 -4.77 -34.21
N GLY B 792 14.59 -5.05 -33.09
CA GLY B 792 15.66 -4.20 -32.53
C GLY B 792 15.12 -3.16 -31.57
N LYS B 793 13.87 -3.27 -31.14
CA LYS B 793 13.19 -2.26 -30.29
C LYS B 793 13.66 -2.44 -28.84
N GLY B 794 14.08 -1.34 -28.20
CA GLY B 794 14.14 -1.22 -26.73
C GLY B 794 12.91 -1.82 -26.09
N GLN B 795 13.09 -2.67 -25.08
CA GLN B 795 12.06 -3.58 -24.48
C GLN B 795 12.29 -3.70 -22.97
N ARG B 796 11.32 -4.19 -22.20
CA ARG B 796 11.38 -4.15 -20.71
C ARG B 796 11.72 -2.73 -20.24
N THR B 797 12.48 -2.52 -19.15
CA THR B 797 12.48 -1.19 -18.47
C THR B 797 13.33 -0.14 -19.21
N GLN B 798 12.95 1.12 -19.04
CA GLN B 798 13.64 2.33 -19.57
C GLN B 798 14.62 2.85 -18.51
N HIS B 799 15.49 3.79 -18.88
CA HIS B 799 16.48 4.44 -17.97
C HIS B 799 17.48 3.41 -17.39
N PHE B 800 17.91 2.42 -18.19
CA PHE B 800 18.78 1.31 -17.71
C PHE B 800 20.25 1.69 -17.91
N THR B 801 20.77 2.53 -17.02
CA THR B 801 22.16 2.98 -17.03
C THR B 801 22.75 2.79 -15.64
N GLY B 802 23.03 1.53 -15.26
CA GLY B 802 22.68 0.34 -16.02
C GLY B 802 23.81 -0.06 -16.95
N TRP B 803 24.01 -1.36 -17.15
CA TRP B 803 25.13 -1.83 -17.99
C TRP B 803 24.91 -1.57 -19.48
N THR B 804 23.75 -1.07 -19.89
CA THR B 804 23.56 -0.66 -21.32
C THR B 804 24.54 0.47 -21.67
N SER B 805 25.00 1.23 -20.68
CA SER B 805 26.02 2.29 -20.84
C SER B 805 27.39 1.73 -21.24
N LEU B 806 27.58 0.41 -21.26
CA LEU B 806 28.85 -0.22 -21.73
C LEU B 806 29.12 0.16 -23.21
N VAL B 807 28.07 0.45 -23.96
CA VAL B 807 28.19 0.96 -25.35
C VAL B 807 29.27 2.05 -25.45
N VAL B 808 29.42 2.91 -24.44
CA VAL B 808 30.48 3.96 -24.51
C VAL B 808 31.87 3.30 -24.68
N LYS B 809 32.16 2.22 -23.96
CA LYS B 809 33.46 1.49 -24.10
C LYS B 809 33.44 0.70 -25.42
N ILE B 810 32.28 0.24 -25.86
CA ILE B 810 32.21 -0.49 -27.16
C ILE B 810 32.63 0.47 -28.30
N MET B 811 32.38 1.77 -28.15
CA MET B 811 32.67 2.79 -29.19
C MET B 811 34.14 3.20 -29.13
N SER B 812 34.75 3.15 -27.95
CA SER B 812 36.12 3.67 -27.69
C SER B 812 37.24 2.71 -28.12
N GLY B 813 36.96 1.41 -28.32
CA GLY B 813 37.96 0.34 -28.59
C GLY B 813 38.77 -0.05 -27.35
N HIS B 814 39.59 -1.13 -27.43
CA HIS B 814 40.20 -1.78 -26.22
C HIS B 814 41.73 -1.66 -26.30
C1 GOL C . -45.55 19.96 1.32
O1 GOL C . -46.92 19.59 1.38
C2 GOL C . -45.23 21.16 2.18
O2 GOL C . -43.86 21.07 2.59
C3 GOL C . -45.51 22.50 1.51
O3 GOL C . -44.47 23.46 1.70
N1 WQZ D . -16.88 -4.80 18.51
N3 WQZ D . -16.41 -1.66 27.64
C4 WQZ D . -16.04 -5.51 19.48
C5 WQZ D . -16.40 -5.13 17.15
C6 WQZ D . -17.34 -4.55 16.08
C7 WQZ D . -17.06 -3.59 18.81
C8 WQZ D . -15.72 -2.73 18.88
C10 WQZ D . -13.66 -1.85 19.98
C13 WQZ D . -14.61 -2.35 24.45
C15 WQZ D . -15.92 -2.50 26.58
C17 WQZ D . -15.68 0.20 23.75
C20 WQZ D . -17.38 3.80 22.03
C21 WQZ D . -17.71 3.42 23.49
C22 WQZ D . -14.76 -0.44 22.90
C24 WQZ D . -14.06 -1.33 17.73
C1 WQZ D . -16.35 -6.66 16.92
C11 WQZ D . -12.73 -1.73 21.18
C12 WQZ D . -14.24 -1.71 23.25
C14 WQZ D . -15.53 -1.72 25.31
C16 WQZ D . -16.08 -0.44 24.96
C18 WQZ D . -16.17 1.62 23.34
C19 WQZ D . -15.53 2.16 22.03
C2 WQZ D . -15.57 -7.36 17.93
C23 WQZ D . -13.22 -1.21 18.83
C25 WQZ D . -15.27 -2.07 17.74
C3 WQZ D . -16.16 -7.03 19.21
C9 WQZ D . -14.87 -2.60 20.02
N2 WQZ D . -13.27 -2.38 22.37
O1 WQZ D . -15.99 -7.07 15.61
O2 WQZ D . -15.71 -8.82 17.84
O3 WQZ D . -15.48 -7.78 20.19
O4 WQZ D . -18.68 -4.90 16.41
O5 WQZ D . -16.12 3.35 21.50
O6 WQZ D . -17.47 2.05 23.71
S SO4 E . -9.45 11.19 2.47
O1 SO4 E . -9.24 9.85 2.94
O2 SO4 E . -10.79 11.67 2.77
O3 SO4 E . -8.53 12.06 3.11
O4 SO4 E . -9.27 11.17 1.04
S SO4 F . -40.06 33.38 -3.13
O1 SO4 F . -39.80 31.99 -2.72
O2 SO4 F . -41.41 33.48 -3.62
O3 SO4 F . -39.14 33.73 -4.20
O4 SO4 F . -39.90 34.31 -2.03
S SO4 G . -7.68 -2.64 2.47
O1 SO4 G . -8.46 -3.84 2.53
O2 SO4 G . -7.83 -1.88 3.69
O3 SO4 G . -6.30 -3.00 2.27
O4 SO4 G . -8.13 -1.83 1.36
S SO4 H . -30.35 -20.75 7.33
O1 SO4 H . -29.94 -22.14 7.30
O2 SO4 H . -31.77 -20.67 7.13
O3 SO4 H . -29.98 -20.16 8.61
O4 SO4 H . -29.70 -20.04 6.27
S SO4 I . -17.50 16.18 -12.17
O1 SO4 I . -18.67 16.70 -12.82
O2 SO4 I . -17.56 14.75 -12.20
O3 SO4 I . -17.43 16.65 -10.81
O4 SO4 I . -16.31 16.63 -12.86
C1 NAG J . 34.90 9.92 5.75
C2 NAG J . 34.20 8.57 6.06
C3 NAG J . 33.48 8.60 7.42
C4 NAG J . 34.26 9.26 8.58
C5 NAG J . 34.62 10.67 8.05
C6 NAG J . 35.19 11.70 9.05
C7 NAG J . 33.18 7.32 4.15
C8 NAG J . 31.84 7.02 3.51
N2 NAG J . 33.14 8.26 5.10
O3 NAG J . 33.15 7.25 7.66
O4 NAG J . 33.48 9.20 9.79
O5 NAG J . 35.52 10.48 6.94
O6 NAG J . 36.42 11.26 9.65
O7 NAG J . 34.21 6.72 3.86
C1 GOL K . 26.12 -7.63 2.86
O1 GOL K . 25.83 -8.50 1.78
C2 GOL K . 25.36 -8.06 4.08
O2 GOL K . 26.31 -8.39 5.11
C3 GOL K . 24.31 -7.02 4.47
O3 GOL K . 23.50 -6.60 3.35
C1 BTB L . 5.95 19.74 15.55
O1 BTB L . 6.31 20.47 14.39
C2 BTB L . 4.44 19.45 15.65
C3 BTB L . 4.19 18.74 17.01
O3 BTB L . 3.02 17.94 17.02
C4 BTB L . 3.72 20.82 15.69
O4 BTB L . 2.60 20.93 14.82
N BTB L . 3.98 18.44 14.54
C5 BTB L . 4.60 17.07 14.68
C6 BTB L . 3.95 15.97 13.89
O6 BTB L . 2.55 16.05 13.93
C7 BTB L . 4.10 18.92 13.12
C8 BTB L . 2.80 18.98 12.33
O8 BTB L . 1.78 18.16 12.89
N1 WQZ M . 17.63 -7.07 -13.24
N3 WQZ M . 10.15 -10.55 -16.77
C4 WQZ M . 17.23 -8.41 -13.67
C5 WQZ M . 18.73 -7.13 -12.27
C6 WQZ M . 19.24 -5.78 -11.73
C7 WQZ M . 16.63 -6.29 -12.98
C8 WQZ M . 15.76 -6.72 -11.74
C10 WQZ M . 14.01 -8.12 -10.72
C13 WQZ M . 11.13 -9.52 -14.18
C15 WQZ M . 9.40 -9.51 -16.08
C17 WQZ M . 10.26 -6.95 -13.42
C20 WQZ M . 9.06 -2.96 -12.28
C21 WQZ M . 9.76 -3.89 -11.26
C22 WQZ M . 11.28 -7.61 -12.71
C24 WQZ M . 15.30 -6.60 -9.34
C1 WQZ M . 19.93 -7.96 -12.81
C11 WQZ M . 12.93 -9.21 -10.88
C12 WQZ M . 11.73 -8.90 -13.08
C14 WQZ M . 10.10 -8.86 -14.89
C16 WQZ M . 9.66 -7.57 -14.50
C18 WQZ M . 9.77 -5.55 -12.97
C19 WQZ M . 9.44 -4.56 -14.09
C2 WQZ M . 19.51 -9.28 -13.26
C23 WQZ M . 14.26 -7.58 -9.46
C25 WQZ M . 16.04 -6.20 -10.46
C3 WQZ M . 18.46 -9.14 -14.28
C9 WQZ M . 14.75 -7.71 -11.85
N2 WQZ M . 12.78 -9.55 -12.29
O1 WQZ M . 20.88 -8.17 -11.74
O2 WQZ M . 20.75 -9.88 -13.84
O3 WQZ M . 18.08 -10.42 -14.86
O4 WQZ M . 19.64 -5.02 -12.87
O5 WQZ M . 8.69 -3.48 -13.56
O6 WQZ M . 10.46 -4.96 -11.87
S SO4 N . 16.15 1.38 8.72
O1 SO4 N . 16.85 0.39 7.97
O2 SO4 N . 14.94 0.74 9.15
O3 SO4 N . 16.93 1.83 9.84
O4 SO4 N . 15.83 2.53 7.91
S SO4 O . 12.00 39.41 3.50
O1 SO4 O . 12.53 39.21 4.84
O2 SO4 O . 10.57 39.35 3.55
O3 SO4 O . 12.49 38.39 2.57
O4 SO4 O . 12.39 40.72 3.03
S SO4 P . 25.59 -8.58 -40.40
O1 SO4 P . 26.05 -9.88 -40.82
O2 SO4 P . 24.54 -8.72 -39.44
O3 SO4 P . 26.69 -7.82 -39.85
O4 SO4 P . 25.07 -7.90 -41.57
S SO4 Q . 9.36 -21.01 -9.97
O1 SO4 Q . 9.23 -22.32 -9.37
O2 SO4 Q . 8.40 -20.86 -11.03
O3 SO4 Q . 10.68 -20.86 -10.53
O4 SO4 Q . 9.14 -20.01 -8.94
#